data_2XKK
#
_entry.id   2XKK
#
_cell.length_a   199.775
_cell.length_b   95.566
_cell.length_c   118.092
_cell.angle_alpha   90.00
_cell.angle_beta   108.27
_cell.angle_gamma   90.00
#
_symmetry.space_group_name_H-M   'C 1 2 1'
#
loop_
_entity.id
_entity.type
_entity.pdbx_description
1 polymer 'TOPOISOMERASE IV'
2 polymer DNA
3 polymer DNA
4 non-polymer 'MAGNESIUM ION'
5 non-polymer '1-cyclopropyl-6-fluoro-8-methoxy-7-[(4aS,7aS)-octahydro-6H-pyrrolo[3,4-b]pyridin-6-yl]-4-oxo-1,4-dihydroquinoline-3-carboxylic acid'
6 water water
#
loop_
_entity_poly.entity_id
_entity_poly.type
_entity_poly.pdbx_seq_one_letter_code
_entity_poly.pdbx_strand_id
1 'polypeptide(L)'
;MEMAISKAGRRLKAAKKVERKKIVSGPALPGKLADCVGQTREESELFIVEGDSAGGSAKQARDKNFQAIMPIRGKILNTW
EVSSDEVLASQEVHDIAIAIGVDPGSDDLSELRYGKICILADADSDGLHIATLLCALFVKHFPALVEEGHLYVAMPPLFR
IDIGKDVHYALDDEELETILKNVKGNKNPQITRFKGLGEMNAIQLRETTMDPNTRRLVQLDLDDAHLTAGLLDKLLAKKR
AADRKQWLEQKGNLADITVEDKLTMTSLAHHATENRSVAEFTEQAYLNYAMYVIMDRALPHISDGLKPVQRRIVYAMSEL
GLKSSGKPKKSARTVGDVLGKYHPHGDSACYEAMVLMAQPFSYRYPLIEGQGNWGSPDDPKSFAAMR(PTR)TEAKLSAY
SELLLSELGQGTSEWQDNFDGSLKEPITLPARVPNILLNGTTGIAVGMATDIPPHNLREVVKGTIALIRNPQTSDEKLAE
YIPAPDLPTKAEIITPPEELLKIQTTGRGSYRMRAVYTIEKNEIVITELPYQVSGSKVITQIADQMQAKKLPLVVDVRDE
SDHENPTRLVIVLRSNRIDAEAVMSHLFATTDLESSYRVNLNMIGEDGRPQVKSIRRILLEWIEIRKKTVTRRLQYHLNR
IEKRLHILAGLLIAYLDIDTVIRIIREEDQPKPVLMEHFNIDEIQAEAILELKLRHLAKLEEMEIRHEQDELSAKAAIIR
EQLENPESLKNLIISELKEDAKKFGDERRSPIVARAEAVQIKEQDLMPAET
;
A,C
2 'polydeoxyribonucleotide'
;(DA)(DC)(DC)(DA)(DA)(DG)(DG)(DT)(DC)(DA)(DT)(DG)(DA)(DA)(DT)(DG)(DA)(DC)(DT)(DA)
(DT)(DG)(DC)(DA)(DC)(DG)(DT)(DA)(DA)(DA)(DA)(DC)(DA)(DG)
;
E
3 'polydeoxyribonucleotide'
;(DC)(DT)(DG)(DT)(DT)(DT)(DT)(DA)(DC)(DG)(DT)(DG)(DC)(DA)(DT)(DA)(DG)(DT)(DC)(DA)
(DT)(DT)(DC)(DA)(DT)(DG)(DA)(DC)(DC)(DT)(DT)(DG)(DG)(DT)
;
F
#
# COMPACT_ATOMS: atom_id res chain seq x y z
N ALA A 28 16.93 -28.53 -18.32
CA ALA A 28 15.76 -29.37 -18.08
C ALA A 28 14.57 -28.65 -17.39
N LEU A 29 14.79 -27.41 -16.96
CA LEU A 29 13.75 -26.56 -16.33
C LEU A 29 13.35 -26.85 -14.87
N PRO A 30 14.12 -27.68 -14.14
CA PRO A 30 13.70 -28.12 -12.80
C PRO A 30 13.27 -26.99 -11.86
N GLY A 31 12.32 -27.30 -11.00
CA GLY A 31 11.73 -26.32 -10.12
C GLY A 31 10.67 -25.54 -10.87
N LYS A 32 11.09 -24.78 -11.87
CA LYS A 32 10.21 -23.86 -12.57
C LYS A 32 9.05 -24.54 -13.31
N LEU A 33 9.21 -25.84 -13.57
CA LEU A 33 8.26 -26.56 -14.41
C LEU A 33 7.25 -27.38 -13.63
N THR A 40 -1.16 -39.96 -23.06
CA THR A 40 0.13 -40.34 -23.64
C THR A 40 1.07 -39.12 -23.73
N ARG A 41 1.36 -38.70 -24.96
CA ARG A 41 2.07 -37.45 -25.19
C ARG A 41 1.11 -36.48 -25.88
N GLU A 42 0.11 -37.02 -26.59
CA GLU A 42 -0.93 -36.21 -27.21
C GLU A 42 -2.07 -35.93 -26.22
N GLU A 43 -2.11 -36.74 -25.16
CA GLU A 43 -3.03 -36.46 -24.06
C GLU A 43 -2.48 -35.31 -23.21
N SER A 44 -1.20 -35.01 -23.38
CA SER A 44 -0.52 -34.00 -22.57
C SER A 44 -0.77 -32.56 -23.07
N GLU A 45 -0.72 -31.61 -22.14
CA GLU A 45 -0.88 -30.19 -22.48
C GLU A 45 -0.09 -29.30 -21.54
N LEU A 46 0.84 -28.52 -22.11
CA LEU A 46 1.57 -27.51 -21.35
C LEU A 46 0.73 -26.27 -21.18
N PHE A 47 0.63 -25.78 -19.96
CA PHE A 47 -0.03 -24.52 -19.74
C PHE A 47 0.94 -23.40 -19.42
N ILE A 48 1.07 -22.49 -20.38
CA ILE A 48 1.87 -21.30 -20.27
C ILE A 48 0.98 -20.15 -19.75
N VAL A 49 1.15 -19.79 -18.48
CA VAL A 49 0.35 -18.72 -17.86
C VAL A 49 1.18 -17.48 -17.59
N GLU A 50 0.52 -16.33 -17.60
CA GLU A 50 1.21 -15.07 -17.44
C GLU A 50 1.48 -14.69 -15.99
N GLY A 51 2.67 -15.02 -15.49
CA GLY A 51 3.14 -14.44 -14.24
C GLY A 51 3.00 -15.35 -13.05
N ASP A 52 3.85 -15.17 -12.06
CA ASP A 52 3.89 -16.07 -10.89
C ASP A 52 2.59 -16.22 -10.10
N SER A 53 1.63 -15.33 -10.31
CA SER A 53 0.33 -15.42 -9.65
C SER A 53 -0.39 -16.61 -10.23
N ALA A 54 -0.81 -16.47 -11.47
CA ALA A 54 -1.46 -17.54 -12.20
C ALA A 54 -0.57 -18.78 -12.25
N GLY A 55 0.72 -18.59 -12.01
CA GLY A 55 1.62 -19.73 -11.87
C GLY A 55 1.09 -20.62 -10.76
N GLY A 56 1.20 -20.14 -9.53
CA GLY A 56 0.66 -20.87 -8.39
C GLY A 56 -0.76 -21.38 -8.57
N SER A 57 -1.64 -20.53 -9.10
CA SER A 57 -3.06 -20.87 -9.20
C SER A 57 -3.28 -22.05 -10.15
N ALA A 58 -2.87 -21.89 -11.40
CA ALA A 58 -3.04 -22.93 -12.40
C ALA A 58 -2.38 -24.24 -11.96
N LYS A 59 -1.12 -24.16 -11.52
CA LYS A 59 -0.40 -25.32 -11.03
C LYS A 59 -1.29 -26.07 -10.03
N GLN A 60 -2.12 -25.32 -9.33
CA GLN A 60 -3.13 -25.91 -8.47
C GLN A 60 -4.29 -26.42 -9.33
N ALA A 61 -4.94 -25.52 -10.03
CA ALA A 61 -6.08 -25.84 -10.87
C ALA A 61 -5.90 -27.08 -11.77
N ARG A 62 -4.70 -27.28 -12.28
CA ARG A 62 -4.46 -28.33 -13.28
C ARG A 62 -4.89 -29.73 -12.80
N ASP A 63 -5.13 -30.61 -13.77
CA ASP A 63 -5.22 -32.04 -13.52
C ASP A 63 -3.81 -32.64 -13.65
N LYS A 64 -3.22 -32.97 -12.51
CA LYS A 64 -1.83 -33.42 -12.46
C LYS A 64 -1.48 -34.50 -13.51
N ASN A 65 -2.41 -35.40 -13.79
CA ASN A 65 -2.15 -36.51 -14.71
C ASN A 65 -1.60 -36.08 -16.05
N PHE A 66 -2.24 -35.10 -16.68
CA PHE A 66 -1.87 -34.74 -18.05
C PHE A 66 -1.77 -33.24 -18.31
N GLN A 67 -1.67 -32.44 -17.25
CA GLN A 67 -1.62 -30.98 -17.44
C GLN A 67 -0.47 -30.28 -16.70
N ALA A 68 0.61 -30.02 -17.42
CA ALA A 68 1.78 -29.33 -16.88
C ALA A 68 1.65 -27.80 -16.98
N ILE A 69 2.27 -27.08 -16.04
CA ILE A 69 2.09 -25.63 -15.92
C ILE A 69 3.39 -24.86 -16.05
N MET A 70 3.34 -23.67 -16.65
CA MET A 70 4.50 -22.78 -16.67
C MET A 70 4.20 -21.27 -16.67
N PRO A 71 4.75 -20.55 -15.68
CA PRO A 71 4.70 -19.10 -15.67
C PRO A 71 5.59 -18.48 -16.75
N ILE A 72 5.01 -17.62 -17.57
CA ILE A 72 5.78 -16.69 -18.39
C ILE A 72 5.88 -15.39 -17.61
N ARG A 73 7.10 -15.01 -17.24
CA ARG A 73 7.28 -13.90 -16.31
C ARG A 73 7.67 -12.57 -16.94
N GLY A 74 6.72 -11.65 -16.94
CA GLY A 74 6.93 -10.36 -17.53
C GLY A 74 6.62 -10.46 -19.01
N LYS A 75 6.89 -9.38 -19.72
CA LYS A 75 6.70 -9.41 -21.14
C LYS A 75 7.97 -9.99 -21.73
N ILE A 76 7.81 -10.97 -22.61
CA ILE A 76 8.94 -11.64 -23.27
C ILE A 76 9.39 -10.79 -24.42
N LEU A 77 10.61 -11.04 -24.88
CA LEU A 77 11.17 -10.24 -25.95
C LEU A 77 10.38 -10.37 -27.26
N ASN A 78 10.35 -9.27 -28.01
CA ASN A 78 9.79 -9.28 -29.35
C ASN A 78 10.73 -10.08 -30.24
N THR A 79 10.31 -11.29 -30.61
CA THR A 79 11.22 -12.21 -31.30
C THR A 79 11.16 -12.09 -32.81
N TRP A 80 10.21 -11.32 -33.30
CA TRP A 80 9.90 -11.22 -34.72
C TRP A 80 11.09 -10.90 -35.64
N GLU A 81 12.12 -10.24 -35.11
CA GLU A 81 13.30 -9.87 -35.89
C GLU A 81 14.59 -10.37 -35.20
N VAL A 82 14.44 -11.34 -34.31
CA VAL A 82 15.59 -11.89 -33.63
C VAL A 82 15.92 -13.26 -34.18
N SER A 83 17.21 -13.53 -34.37
CA SER A 83 17.69 -14.78 -34.94
C SER A 83 17.44 -15.95 -33.98
N SER A 84 17.01 -17.08 -34.54
CA SER A 84 16.75 -18.29 -33.76
C SER A 84 17.86 -18.54 -32.75
N ASP A 85 19.09 -18.22 -33.16
CA ASP A 85 20.27 -18.40 -32.33
C ASP A 85 20.35 -17.38 -31.20
N GLU A 86 20.03 -16.12 -31.51
CA GLU A 86 19.95 -15.10 -30.48
C GLU A 86 18.77 -15.41 -29.56
N VAL A 87 17.61 -15.69 -30.15
CA VAL A 87 16.37 -15.96 -29.41
C VAL A 87 16.52 -16.84 -28.16
N LEU A 88 17.42 -17.81 -28.19
CA LEU A 88 17.60 -18.70 -27.04
C LEU A 88 18.45 -18.06 -25.94
N ALA A 89 19.12 -16.95 -26.27
CA ALA A 89 19.93 -16.22 -25.30
C ALA A 89 19.08 -15.59 -24.20
N SER A 90 17.90 -15.08 -24.60
CA SER A 90 16.89 -14.59 -23.66
C SER A 90 16.27 -15.76 -22.89
N GLN A 91 16.64 -15.87 -21.61
CA GLN A 91 16.30 -17.02 -20.78
C GLN A 91 14.83 -17.44 -20.76
N GLU A 92 13.91 -16.50 -20.54
CA GLU A 92 12.50 -16.86 -20.50
C GLU A 92 12.03 -17.44 -21.85
N VAL A 93 12.68 -17.03 -22.93
CA VAL A 93 12.38 -17.60 -24.23
C VAL A 93 12.97 -19.00 -24.27
N HIS A 94 14.27 -19.08 -24.00
CA HIS A 94 15.01 -20.33 -23.93
C HIS A 94 14.19 -21.44 -23.26
N ASP A 95 13.57 -21.10 -22.13
CA ASP A 95 12.85 -22.06 -21.29
C ASP A 95 11.63 -22.68 -21.94
N ILE A 96 10.93 -21.92 -22.79
CA ILE A 96 9.76 -22.44 -23.47
C ILE A 96 10.20 -23.58 -24.41
N ALA A 97 11.26 -23.31 -25.18
CA ALA A 97 11.80 -24.29 -26.11
C ALA A 97 12.17 -25.57 -25.36
N ILE A 98 12.98 -25.41 -24.32
CA ILE A 98 13.38 -26.51 -23.44
C ILE A 98 12.18 -27.26 -22.84
N ALA A 99 11.00 -26.63 -22.90
CA ALA A 99 9.80 -27.21 -22.30
C ALA A 99 8.98 -28.00 -23.30
N ILE A 100 8.63 -27.35 -24.41
CA ILE A 100 7.96 -28.01 -25.52
C ILE A 100 8.88 -29.03 -26.19
N GLY A 101 10.16 -29.01 -25.81
CA GLY A 101 11.16 -29.87 -26.40
C GLY A 101 11.26 -29.70 -27.91
N VAL A 102 11.46 -28.46 -28.35
CA VAL A 102 11.65 -28.15 -29.77
C VAL A 102 12.77 -27.12 -29.93
N ASP A 103 12.99 -26.65 -31.16
CA ASP A 103 14.07 -25.68 -31.41
C ASP A 103 13.63 -24.59 -32.38
N PRO A 104 14.10 -23.36 -32.13
CA PRO A 104 13.77 -22.16 -32.94
C PRO A 104 14.29 -22.30 -34.36
N GLY A 105 13.42 -22.12 -35.34
CA GLY A 105 13.78 -22.38 -36.72
C GLY A 105 14.24 -23.82 -36.88
N SER A 106 13.43 -24.75 -36.37
CA SER A 106 13.71 -26.17 -36.49
C SER A 106 12.43 -26.94 -36.76
N ASP A 107 12.36 -27.56 -37.93
CA ASP A 107 11.23 -28.39 -38.30
C ASP A 107 11.13 -29.64 -37.41
N ASP A 108 12.13 -29.85 -36.55
CA ASP A 108 12.23 -31.08 -35.77
C ASP A 108 11.30 -31.11 -34.56
N LEU A 109 10.02 -31.37 -34.85
CA LEU A 109 8.99 -31.51 -33.83
C LEU A 109 9.06 -32.88 -33.17
N SER A 110 10.01 -33.72 -33.60
CA SER A 110 10.08 -35.09 -33.16
C SER A 110 10.19 -35.26 -31.63
N GLU A 111 10.87 -34.34 -30.96
CA GLU A 111 11.01 -34.44 -29.51
C GLU A 111 9.96 -33.63 -28.76
N LEU A 112 8.97 -33.14 -29.48
CA LEU A 112 7.90 -32.32 -28.91
C LEU A 112 7.38 -32.93 -27.61
N ARG A 113 7.39 -32.14 -26.54
CA ARG A 113 7.08 -32.66 -25.20
C ARG A 113 5.58 -32.70 -24.89
N TYR A 114 4.80 -31.90 -25.60
CA TYR A 114 3.38 -31.73 -25.28
C TYR A 114 2.46 -31.81 -26.50
N GLY A 115 1.25 -32.28 -26.26
CA GLY A 115 0.24 -32.35 -27.30
C GLY A 115 -0.35 -30.99 -27.61
N LYS A 116 -0.86 -30.32 -26.58
CA LYS A 116 -1.44 -28.98 -26.74
C LYS A 116 -0.71 -27.91 -25.89
N ILE A 117 -0.24 -26.85 -26.55
CA ILE A 117 0.39 -25.72 -25.86
C ILE A 117 -0.56 -24.53 -25.75
N CYS A 118 -0.83 -24.09 -24.53
CA CYS A 118 -1.86 -23.08 -24.30
C CYS A 118 -1.34 -21.77 -23.73
N ILE A 119 -1.68 -20.68 -24.40
CA ILE A 119 -1.37 -19.33 -23.91
C ILE A 119 -2.43 -18.87 -22.92
N LEU A 120 -2.08 -18.87 -21.63
CA LEU A 120 -3.02 -18.52 -20.58
C LEU A 120 -2.74 -17.12 -20.06
N ALA A 121 -3.41 -16.13 -20.64
CA ALA A 121 -3.12 -14.73 -20.36
C ALA A 121 -4.19 -14.02 -19.53
N ASP A 122 -3.93 -12.75 -19.20
CA ASP A 122 -4.90 -11.96 -18.49
C ASP A 122 -6.09 -11.71 -19.39
N ALA A 123 -7.18 -11.24 -18.78
CA ALA A 123 -8.35 -10.82 -19.52
C ALA A 123 -8.16 -9.40 -20.06
N ASP A 124 -7.20 -8.67 -19.51
CA ASP A 124 -6.97 -7.27 -19.90
C ASP A 124 -6.09 -7.15 -21.14
N SER A 125 -5.72 -5.92 -21.47
CA SER A 125 -4.90 -5.65 -22.65
C SER A 125 -3.49 -6.22 -22.53
N ASP A 126 -2.77 -5.80 -21.50
CA ASP A 126 -1.45 -6.36 -21.24
C ASP A 126 -1.48 -7.89 -21.29
N GLY A 127 -2.66 -8.45 -21.04
CA GLY A 127 -2.86 -9.88 -21.10
C GLY A 127 -2.71 -10.40 -22.51
N LEU A 128 -3.38 -9.75 -23.45
CA LEU A 128 -3.40 -10.22 -24.83
C LEU A 128 -2.13 -9.82 -25.56
N HIS A 129 -1.51 -8.73 -25.08
CA HIS A 129 -0.25 -8.26 -25.62
C HIS A 129 0.81 -9.32 -25.46
N ILE A 130 1.01 -9.77 -24.22
CA ILE A 130 1.97 -10.84 -23.99
C ILE A 130 1.63 -12.01 -24.90
N ALA A 131 0.34 -12.34 -25.02
CA ALA A 131 -0.06 -13.43 -25.90
C ALA A 131 0.41 -13.15 -27.32
N THR A 132 0.13 -11.95 -27.82
CA THR A 132 0.65 -11.53 -29.12
C THR A 132 2.17 -11.71 -29.21
N LEU A 133 2.89 -11.16 -28.24
CA LEU A 133 4.33 -11.36 -28.17
C LEU A 133 4.68 -12.85 -28.19
N LEU A 134 3.76 -13.68 -27.72
CA LEU A 134 3.98 -15.12 -27.68
C LEU A 134 3.75 -15.80 -29.03
N CYS A 135 2.62 -15.51 -29.67
CA CYS A 135 2.36 -16.04 -31.00
C CYS A 135 3.57 -15.75 -31.86
N ALA A 136 4.09 -14.53 -31.74
CA ALA A 136 5.27 -14.11 -32.48
C ALA A 136 6.45 -15.06 -32.31
N LEU A 137 6.75 -15.42 -31.07
CA LEU A 137 7.80 -16.39 -30.80
C LEU A 137 7.48 -17.68 -31.52
N PHE A 138 6.20 -17.99 -31.68
CA PHE A 138 5.81 -19.21 -32.40
C PHE A 138 5.82 -19.08 -33.93
N VAL A 139 4.84 -18.37 -34.48
CA VAL A 139 4.75 -18.16 -35.92
C VAL A 139 6.13 -18.07 -36.59
N LYS A 140 7.03 -17.28 -35.99
CA LYS A 140 8.35 -17.06 -36.56
C LYS A 140 9.33 -18.17 -36.29
N HIS A 141 9.47 -18.55 -35.03
CA HIS A 141 10.53 -19.49 -34.66
C HIS A 141 10.07 -20.92 -34.53
N PHE A 142 8.75 -21.13 -34.50
CA PHE A 142 8.24 -22.47 -34.41
C PHE A 142 6.93 -22.57 -35.21
N PRO A 143 6.99 -22.28 -36.51
CA PRO A 143 5.79 -22.27 -37.39
C PRO A 143 5.17 -23.65 -37.38
N ALA A 144 6.04 -24.65 -37.53
CA ALA A 144 5.69 -26.06 -37.43
C ALA A 144 4.58 -26.31 -36.39
N LEU A 145 4.68 -25.63 -35.24
CA LEU A 145 3.77 -25.85 -34.12
C LEU A 145 2.32 -25.50 -34.42
N VAL A 146 2.03 -24.23 -34.71
CA VAL A 146 0.69 -23.82 -35.07
C VAL A 146 0.27 -24.37 -36.44
N GLU A 147 1.26 -24.71 -37.27
CA GLU A 147 1.05 -25.36 -38.56
C GLU A 147 0.26 -26.65 -38.36
N GLU A 148 0.88 -27.61 -37.69
CA GLU A 148 0.22 -28.85 -37.32
C GLU A 148 -0.92 -28.58 -36.32
N GLY A 149 -0.94 -27.36 -35.78
CA GLY A 149 -2.00 -26.95 -34.87
C GLY A 149 -1.79 -27.45 -33.46
N HIS A 150 -0.72 -26.97 -32.84
CA HIS A 150 -0.42 -27.31 -31.46
C HIS A 150 -0.59 -26.10 -30.53
N LEU A 151 -0.92 -24.95 -31.11
CA LEU A 151 -1.06 -23.74 -30.31
C LEU A 151 -2.51 -23.37 -30.03
N TYR A 152 -2.80 -23.13 -28.75
CA TYR A 152 -4.16 -22.86 -28.29
C TYR A 152 -4.17 -21.66 -27.36
N VAL A 153 -5.14 -20.77 -27.56
CA VAL A 153 -5.31 -19.62 -26.67
C VAL A 153 -6.47 -19.88 -25.71
N ALA A 154 -6.14 -20.15 -24.45
CA ALA A 154 -7.15 -20.45 -23.43
C ALA A 154 -7.96 -19.21 -23.09
N MET A 155 -9.28 -19.38 -22.99
CA MET A 155 -10.17 -18.23 -22.83
C MET A 155 -10.82 -18.15 -21.44
N PRO A 156 -10.25 -17.29 -20.57
CA PRO A 156 -10.72 -17.10 -19.19
C PRO A 156 -11.88 -16.13 -19.19
N PRO A 157 -12.79 -16.25 -18.22
CA PRO A 157 -13.98 -15.40 -18.23
C PRO A 157 -13.64 -14.01 -17.75
N LEU A 158 -14.30 -13.00 -18.31
CA LEU A 158 -14.10 -11.65 -17.83
C LEU A 158 -14.99 -11.39 -16.63
N PHE A 159 -16.11 -12.11 -16.54
CA PHE A 159 -17.11 -11.89 -15.49
C PHE A 159 -17.56 -13.18 -14.83
N ARG A 160 -18.40 -13.06 -13.80
CA ARG A 160 -19.00 -14.22 -13.13
C ARG A 160 -20.26 -13.80 -12.39
N ILE A 161 -21.40 -14.29 -12.87
CA ILE A 161 -22.68 -13.92 -12.30
C ILE A 161 -23.29 -15.04 -11.44
N ASP A 162 -24.06 -14.65 -10.42
CA ASP A 162 -24.58 -15.59 -9.42
C ASP A 162 -26.07 -15.40 -9.10
N ILE A 163 -26.93 -15.83 -10.02
CA ILE A 163 -28.38 -15.80 -9.82
C ILE A 163 -28.81 -16.83 -8.79
N GLY A 164 -29.20 -16.38 -7.60
CA GLY A 164 -29.48 -17.28 -6.50
C GLY A 164 -28.23 -18.07 -6.16
N LYS A 165 -27.98 -19.10 -6.96
CA LYS A 165 -26.69 -19.82 -6.92
C LYS A 165 -26.33 -20.24 -8.35
N ASP A 166 -27.25 -19.99 -9.29
CA ASP A 166 -27.13 -20.38 -10.70
C ASP A 166 -26.02 -19.62 -11.45
N VAL A 167 -24.80 -20.15 -11.37
CA VAL A 167 -23.60 -19.50 -11.92
C VAL A 167 -23.62 -19.33 -13.44
N HIS A 168 -22.96 -18.27 -13.89
CA HIS A 168 -22.67 -18.05 -15.30
C HIS A 168 -21.26 -17.48 -15.39
N TYR A 169 -20.65 -17.55 -16.57
CA TYR A 169 -19.37 -16.89 -16.81
C TYR A 169 -19.44 -16.14 -18.13
N ALA A 170 -18.96 -14.90 -18.13
CA ALA A 170 -18.97 -14.09 -19.34
C ALA A 170 -17.54 -13.80 -19.81
N LEU A 171 -17.25 -14.19 -21.05
CA LEU A 171 -15.92 -14.03 -21.59
C LEU A 171 -15.65 -12.59 -21.95
N ASP A 172 -16.71 -11.78 -22.00
CA ASP A 172 -16.57 -10.38 -22.40
C ASP A 172 -17.80 -9.55 -22.07
N ASP A 173 -17.93 -8.41 -22.73
CA ASP A 173 -19.07 -7.50 -22.57
C ASP A 173 -20.31 -8.00 -23.30
N GLU A 174 -20.12 -8.48 -24.53
CA GLU A 174 -21.23 -8.94 -25.34
C GLU A 174 -22.01 -10.07 -24.68
N GLU A 175 -21.29 -11.08 -24.20
CA GLU A 175 -21.93 -12.24 -23.59
C GLU A 175 -22.63 -11.89 -22.28
N LEU A 176 -22.05 -10.95 -21.54
CA LEU A 176 -22.66 -10.46 -20.32
C LEU A 176 -24.10 -9.98 -20.57
N GLU A 177 -24.28 -9.12 -21.57
CA GLU A 177 -25.63 -8.70 -21.96
C GLU A 177 -26.46 -9.92 -22.34
N THR A 178 -25.90 -10.74 -23.24
CA THR A 178 -26.54 -11.98 -23.68
C THR A 178 -27.18 -12.68 -22.49
N ILE A 179 -26.39 -12.87 -21.43
CA ILE A 179 -26.83 -13.59 -20.24
C ILE A 179 -27.81 -12.81 -19.33
N LEU A 180 -27.73 -11.48 -19.37
CA LEU A 180 -28.46 -10.66 -18.39
C LEU A 180 -29.98 -10.47 -18.62
N LYS A 181 -30.43 -10.53 -19.86
CA LYS A 181 -31.85 -10.30 -20.12
C LYS A 181 -32.66 -11.58 -19.97
N ASN A 182 -32.20 -12.49 -19.12
CA ASN A 182 -32.77 -13.84 -19.13
C ASN A 182 -33.19 -14.52 -17.83
N VAL A 183 -33.19 -13.81 -16.71
CA VAL A 183 -33.48 -14.48 -15.44
C VAL A 183 -34.59 -13.83 -14.62
N LYS A 187 -34.83 -13.99 -7.91
CA LYS A 187 -33.54 -13.52 -7.42
C LYS A 187 -32.96 -12.45 -8.33
N ASN A 188 -32.06 -11.62 -7.80
CA ASN A 188 -31.34 -10.65 -8.61
C ASN A 188 -29.84 -10.97 -8.68
N PRO A 189 -29.28 -10.96 -9.89
CA PRO A 189 -27.95 -11.50 -10.16
C PRO A 189 -26.84 -10.56 -9.67
N GLN A 190 -25.70 -11.15 -9.32
CA GLN A 190 -24.60 -10.39 -8.72
C GLN A 190 -23.27 -10.62 -9.45
N ILE A 191 -22.87 -9.59 -10.21
CA ILE A 191 -21.65 -9.62 -11.00
C ILE A 191 -20.38 -9.58 -10.16
N THR A 192 -19.35 -10.27 -10.62
CA THR A 192 -18.01 -10.05 -10.12
C THR A 192 -17.09 -9.99 -11.35
N ARG A 193 -16.22 -8.98 -11.39
CA ARG A 193 -15.30 -8.84 -12.51
C ARG A 193 -13.99 -9.53 -12.20
N PHE A 194 -13.41 -10.19 -13.19
CA PHE A 194 -12.12 -10.82 -13.01
C PHE A 194 -11.02 -9.95 -13.58
N LYS A 195 -10.43 -9.11 -12.72
CA LYS A 195 -9.42 -8.17 -13.16
C LYS A 195 -8.08 -8.87 -13.47
N GLY A 196 -8.13 -10.20 -13.58
CA GLY A 196 -6.95 -10.96 -13.94
C GLY A 196 -6.76 -12.26 -13.17
N LEU A 197 -5.92 -13.14 -13.71
CA LEU A 197 -5.75 -14.51 -13.23
C LEU A 197 -5.44 -14.71 -11.73
N GLY A 198 -4.62 -13.85 -11.15
CA GLY A 198 -4.22 -14.02 -9.76
C GLY A 198 -5.33 -13.90 -8.73
N GLU A 199 -6.36 -13.15 -9.09
CA GLU A 199 -7.48 -12.90 -8.19
C GLU A 199 -8.62 -13.90 -8.41
N MET A 200 -8.32 -14.96 -9.15
CA MET A 200 -9.26 -16.05 -9.37
C MET A 200 -8.82 -17.25 -8.56
N ASN A 201 -9.73 -17.80 -7.76
CA ASN A 201 -9.44 -19.01 -7.00
C ASN A 201 -9.30 -20.21 -7.95
N ALA A 202 -8.39 -21.11 -7.60
CA ALA A 202 -8.07 -22.25 -8.47
C ALA A 202 -9.29 -23.05 -8.94
N ILE A 203 -10.29 -23.17 -8.06
CA ILE A 203 -11.50 -23.95 -8.35
C ILE A 203 -12.33 -23.37 -9.51
N GLN A 204 -12.38 -22.04 -9.58
CA GLN A 204 -13.04 -21.35 -10.68
C GLN A 204 -12.12 -21.26 -11.87
N LEU A 205 -10.82 -21.39 -11.63
CA LEU A 205 -9.87 -21.36 -12.71
C LEU A 205 -9.92 -22.64 -13.53
N ARG A 206 -9.96 -23.79 -12.85
CA ARG A 206 -9.99 -25.07 -13.55
C ARG A 206 -11.25 -25.18 -14.40
N GLU A 207 -12.37 -24.85 -13.79
CA GLU A 207 -13.69 -25.01 -14.41
C GLU A 207 -13.83 -24.17 -15.68
N THR A 208 -13.13 -23.04 -15.72
CA THR A 208 -13.34 -22.07 -16.78
C THR A 208 -12.30 -22.14 -17.90
N THR A 209 -11.12 -22.70 -17.59
CA THR A 209 -10.02 -22.68 -18.54
C THR A 209 -9.13 -23.94 -18.53
N MET A 210 -9.27 -24.79 -17.52
CA MET A 210 -8.35 -25.94 -17.39
C MET A 210 -8.98 -27.26 -17.82
N ASP A 211 -9.92 -27.75 -17.01
CA ASP A 211 -10.62 -29.00 -17.31
C ASP A 211 -11.29 -28.90 -18.67
N PRO A 212 -10.95 -29.82 -19.59
CA PRO A 212 -11.36 -29.86 -21.00
C PRO A 212 -12.87 -29.83 -21.21
N ASN A 213 -13.61 -30.46 -20.30
CA ASN A 213 -15.05 -30.57 -20.44
C ASN A 213 -15.86 -29.36 -19.94
N THR A 214 -15.20 -28.20 -19.83
CA THR A 214 -15.88 -26.92 -19.59
C THR A 214 -15.02 -25.70 -19.98
N ARG A 215 -13.82 -25.96 -20.48
CA ARG A 215 -12.87 -24.89 -20.77
C ARG A 215 -13.06 -24.28 -22.16
N ARG A 216 -13.46 -23.02 -22.22
CA ARG A 216 -13.42 -22.29 -23.48
C ARG A 216 -11.96 -22.26 -23.92
N LEU A 217 -11.73 -22.55 -25.20
CA LEU A 217 -10.37 -22.73 -25.71
C LEU A 217 -10.30 -22.70 -27.23
N VAL A 218 -9.64 -21.68 -27.79
CA VAL A 218 -9.52 -21.56 -29.24
C VAL A 218 -8.35 -22.36 -29.85
N GLN A 219 -8.61 -22.96 -31.00
CA GLN A 219 -7.58 -23.61 -31.80
C GLN A 219 -7.10 -22.63 -32.86
N LEU A 220 -6.03 -21.90 -32.54
CA LEU A 220 -5.51 -20.87 -33.45
C LEU A 220 -4.86 -21.52 -34.67
N ASP A 221 -5.25 -21.08 -35.86
CA ASP A 221 -4.70 -21.64 -37.08
C ASP A 221 -3.89 -20.63 -37.88
N LEU A 222 -2.65 -21.00 -38.20
CA LEU A 222 -1.74 -20.14 -38.94
C LEU A 222 -2.33 -19.72 -40.28
N ASP A 223 -2.68 -20.71 -41.10
CA ASP A 223 -3.10 -20.51 -42.49
C ASP A 223 -1.90 -20.17 -43.38
N ASP A 224 -2.15 -19.30 -44.35
CA ASP A 224 -1.08 -18.89 -45.26
C ASP A 224 -0.01 -18.15 -44.47
N ALA A 225 1.24 -18.34 -44.86
CA ALA A 225 2.37 -17.66 -44.24
C ALA A 225 2.39 -16.19 -44.60
N HIS A 226 2.25 -15.89 -45.89
CA HIS A 226 2.41 -14.54 -46.41
C HIS A 226 1.48 -13.47 -45.81
N LEU A 227 0.18 -13.71 -45.79
CA LEU A 227 -0.76 -12.80 -45.12
C LEU A 227 -0.38 -12.65 -43.65
N THR A 228 -0.06 -13.78 -43.02
CA THR A 228 0.40 -13.81 -41.64
C THR A 228 1.72 -13.04 -41.50
N ALA A 229 2.84 -13.69 -41.81
CA ALA A 229 4.16 -13.07 -41.71
C ALA A 229 4.16 -11.61 -42.19
N GLY A 230 3.32 -11.31 -43.18
CA GLY A 230 3.16 -9.96 -43.66
C GLY A 230 2.53 -9.04 -42.62
N LEU A 231 1.37 -9.46 -42.09
CA LEU A 231 0.63 -8.72 -41.06
C LEU A 231 1.39 -8.48 -39.76
N LEU A 232 2.01 -9.53 -39.22
CA LEU A 232 2.79 -9.43 -37.99
C LEU A 232 4.05 -8.57 -38.15
N ASP A 233 4.65 -8.61 -39.34
CA ASP A 233 5.78 -7.73 -39.59
C ASP A 233 5.35 -6.28 -39.41
N LYS A 234 4.35 -5.86 -40.19
CA LYS A 234 3.72 -4.56 -39.99
C LYS A 234 3.52 -4.23 -38.50
N LEU A 235 3.18 -5.25 -37.71
CA LEU A 235 2.91 -5.07 -36.28
C LEU A 235 4.15 -4.93 -35.40
N LEU A 236 5.05 -5.92 -35.47
CA LEU A 236 6.17 -5.98 -34.54
C LEU A 236 7.49 -5.66 -35.21
N ALA A 237 7.45 -4.82 -36.24
CA ALA A 237 8.70 -4.42 -36.88
C ALA A 237 9.22 -3.14 -36.29
N LYS A 238 10.28 -3.25 -35.48
CA LYS A 238 10.91 -2.07 -34.87
C LYS A 238 11.16 -0.99 -35.92
N LYS A 239 11.21 -1.39 -37.18
CA LYS A 239 11.43 -0.44 -38.26
C LYS A 239 10.12 0.16 -38.75
N ARG A 240 9.02 -0.53 -38.53
CA ARG A 240 7.78 -0.20 -39.22
C ARG A 240 6.72 0.63 -38.52
N ALA A 241 6.99 1.08 -37.31
CA ALA A 241 6.02 1.83 -36.52
C ALA A 241 5.16 2.86 -37.27
N ALA A 242 5.68 3.39 -38.37
CA ALA A 242 5.01 4.43 -39.13
C ALA A 242 3.64 4.01 -39.70
N ASP A 243 3.58 2.82 -40.26
CA ASP A 243 2.31 2.31 -40.81
C ASP A 243 1.33 2.03 -39.68
N ARG A 244 1.88 1.51 -38.58
CA ARG A 244 1.10 1.27 -37.39
C ARG A 244 0.21 2.45 -37.05
N LYS A 245 0.80 3.65 -36.96
CA LYS A 245 0.04 4.86 -36.62
C LYS A 245 -1.24 4.87 -37.44
N GLN A 246 -1.08 5.05 -38.74
CA GLN A 246 -2.17 4.93 -39.72
C GLN A 246 -3.11 3.79 -39.36
N TRP A 247 -2.65 2.55 -39.58
CA TRP A 247 -3.42 1.34 -39.27
C TRP A 247 -4.45 1.52 -38.17
N LEU A 248 -4.03 2.08 -37.05
CA LEU A 248 -4.92 2.32 -35.91
C LEU A 248 -6.05 3.27 -36.31
N GLU A 249 -5.67 4.41 -36.86
CA GLU A 249 -6.60 5.42 -37.32
C GLU A 249 -7.58 4.83 -38.33
N GLN A 250 -7.15 3.73 -38.96
CA GLN A 250 -8.01 3.00 -39.89
C GLN A 250 -8.79 1.92 -39.16
N LYS A 251 -8.11 1.22 -38.25
CA LYS A 251 -8.69 0.09 -37.53
C LYS A 251 -8.91 0.41 -36.06
N GLU A 274 -14.41 -23.46 -30.96
CA GLU A 274 -14.26 -22.49 -32.06
C GLU A 274 -12.79 -22.29 -32.45
N ASN A 275 -12.59 -21.79 -33.66
CA ASN A 275 -11.25 -21.48 -34.16
C ASN A 275 -11.19 -20.05 -34.64
N ARG A 276 -10.09 -19.38 -34.36
CA ARG A 276 -9.76 -18.12 -35.03
C ARG A 276 -8.38 -18.26 -35.69
N SER A 277 -8.09 -17.42 -36.68
CA SER A 277 -6.81 -17.52 -37.36
C SER A 277 -5.74 -16.78 -36.59
N VAL A 278 -4.57 -17.38 -36.47
CA VAL A 278 -3.44 -16.69 -35.87
C VAL A 278 -3.49 -15.23 -36.26
N ALA A 279 -3.56 -14.98 -37.57
CA ALA A 279 -3.56 -13.62 -38.10
C ALA A 279 -4.76 -12.80 -37.63
N GLU A 280 -5.96 -13.30 -37.91
CA GLU A 280 -7.21 -12.66 -37.47
C GLU A 280 -7.13 -12.25 -36.01
N PHE A 281 -6.60 -13.14 -35.18
CA PHE A 281 -6.58 -13.01 -33.73
C PHE A 281 -5.47 -12.08 -33.20
N THR A 282 -4.22 -12.45 -33.48
CA THR A 282 -3.08 -11.66 -33.04
C THR A 282 -3.16 -10.21 -33.52
N GLU A 283 -4.05 -9.95 -34.47
CA GLU A 283 -4.30 -8.59 -34.91
C GLU A 283 -5.45 -7.99 -34.11
N GLN A 284 -6.52 -8.77 -33.93
CA GLN A 284 -7.63 -8.34 -33.08
C GLN A 284 -7.09 -7.92 -31.73
N ALA A 285 -6.14 -8.69 -31.20
CA ALA A 285 -5.53 -8.40 -29.91
C ALA A 285 -4.63 -7.16 -29.94
N TYR A 286 -3.53 -7.25 -30.67
CA TYR A 286 -2.56 -6.16 -30.75
C TYR A 286 -3.24 -4.80 -31.01
N LEU A 287 -4.32 -4.78 -31.79
CA LEU A 287 -5.09 -3.55 -31.93
C LEU A 287 -5.72 -3.13 -30.60
N ASN A 288 -6.46 -4.04 -29.97
CA ASN A 288 -6.97 -3.80 -28.62
C ASN A 288 -5.88 -3.18 -27.74
N TYR A 289 -4.71 -3.80 -27.76
CA TYR A 289 -3.58 -3.31 -27.01
C TYR A 289 -3.29 -1.88 -27.39
N ALA A 290 -2.78 -1.69 -28.59
CA ALA A 290 -2.35 -0.38 -29.05
C ALA A 290 -3.28 0.75 -28.61
N MET A 291 -4.54 0.68 -29.04
CA MET A 291 -5.49 1.73 -28.74
C MET A 291 -5.56 2.05 -27.24
N TYR A 292 -5.46 1.03 -26.40
CA TYR A 292 -5.49 1.23 -24.96
C TYR A 292 -4.30 2.04 -24.47
N VAL A 293 -3.10 1.69 -24.90
CA VAL A 293 -1.90 2.38 -24.39
C VAL A 293 -1.73 3.78 -25.00
N ILE A 294 -2.33 4.00 -26.16
CA ILE A 294 -2.39 5.34 -26.71
C ILE A 294 -3.36 6.20 -25.88
N MET A 295 -4.61 5.75 -25.77
CA MET A 295 -5.63 6.47 -25.00
C MET A 295 -5.36 6.45 -23.49
N ASP A 296 -5.50 5.26 -22.90
CA ASP A 296 -5.58 5.13 -21.46
C ASP A 296 -4.28 4.71 -20.78
N ARG A 297 -3.15 5.30 -21.18
CA ARG A 297 -1.91 5.05 -20.45
C ARG A 297 -0.79 6.03 -20.72
N ALA A 298 -0.16 5.91 -21.88
CA ALA A 298 1.06 6.64 -22.14
C ALA A 298 0.86 8.11 -22.50
N LEU A 299 -0.32 8.45 -23.02
CA LEU A 299 -0.59 9.80 -23.49
C LEU A 299 -1.48 10.62 -22.54
N PRO A 300 -1.14 11.93 -22.37
CA PRO A 300 -1.93 12.92 -21.63
C PRO A 300 -3.20 13.31 -22.33
N HIS A 301 -4.20 13.73 -21.56
CA HIS A 301 -5.29 14.49 -22.14
C HIS A 301 -4.83 15.95 -22.09
N ILE A 302 -5.51 16.84 -22.80
CA ILE A 302 -4.97 18.20 -22.94
C ILE A 302 -5.42 19.14 -21.83
N SER A 303 -6.65 18.97 -21.37
CA SER A 303 -7.24 19.83 -20.36
C SER A 303 -6.32 20.05 -19.17
N ASP A 304 -6.06 18.97 -18.44
CA ASP A 304 -5.22 18.98 -17.26
C ASP A 304 -3.78 18.54 -17.57
N GLY A 305 -3.57 17.96 -18.75
CA GLY A 305 -2.25 17.47 -19.13
C GLY A 305 -1.79 16.26 -18.34
N LEU A 306 -2.71 15.34 -18.06
CA LEU A 306 -2.40 14.20 -17.20
C LEU A 306 -2.64 12.83 -17.84
N LYS A 307 -1.71 11.91 -17.62
CA LYS A 307 -1.92 10.50 -17.97
C LYS A 307 -2.83 9.94 -16.90
N PRO A 308 -3.43 8.76 -17.12
CA PRO A 308 -4.40 8.25 -16.15
C PRO A 308 -3.83 7.89 -14.78
N VAL A 309 -2.77 7.11 -14.69
CA VAL A 309 -2.22 6.82 -13.37
C VAL A 309 -1.91 8.16 -12.70
N GLN A 310 -1.63 9.18 -13.51
CA GLN A 310 -1.27 10.49 -12.99
C GLN A 310 -2.45 11.18 -12.30
N ARG A 311 -3.60 11.18 -12.97
CA ARG A 311 -4.84 11.73 -12.43
C ARG A 311 -5.36 10.89 -11.27
N ARG A 312 -5.53 9.60 -11.51
CA ARG A 312 -5.92 8.68 -10.46
C ARG A 312 -5.11 8.89 -9.18
N ILE A 313 -3.81 9.06 -9.29
CA ILE A 313 -3.04 9.34 -8.08
C ILE A 313 -3.55 10.65 -7.49
N VAL A 314 -3.41 11.73 -8.25
CA VAL A 314 -3.74 13.05 -7.74
C VAL A 314 -5.17 13.16 -7.19
N TYR A 315 -6.14 12.51 -7.82
CA TYR A 315 -7.51 12.52 -7.33
C TYR A 315 -7.61 11.72 -6.03
N ALA A 316 -6.98 10.55 -6.00
CA ALA A 316 -6.98 9.71 -4.80
C ALA A 316 -6.46 10.46 -3.57
N MET A 317 -5.51 11.36 -3.85
CA MET A 317 -4.78 12.04 -2.82
C MET A 317 -5.67 13.12 -2.29
N SER A 318 -6.52 13.63 -3.16
CA SER A 318 -7.46 14.65 -2.77
C SER A 318 -8.43 14.02 -1.82
N GLU A 319 -9.02 12.92 -2.26
CA GLU A 319 -10.01 12.22 -1.46
C GLU A 319 -9.51 11.61 -0.15
N LEU A 320 -8.20 11.70 0.09
CA LEU A 320 -7.62 11.32 1.38
C LEU A 320 -7.28 12.58 2.11
N GLY A 321 -7.86 13.68 1.64
CA GLY A 321 -7.84 14.93 2.34
C GLY A 321 -6.49 15.59 2.42
N LEU A 322 -5.65 15.36 1.44
CA LEU A 322 -4.26 15.72 1.61
C LEU A 322 -3.91 17.11 1.10
N LYS A 323 -4.76 18.09 1.38
CA LYS A 323 -4.46 19.43 0.88
C LYS A 323 -3.14 19.91 1.43
N SER A 324 -2.52 20.82 0.67
CA SER A 324 -1.22 21.35 1.00
C SER A 324 -1.18 21.99 2.40
N SER A 325 -2.34 22.47 2.86
CA SER A 325 -2.45 23.22 4.11
C SER A 325 -2.31 22.32 5.33
N GLY A 326 -2.47 21.02 5.11
CA GLY A 326 -2.48 20.04 6.19
C GLY A 326 -1.20 19.23 6.31
N LYS A 327 -1.29 18.08 6.96
CA LYS A 327 -0.10 17.27 7.16
C LYS A 327 -0.02 16.17 6.10
N PRO A 328 1.19 15.62 5.85
CA PRO A 328 1.42 14.51 4.92
C PRO A 328 0.91 13.22 5.50
N LYS A 329 0.83 12.17 4.69
CA LYS A 329 0.38 10.86 5.19
C LYS A 329 1.09 9.75 4.38
N LYS A 330 1.50 8.67 5.05
CA LYS A 330 2.31 7.63 4.44
C LYS A 330 1.99 7.45 2.98
N SER A 331 3.00 7.09 2.20
CA SER A 331 2.80 6.97 0.78
C SER A 331 2.09 5.68 0.53
N ALA A 332 2.45 4.68 1.30
CA ALA A 332 1.88 3.37 1.11
C ALA A 332 0.39 3.46 1.02
N ARG A 333 -0.20 4.33 1.85
CA ARG A 333 -1.66 4.45 1.90
C ARG A 333 -2.29 5.11 0.68
N THR A 334 -1.67 6.17 0.17
CA THR A 334 -2.08 6.81 -1.08
C THR A 334 -2.06 5.81 -2.22
N VAL A 335 -0.93 5.15 -2.39
CA VAL A 335 -0.79 4.14 -3.42
C VAL A 335 -1.74 3.02 -3.08
N GLY A 336 -1.75 2.62 -1.81
CA GLY A 336 -2.70 1.64 -1.34
C GLY A 336 -4.14 1.89 -1.75
N ASP A 337 -4.55 3.17 -1.79
CA ASP A 337 -5.89 3.59 -2.21
C ASP A 337 -5.99 3.67 -3.73
N VAL A 338 -4.97 4.22 -4.37
CA VAL A 338 -4.98 4.31 -5.82
C VAL A 338 -5.30 2.96 -6.48
N LEU A 339 -4.61 1.90 -6.06
CA LEU A 339 -4.86 0.59 -6.61
C LEU A 339 -6.20 0.12 -6.16
N GLY A 340 -6.50 0.48 -4.91
CA GLY A 340 -7.61 -0.13 -4.20
C GLY A 340 -8.93 0.20 -4.85
N LYS A 341 -8.97 1.30 -5.58
CA LYS A 341 -10.25 1.82 -6.02
C LYS A 341 -10.31 2.52 -7.39
N TYR A 342 -9.18 2.70 -8.07
CA TYR A 342 -9.19 3.43 -9.33
C TYR A 342 -8.29 2.83 -10.39
N HIS A 343 -7.14 2.33 -9.96
CA HIS A 343 -6.08 1.96 -10.90
C HIS A 343 -5.46 0.63 -10.50
N PRO A 344 -6.06 -0.48 -10.92
CA PRO A 344 -5.64 -1.81 -10.47
C PRO A 344 -4.50 -2.40 -11.32
N HIS A 345 -3.29 -1.93 -11.03
CA HIS A 345 -2.10 -2.40 -11.71
C HIS A 345 -0.95 -2.46 -10.72
N GLY A 346 0.26 -2.26 -11.20
CA GLY A 346 1.41 -2.28 -10.33
C GLY A 346 1.25 -1.27 -9.22
N ASP A 347 1.86 -1.54 -8.06
CA ASP A 347 1.92 -0.55 -7.01
C ASP A 347 3.28 0.14 -7.06
N SER A 348 4.29 -0.62 -7.44
CA SER A 348 5.62 -0.06 -7.65
C SER A 348 5.58 1.00 -8.74
N ALA A 349 5.20 0.56 -9.95
CA ALA A 349 4.93 1.46 -11.06
C ALA A 349 4.17 2.72 -10.59
N CYS A 350 3.08 2.49 -9.87
CA CYS A 350 2.27 3.58 -9.36
C CYS A 350 3.10 4.53 -8.53
N TYR A 351 3.75 3.98 -7.50
CA TYR A 351 4.53 4.75 -6.56
C TYR A 351 5.65 5.52 -7.24
N GLU A 352 6.18 4.94 -8.31
CA GLU A 352 7.24 5.61 -9.04
C GLU A 352 6.68 6.76 -9.86
N ALA A 353 5.49 6.58 -10.42
CA ALA A 353 4.84 7.66 -11.16
C ALA A 353 4.41 8.76 -10.19
N MET A 354 4.24 8.37 -8.94
CA MET A 354 3.95 9.30 -7.85
C MET A 354 5.23 9.98 -7.35
N VAL A 355 6.38 9.36 -7.57
CA VAL A 355 7.62 10.05 -7.21
C VAL A 355 7.85 11.21 -8.18
N LEU A 356 7.72 10.95 -9.47
CA LEU A 356 7.99 11.94 -10.49
C LEU A 356 7.26 13.23 -10.20
N MET A 357 5.95 13.11 -10.02
CA MET A 357 5.07 14.23 -9.69
C MET A 357 5.56 15.00 -8.46
N ALA A 358 6.18 14.31 -7.51
CA ALA A 358 6.72 14.98 -6.34
C ALA A 358 8.17 15.53 -6.48
N GLN A 359 8.82 15.27 -7.61
CA GLN A 359 10.21 15.68 -7.75
C GLN A 359 10.41 17.05 -8.38
N PRO A 360 10.91 18.01 -7.58
CA PRO A 360 11.21 19.40 -7.89
C PRO A 360 12.00 19.53 -9.16
N PHE A 361 13.02 18.68 -9.29
CA PHE A 361 13.98 18.71 -10.40
C PHE A 361 13.51 18.02 -11.69
N SER A 362 12.46 17.19 -11.56
CA SER A 362 11.82 16.52 -12.70
C SER A 362 10.54 17.23 -13.12
N TYR A 363 9.83 17.81 -12.15
CA TYR A 363 8.59 18.50 -12.44
C TYR A 363 8.73 20.02 -12.30
N ARG A 364 8.39 20.74 -13.38
CA ARG A 364 8.55 22.18 -13.38
C ARG A 364 7.68 22.78 -12.29
N TYR A 365 6.40 22.36 -12.25
CA TYR A 365 5.52 22.67 -11.12
C TYR A 365 5.01 21.38 -10.48
N PRO A 366 5.65 20.98 -9.37
CA PRO A 366 5.27 19.70 -8.77
C PRO A 366 3.81 19.68 -8.37
N LEU A 367 3.20 18.52 -8.61
CA LEU A 367 1.84 18.27 -8.18
C LEU A 367 1.85 17.79 -6.75
N ILE A 368 2.95 17.19 -6.33
CA ILE A 368 3.02 16.57 -5.00
C ILE A 368 4.17 17.14 -4.20
N GLU A 369 4.02 17.22 -2.90
CA GLU A 369 5.12 17.62 -2.05
C GLU A 369 5.41 16.49 -1.09
N GLY A 370 6.52 15.81 -1.35
CA GLY A 370 6.94 14.67 -0.57
C GLY A 370 7.72 15.06 0.65
N GLN A 371 7.68 14.22 1.66
CA GLN A 371 8.49 14.37 2.84
C GLN A 371 9.44 13.18 2.93
N GLY A 372 10.69 13.47 3.21
CA GLY A 372 11.71 12.43 3.26
C GLY A 372 12.42 12.31 1.93
N ASN A 373 13.17 11.22 1.78
CA ASN A 373 13.92 10.99 0.56
C ASN A 373 13.03 10.84 -0.68
N TRP A 374 13.00 11.84 -1.55
CA TRP A 374 12.28 11.68 -2.81
C TRP A 374 13.20 11.80 -4.00
N GLY A 375 14.46 11.37 -3.81
CA GLY A 375 15.48 11.44 -4.83
C GLY A 375 16.29 12.71 -4.75
N SER A 376 17.44 12.71 -5.40
CA SER A 376 18.29 13.88 -5.44
C SER A 376 18.47 14.25 -6.89
N PRO A 377 18.76 15.53 -7.14
CA PRO A 377 19.02 15.99 -8.50
C PRO A 377 20.11 15.15 -9.14
N ASP A 378 21.09 14.76 -8.32
CA ASP A 378 22.21 13.95 -8.77
C ASP A 378 21.79 12.53 -9.09
N ASP A 379 20.91 11.96 -8.28
CA ASP A 379 20.40 10.62 -8.54
C ASP A 379 18.89 10.49 -8.28
N PRO A 380 18.08 10.95 -9.23
CA PRO A 380 16.62 10.87 -9.19
C PRO A 380 16.09 9.55 -8.67
N LYS A 381 16.73 8.43 -8.99
CA LYS A 381 16.10 7.15 -8.73
C LYS A 381 16.49 6.67 -7.35
N SER A 382 17.20 7.52 -6.62
CA SER A 382 17.67 7.16 -5.30
C SER A 382 16.62 7.28 -4.20
N PHE A 383 15.36 7.49 -4.59
CA PHE A 383 14.30 7.82 -3.65
C PHE A 383 13.99 6.65 -2.73
N ALA A 384 13.45 6.92 -1.54
CA ALA A 384 13.29 5.89 -0.54
C ALA A 384 12.06 5.06 -0.83
N ALA A 385 11.97 3.85 -0.27
CA ALA A 385 10.82 2.98 -0.56
C ALA A 385 9.51 3.52 0.01
N MET A 386 8.37 3.15 -0.58
CA MET A 386 7.08 3.75 -0.22
C MET A 386 6.66 3.50 1.22
N ARG A 387 7.28 2.52 1.86
N ARG A 387 7.29 2.51 1.86
CA ARG A 387 6.95 2.24 3.25
CA ARG A 387 7.00 2.21 3.25
C ARG A 387 7.54 3.34 4.11
C ARG A 387 7.60 3.29 4.13
N THR A 389 8.35 6.96 2.78
CA THR A 389 7.99 8.31 2.44
C THR A 389 6.57 8.63 2.88
N GLU A 390 6.34 9.89 3.26
CA GLU A 390 5.00 10.46 3.45
C GLU A 390 4.84 11.61 2.47
N ALA A 391 3.63 11.88 1.99
CA ALA A 391 3.44 13.04 1.11
C ALA A 391 2.01 13.59 1.15
N LYS A 392 1.89 14.88 0.82
CA LYS A 392 0.59 15.52 0.59
C LYS A 392 0.58 16.13 -0.81
N LEU A 393 -0.34 17.04 -1.08
CA LEU A 393 -0.43 17.68 -2.40
C LEU A 393 0.38 18.97 -2.45
N SER A 394 0.70 19.41 -3.67
CA SER A 394 1.39 20.67 -3.84
C SER A 394 0.30 21.71 -3.82
N ALA A 395 0.59 22.93 -3.41
CA ALA A 395 -0.42 23.96 -3.50
C ALA A 395 -0.74 24.23 -4.97
N TYR A 396 0.25 24.06 -5.83
CA TYR A 396 0.01 24.25 -7.26
C TYR A 396 -1.09 23.31 -7.76
N SER A 397 -1.32 22.22 -7.05
CA SER A 397 -2.29 21.22 -7.48
C SER A 397 -3.72 21.65 -7.23
N GLU A 398 -3.86 22.78 -6.53
CA GLU A 398 -5.15 23.44 -6.38
C GLU A 398 -5.70 23.77 -7.76
N LEU A 399 -4.87 24.39 -8.57
CA LEU A 399 -5.21 24.70 -9.95
C LEU A 399 -5.80 23.53 -10.71
N LEU A 400 -5.59 22.31 -10.27
CA LEU A 400 -6.19 21.18 -11.00
C LEU A 400 -7.43 20.61 -10.36
N LEU A 401 -7.67 20.98 -9.10
CA LEU A 401 -8.65 20.26 -8.31
C LEU A 401 -9.76 21.10 -7.64
N SER A 402 -9.50 22.38 -7.39
CA SER A 402 -10.37 23.13 -6.49
C SER A 402 -11.81 23.19 -6.98
N GLU A 403 -12.01 23.09 -8.27
CA GLU A 403 -13.36 23.20 -8.81
C GLU A 403 -13.98 21.85 -9.14
N LEU A 404 -13.64 20.83 -8.35
CA LEU A 404 -14.06 19.48 -8.69
C LEU A 404 -15.45 19.17 -8.20
N GLY A 405 -15.73 19.51 -6.95
CA GLY A 405 -17.02 19.24 -6.35
C GLY A 405 -18.14 19.94 -7.12
N GLN A 406 -17.78 21.00 -7.83
CA GLN A 406 -18.76 21.87 -8.45
C GLN A 406 -19.11 21.48 -9.89
N GLY A 407 -19.34 20.18 -10.12
CA GLY A 407 -19.83 19.71 -11.42
C GLY A 407 -19.25 20.39 -12.64
N THR A 408 -17.97 20.13 -12.90
CA THR A 408 -17.26 20.74 -13.99
C THR A 408 -16.71 19.62 -14.80
N SER A 409 -16.96 18.39 -14.37
CA SER A 409 -16.29 17.28 -15.02
C SER A 409 -17.17 16.07 -15.24
N GLU A 410 -16.96 15.42 -16.37
CA GLU A 410 -17.55 14.11 -16.61
C GLU A 410 -17.03 13.24 -15.50
N TRP A 411 -17.78 12.19 -15.18
CA TRP A 411 -17.32 11.21 -14.23
C TRP A 411 -17.73 9.89 -14.81
N GLN A 412 -16.90 8.86 -14.59
CA GLN A 412 -17.16 7.54 -15.19
C GLN A 412 -17.13 6.47 -14.13
CA ASP A 413 -17.83 4.14 -12.82
C ASP A 413 -16.37 3.70 -12.84
N ASN A 414 -15.82 3.42 -11.65
CA ASN A 414 -14.48 2.86 -11.55
C ASN A 414 -14.56 1.41 -11.94
N PHE A 415 -13.44 0.69 -11.83
CA PHE A 415 -13.34 -0.64 -12.42
C PHE A 415 -14.30 -1.69 -11.86
N ASP A 416 -15.02 -1.35 -10.79
CA ASP A 416 -16.08 -2.22 -10.30
C ASP A 416 -17.35 -1.47 -9.93
N GLY A 417 -17.58 -0.32 -10.58
CA GLY A 417 -18.82 0.44 -10.45
C GLY A 417 -19.19 0.92 -9.05
N SER A 418 -18.35 0.61 -8.06
CA SER A 418 -18.67 0.90 -6.67
C SER A 418 -18.28 2.31 -6.30
N LEU A 419 -17.57 2.99 -7.20
CA LEU A 419 -17.22 4.39 -7.01
C LEU A 419 -17.32 5.07 -8.34
N LYS A 420 -17.06 6.36 -8.34
CA LYS A 420 -16.99 7.09 -9.59
C LYS A 420 -15.67 7.79 -9.49
N GLU A 421 -14.98 7.86 -10.63
CA GLU A 421 -13.77 8.65 -10.74
C GLU A 421 -13.98 9.62 -11.88
N PRO A 422 -13.36 10.80 -11.78
CA PRO A 422 -13.52 11.86 -12.77
C PRO A 422 -12.69 11.55 -14.00
N ILE A 423 -13.23 11.81 -15.18
CA ILE A 423 -12.55 11.54 -16.43
C ILE A 423 -11.44 12.56 -16.72
N THR A 424 -11.67 13.82 -16.36
CA THR A 424 -10.60 14.82 -16.35
C THR A 424 -10.76 15.75 -15.14
N LEU A 425 -9.80 16.64 -14.92
CA LEU A 425 -9.92 17.60 -13.82
C LEU A 425 -10.08 19.00 -14.39
N PRO A 426 -10.65 19.92 -13.62
CA PRO A 426 -10.92 21.28 -14.07
C PRO A 426 -9.69 22.18 -13.95
N ALA A 427 -8.74 22.07 -14.85
CA ALA A 427 -7.54 22.86 -14.67
C ALA A 427 -7.91 24.34 -14.71
N ARG A 428 -7.35 25.14 -13.81
CA ARG A 428 -7.51 26.59 -13.88
C ARG A 428 -6.41 27.20 -14.76
N VAL A 429 -5.50 26.34 -15.20
CA VAL A 429 -4.38 26.71 -16.07
C VAL A 429 -4.07 25.49 -16.92
N PRO A 430 -3.33 25.69 -18.03
CA PRO A 430 -3.06 24.64 -19.02
C PRO A 430 -1.81 23.80 -18.71
N ASN A 431 -1.96 22.91 -17.75
CA ASN A 431 -0.87 22.12 -17.18
C ASN A 431 -0.04 21.41 -18.25
N ILE A 432 -0.70 20.85 -19.26
CA ILE A 432 -0.02 20.12 -20.36
C ILE A 432 1.19 20.85 -20.91
N LEU A 433 1.21 22.16 -20.77
CA LEU A 433 2.36 22.91 -21.24
C LEU A 433 3.29 23.34 -20.12
N LEU A 434 2.77 23.56 -18.93
CA LEU A 434 3.64 23.98 -17.84
C LEU A 434 4.41 22.80 -17.30
N ASN A 435 3.70 21.70 -17.08
CA ASN A 435 4.34 20.53 -16.50
C ASN A 435 4.99 19.69 -17.59
N GLY A 436 4.31 19.63 -18.72
CA GLY A 436 4.77 18.84 -19.84
C GLY A 436 4.83 17.38 -19.49
N THR A 437 4.90 16.56 -20.54
CA THR A 437 4.88 15.10 -20.42
C THR A 437 5.93 14.43 -21.30
N THR A 438 6.14 13.13 -21.05
CA THR A 438 7.11 12.34 -21.81
C THR A 438 6.83 10.83 -21.73
N GLY A 439 6.07 10.29 -22.67
CA GLY A 439 5.84 8.84 -22.73
C GLY A 439 5.87 8.13 -24.10
N ILE A 440 5.96 6.81 -24.06
CA ILE A 440 5.97 5.99 -25.27
C ILE A 440 4.76 5.06 -25.35
N ALA A 441 4.03 5.14 -26.46
CA ALA A 441 2.85 4.30 -26.62
C ALA A 441 3.06 3.16 -27.61
N VAL A 442 2.40 3.29 -28.75
CA VAL A 442 2.44 2.34 -29.83
C VAL A 442 2.06 3.12 -31.06
N GLY A 443 2.86 3.04 -32.12
CA GLY A 443 2.60 3.80 -33.33
C GLY A 443 2.96 5.26 -33.18
N MET A 444 3.00 5.73 -31.93
CA MET A 444 3.35 7.11 -31.65
C MET A 444 3.81 7.23 -30.20
N ALA A 445 4.44 8.36 -29.89
CA ALA A 445 4.74 8.71 -28.51
C ALA A 445 4.54 10.21 -28.29
N THR A 446 5.00 10.71 -27.14
CA THR A 446 4.83 12.14 -26.84
C THR A 446 5.95 12.67 -25.95
N ASP A 447 6.50 13.83 -26.31
CA ASP A 447 7.38 14.60 -25.42
C ASP A 447 6.89 16.05 -25.35
N ILE A 448 6.76 16.61 -24.15
CA ILE A 448 6.29 17.98 -24.02
C ILE A 448 7.05 18.75 -22.96
N PRO A 449 7.83 19.74 -23.39
CA PRO A 449 8.67 20.56 -22.53
C PRO A 449 7.90 21.42 -21.53
N PRO A 450 8.32 21.42 -20.26
CA PRO A 450 7.81 22.35 -19.26
C PRO A 450 7.90 23.81 -19.76
N HIS A 451 6.89 24.63 -19.47
CA HIS A 451 6.93 26.09 -19.71
C HIS A 451 6.65 26.93 -18.47
N ASN A 452 7.04 28.21 -18.56
CA ASN A 452 6.86 29.15 -17.47
C ASN A 452 5.39 29.53 -17.29
N LEU A 453 4.89 29.46 -16.06
CA LEU A 453 3.48 29.70 -15.85
C LEU A 453 3.08 31.07 -16.35
N ARG A 454 3.81 32.09 -15.91
CA ARG A 454 3.48 33.45 -16.27
C ARG A 454 3.56 33.62 -17.78
N GLU A 455 4.61 33.09 -18.40
CA GLU A 455 4.74 33.22 -19.85
C GLU A 455 3.53 32.63 -20.58
N VAL A 456 3.16 31.41 -20.22
CA VAL A 456 2.03 30.76 -20.82
C VAL A 456 0.69 31.42 -20.48
N VAL A 457 0.55 31.97 -19.28
CA VAL A 457 -0.68 32.68 -18.98
C VAL A 457 -0.83 33.90 -19.88
N LYS A 458 0.22 34.70 -20.06
CA LYS A 458 0.14 35.84 -20.96
C LYS A 458 -0.36 35.33 -22.31
N GLY A 459 0.33 34.33 -22.85
CA GLY A 459 -0.08 33.71 -24.10
C GLY A 459 -1.58 33.50 -24.22
N THR A 460 -2.14 32.74 -23.29
CA THR A 460 -3.58 32.44 -23.30
C THR A 460 -4.44 33.68 -23.09
N ILE A 461 -3.99 34.59 -22.23
CA ILE A 461 -4.70 35.85 -22.07
C ILE A 461 -4.79 36.53 -23.42
N ALA A 462 -3.65 36.63 -24.11
CA ALA A 462 -3.64 37.15 -25.48
C ALA A 462 -4.57 36.35 -26.40
N LEU A 463 -4.38 35.05 -26.46
CA LEU A 463 -5.22 34.21 -27.32
C LEU A 463 -6.72 34.34 -27.09
N ILE A 464 -7.11 34.58 -25.85
CA ILE A 464 -8.51 34.79 -25.55
C ILE A 464 -9.04 36.05 -26.22
N ARG A 465 -8.34 37.16 -25.98
CA ARG A 465 -8.72 38.45 -26.57
C ARG A 465 -8.77 38.37 -28.10
N ASN A 466 -7.64 38.06 -28.72
CA ASN A 466 -7.52 37.94 -30.16
C ASN A 466 -7.06 36.53 -30.56
N PRO A 467 -8.00 35.68 -30.96
CA PRO A 467 -7.76 34.30 -31.41
C PRO A 467 -7.04 34.12 -32.75
N GLN A 468 -6.68 35.20 -33.42
CA GLN A 468 -5.95 35.07 -34.68
C GLN A 468 -4.48 35.40 -34.49
N THR A 469 -4.05 35.50 -33.24
CA THR A 469 -2.69 35.95 -32.93
C THR A 469 -1.63 35.09 -33.59
N SER A 470 -0.85 35.71 -34.47
CA SER A 470 0.19 34.99 -35.17
C SER A 470 1.07 34.25 -34.17
N ASP A 471 1.67 33.16 -34.64
CA ASP A 471 2.60 32.36 -33.88
C ASP A 471 3.85 33.19 -33.67
N GLU A 472 4.20 34.00 -34.66
CA GLU A 472 5.34 34.91 -34.56
C GLU A 472 5.16 35.83 -33.37
N LYS A 473 3.93 36.28 -33.15
CA LYS A 473 3.59 37.11 -32.01
C LYS A 473 3.60 36.28 -30.73
N LEU A 474 2.89 35.16 -30.76
CA LEU A 474 2.75 34.27 -29.61
C LEU A 474 4.11 33.92 -29.04
N ALA A 475 5.06 33.68 -29.94
CA ALA A 475 6.42 33.32 -29.57
C ALA A 475 7.07 34.44 -28.76
N GLU A 476 6.55 35.65 -28.92
CA GLU A 476 7.08 36.78 -28.16
C GLU A 476 6.62 36.68 -26.71
N TYR A 477 5.67 35.78 -26.45
CA TYR A 477 5.12 35.62 -25.12
C TYR A 477 5.70 34.40 -24.42
N ILE A 478 5.75 33.30 -25.16
CA ILE A 478 6.25 32.02 -24.67
C ILE A 478 7.44 31.59 -25.53
N PRO A 479 8.59 32.25 -25.36
CA PRO A 479 9.78 32.02 -26.19
C PRO A 479 10.15 30.56 -26.26
N ALA A 480 10.41 29.96 -25.11
CA ALA A 480 10.93 28.59 -25.07
C ALA A 480 10.42 27.87 -23.83
N PRO A 481 10.59 26.55 -23.81
CA PRO A 481 10.31 25.85 -22.57
C PRO A 481 11.07 26.56 -21.47
N ASP A 482 10.60 26.40 -20.23
CA ASP A 482 11.33 26.88 -19.09
C ASP A 482 11.52 25.64 -18.23
N LEU A 483 12.79 25.25 -18.06
CA LEU A 483 13.16 24.03 -17.35
C LEU A 483 13.51 24.35 -15.91
N PRO A 484 13.43 23.33 -15.02
CA PRO A 484 13.67 23.41 -13.57
C PRO A 484 15.06 23.85 -13.16
N THR A 485 15.94 24.15 -14.10
CA THR A 485 17.30 24.54 -13.78
C THR A 485 17.69 25.90 -14.36
N LYS A 486 18.88 26.39 -14.00
CA LYS A 486 19.29 27.70 -14.45
C LYS A 486 20.26 27.68 -15.64
N ALA A 487 20.59 26.48 -16.13
CA ALA A 487 21.40 26.33 -17.32
C ALA A 487 20.70 26.99 -18.52
N GLU A 488 21.46 27.30 -19.57
CA GLU A 488 20.91 28.04 -20.69
C GLU A 488 20.27 27.17 -21.76
N ILE A 489 19.14 27.62 -22.27
CA ILE A 489 18.52 27.06 -23.46
C ILE A 489 19.17 27.74 -24.66
N ILE A 490 20.00 27.02 -25.42
CA ILE A 490 20.86 27.67 -26.42
C ILE A 490 20.45 27.49 -27.89
N THR A 491 19.17 27.50 -28.20
CA THR A 491 18.76 27.30 -29.58
C THR A 491 18.37 28.64 -30.21
N PRO A 492 18.56 28.78 -31.53
CA PRO A 492 18.15 30.02 -32.19
C PRO A 492 16.65 30.21 -32.12
N PRO A 493 16.23 31.45 -31.90
CA PRO A 493 14.82 31.84 -31.97
C PRO A 493 14.15 31.16 -33.16
N GLU A 494 14.72 31.36 -34.33
CA GLU A 494 14.16 30.84 -35.55
C GLU A 494 13.69 29.41 -35.30
N GLU A 495 14.58 28.58 -34.80
CA GLU A 495 14.31 27.14 -34.69
C GLU A 495 13.34 26.74 -33.57
N LEU A 496 13.33 27.49 -32.47
CA LEU A 496 12.33 27.30 -31.41
C LEU A 496 10.94 27.62 -31.94
N LEU A 497 10.85 28.70 -32.71
CA LEU A 497 9.59 29.05 -33.35
C LEU A 497 9.17 27.89 -34.25
N LYS A 498 10.13 27.28 -34.94
CA LYS A 498 9.83 26.13 -35.79
C LYS A 498 9.28 24.99 -34.93
N ILE A 499 10.00 24.68 -33.87
CA ILE A 499 9.58 23.67 -32.90
C ILE A 499 8.15 23.90 -32.46
N GLN A 500 7.84 25.14 -32.08
CA GLN A 500 6.51 25.49 -31.59
C GLN A 500 5.43 25.36 -32.65
N THR A 501 5.63 26.02 -33.80
CA THR A 501 4.61 25.99 -34.84
C THR A 501 4.40 24.59 -35.39
N THR A 502 5.40 23.73 -35.26
CA THR A 502 5.34 22.43 -35.92
C THR A 502 5.16 21.23 -34.99
N GLY A 503 5.39 21.44 -33.69
CA GLY A 503 5.21 20.40 -32.70
C GLY A 503 6.38 19.44 -32.62
N ARG A 504 6.84 18.99 -33.78
CA ARG A 504 8.05 18.19 -33.87
C ARG A 504 9.22 19.14 -33.76
N GLY A 505 10.37 18.63 -33.32
CA GLY A 505 11.55 19.47 -33.18
C GLY A 505 12.57 18.99 -32.17
N SER A 506 13.57 19.83 -31.91
CA SER A 506 14.63 19.50 -30.96
C SER A 506 15.34 20.74 -30.42
N TYR A 507 15.71 20.72 -29.14
CA TYR A 507 16.35 21.88 -28.53
C TYR A 507 17.50 21.50 -27.63
N ARG A 508 18.48 22.39 -27.54
CA ARG A 508 19.69 22.09 -26.80
C ARG A 508 19.82 23.01 -25.59
N MET A 509 20.42 22.46 -24.53
CA MET A 509 20.73 23.20 -23.33
C MET A 509 22.22 23.09 -23.05
N ARG A 510 22.78 24.10 -22.40
CA ARG A 510 24.19 24.10 -22.07
C ARG A 510 24.45 24.51 -20.64
N ALA A 511 25.21 23.70 -19.92
CA ALA A 511 25.57 23.99 -18.54
C ALA A 511 26.24 25.36 -18.43
N VAL A 512 26.33 25.88 -17.23
CA VAL A 512 26.78 27.25 -17.05
C VAL A 512 28.04 27.26 -16.25
N TYR A 513 29.02 28.02 -16.72
CA TYR A 513 30.32 28.03 -16.09
C TYR A 513 30.99 29.39 -16.09
N THR A 514 32.05 29.48 -15.32
CA THR A 514 33.01 30.59 -15.38
C THR A 514 34.41 30.00 -15.32
N ILE A 515 35.43 30.85 -15.39
CA ILE A 515 36.81 30.36 -15.24
C ILE A 515 37.55 30.95 -14.04
N GLU A 516 38.37 30.11 -13.41
CA GLU A 516 39.16 30.55 -12.26
C GLU A 516 40.52 29.89 -12.26
N LYS A 517 41.53 30.62 -12.75
CA LYS A 517 42.88 30.08 -12.85
C LYS A 517 42.96 29.01 -13.95
N ASN A 518 43.27 27.79 -13.55
CA ASN A 518 43.29 26.66 -14.49
C ASN A 518 42.14 25.71 -14.22
N GLU A 519 41.16 26.18 -13.45
CA GLU A 519 39.95 25.40 -13.16
C GLU A 519 38.65 26.02 -13.70
N ILE A 520 37.84 25.18 -14.36
CA ILE A 520 36.55 25.59 -14.89
C ILE A 520 35.44 25.34 -13.87
N VAL A 521 34.73 26.39 -13.45
CA VAL A 521 33.73 26.19 -12.40
C VAL A 521 32.25 26.19 -12.86
N ILE A 522 31.63 25.01 -12.75
CA ILE A 522 30.27 24.78 -13.24
C ILE A 522 29.24 24.73 -12.13
N THR A 523 28.21 25.59 -12.26
CA THR A 523 27.16 25.76 -11.24
C THR A 523 25.74 25.37 -11.70
N GLU A 524 25.56 25.19 -13.00
CA GLU A 524 24.27 24.79 -13.54
C GLU A 524 24.41 23.70 -14.57
N LEU A 525 23.75 22.56 -14.35
CA LEU A 525 23.67 21.55 -15.41
C LEU A 525 22.31 21.60 -16.10
N PRO A 526 22.23 21.08 -17.32
CA PRO A 526 20.99 21.12 -18.12
C PRO A 526 19.94 20.15 -17.63
N TYR A 527 18.70 20.38 -18.03
CA TYR A 527 17.55 19.62 -17.52
C TYR A 527 17.87 18.14 -17.45
N GLN A 528 17.70 17.58 -16.25
CA GLN A 528 17.80 16.14 -16.03
C GLN A 528 19.21 15.50 -16.16
N VAL A 529 20.27 16.30 -16.03
CA VAL A 529 21.61 15.74 -16.10
C VAL A 529 22.31 15.63 -14.75
N SER A 530 22.56 14.39 -14.33
CA SER A 530 23.18 14.12 -13.04
C SER A 530 24.63 14.58 -13.00
N GLY A 531 24.95 15.39 -12.00
CA GLY A 531 26.30 15.87 -11.81
C GLY A 531 27.31 14.76 -11.98
N SER A 532 27.08 13.65 -11.29
CA SER A 532 28.01 12.52 -11.33
C SER A 532 28.20 11.97 -12.74
N LYS A 533 27.15 11.47 -13.37
CA LYS A 533 27.27 10.99 -14.74
C LYS A 533 28.21 11.87 -15.59
N VAL A 534 28.19 13.18 -15.34
CA VAL A 534 29.10 14.09 -16.04
C VAL A 534 30.54 13.81 -15.61
N ILE A 535 30.78 13.82 -14.31
CA ILE A 535 32.04 13.37 -13.75
C ILE A 535 32.42 11.97 -14.26
N THR A 536 31.46 11.08 -14.44
CA THR A 536 31.79 9.79 -15.04
C THR A 536 32.30 10.01 -16.45
N GLN A 537 31.41 10.42 -17.36
CA GLN A 537 31.77 10.66 -18.74
C GLN A 537 33.14 11.31 -18.86
N ILE A 538 33.42 12.30 -18.02
CA ILE A 538 34.71 12.98 -18.04
C ILE A 538 35.86 12.00 -17.71
N ALA A 539 35.79 11.37 -16.55
CA ALA A 539 36.84 10.42 -16.18
C ALA A 539 36.98 9.22 -17.15
N ASP A 540 35.97 9.00 -18.00
CA ASP A 540 36.06 7.93 -19.00
C ASP A 540 37.04 8.29 -20.07
N GLN A 541 36.99 9.54 -20.51
CA GLN A 541 37.93 10.04 -21.51
C GLN A 541 39.34 10.05 -20.95
N MET A 542 39.45 10.41 -19.67
CA MET A 542 40.74 10.37 -18.99
C MET A 542 41.34 8.96 -19.03
N GLN A 543 40.55 7.96 -18.65
CA GLN A 543 40.98 6.55 -18.74
C GLN A 543 41.27 6.12 -20.19
N ALA A 544 40.43 6.58 -21.11
CA ALA A 544 40.64 6.32 -22.53
C ALA A 544 41.79 7.16 -23.06
N LYS A 545 42.17 8.16 -22.28
CA LYS A 545 43.27 9.05 -22.61
C LYS A 545 42.96 9.91 -23.83
N LYS A 546 41.67 10.19 -24.03
CA LYS A 546 41.25 11.13 -25.08
C LYS A 546 41.56 12.56 -24.67
N LEU A 547 41.57 12.81 -23.37
CA LEU A 547 41.99 14.09 -22.83
C LEU A 547 43.21 13.87 -21.97
N PRO A 548 44.34 14.45 -22.37
CA PRO A 548 45.57 14.44 -21.58
C PRO A 548 45.74 15.78 -20.89
N LEU A 549 44.65 16.53 -20.84
CA LEU A 549 44.68 17.94 -20.46
C LEU A 549 44.26 18.16 -19.01
N VAL A 550 43.51 17.20 -18.45
CA VAL A 550 42.89 17.36 -17.13
C VAL A 550 43.71 16.74 -15.98
N VAL A 551 43.69 17.42 -14.82
CA VAL A 551 44.41 16.97 -13.62
C VAL A 551 43.50 16.26 -12.61
N ASP A 552 42.22 16.64 -12.63
CA ASP A 552 41.25 16.20 -11.62
C ASP A 552 39.88 16.80 -11.94
N VAL A 553 38.85 16.27 -11.29
CA VAL A 553 37.51 16.85 -11.35
C VAL A 553 36.94 16.81 -9.93
N ARG A 554 36.95 17.94 -9.24
CA ARG A 554 36.47 18.00 -7.86
C ARG A 554 35.00 18.41 -7.79
N ASP A 555 34.18 17.54 -7.24
CA ASP A 555 32.79 17.90 -6.99
C ASP A 555 32.63 18.60 -5.63
N GLU A 556 32.91 19.91 -5.60
CA GLU A 556 32.51 20.72 -4.46
C GLU A 556 31.02 20.90 -4.62
N SER A 557 30.32 21.10 -3.52
CA SER A 557 28.87 21.09 -3.56
C SER A 557 28.38 21.04 -2.15
N ASP A 558 27.18 21.57 -1.92
CA ASP A 558 26.69 21.68 -0.57
C ASP A 558 25.35 22.35 -0.52
N HIS A 559 24.82 22.34 0.70
CA HIS A 559 23.69 23.16 1.12
C HIS A 559 23.62 24.54 0.43
N GLU A 560 24.78 25.18 0.27
CA GLU A 560 24.89 26.53 -0.33
C GLU A 560 24.92 26.53 -1.86
N ASN A 561 25.60 25.56 -2.45
CA ASN A 561 25.64 25.44 -3.90
C ASN A 561 25.15 24.06 -4.30
N PRO A 562 23.91 24.01 -4.80
CA PRO A 562 23.29 22.76 -5.26
C PRO A 562 24.24 22.05 -6.22
N THR A 563 24.87 22.82 -7.10
CA THR A 563 25.83 22.27 -8.05
C THR A 563 27.11 23.08 -7.99
N ARG A 564 28.23 22.39 -8.17
CA ARG A 564 29.54 23.04 -8.12
C ARG A 564 30.63 22.07 -8.58
N LEU A 565 30.63 21.75 -9.87
CA LEU A 565 31.64 20.85 -10.41
C LEU A 565 32.84 21.59 -10.92
N VAL A 566 33.96 21.45 -10.21
CA VAL A 566 35.21 22.06 -10.65
C VAL A 566 36.04 21.12 -11.53
N ILE A 567 36.34 21.58 -12.74
CA ILE A 567 37.23 20.87 -13.64
C ILE A 567 38.62 21.52 -13.62
N VAL A 568 39.64 20.77 -13.23
CA VAL A 568 40.98 21.33 -13.13
C VAL A 568 41.84 20.99 -14.34
N LEU A 569 42.17 21.99 -15.14
CA LEU A 569 43.08 21.80 -16.27
C LEU A 569 44.52 21.58 -15.76
N ARG A 570 45.51 21.53 -16.65
CA ARG A 570 46.89 21.35 -16.22
C ARG A 570 47.52 22.64 -15.73
N SER A 571 47.92 23.50 -16.66
CA SER A 571 48.52 24.77 -16.31
C SER A 571 47.57 25.94 -16.46
N ASN A 572 47.92 27.05 -15.81
CA ASN A 572 47.21 28.30 -16.01
C ASN A 572 47.57 28.84 -17.39
N ARG A 573 47.99 27.92 -18.27
CA ARG A 573 48.36 28.26 -19.65
C ARG A 573 47.37 27.67 -20.66
N ILE A 574 46.70 26.59 -20.28
CA ILE A 574 45.75 25.91 -21.16
C ILE A 574 44.49 26.75 -21.44
N ASP A 575 43.97 26.62 -22.66
CA ASP A 575 42.80 27.40 -23.10
C ASP A 575 41.44 26.78 -22.72
N ALA A 576 41.11 26.85 -21.44
CA ALA A 576 39.85 26.29 -20.92
C ALA A 576 38.70 26.30 -21.92
N GLU A 577 38.51 27.45 -22.57
CA GLU A 577 37.51 27.63 -23.61
C GLU A 577 37.38 26.45 -24.55
N ALA A 578 38.52 25.93 -24.97
CA ALA A 578 38.55 24.79 -25.86
C ALA A 578 38.14 23.54 -25.11
N VAL A 579 38.73 23.33 -23.93
CA VAL A 579 38.38 22.18 -23.10
C VAL A 579 36.87 22.20 -22.86
N MET A 580 36.36 23.32 -22.36
CA MET A 580 34.92 23.44 -22.15
C MET A 580 34.13 23.29 -23.44
N SER A 581 34.62 23.92 -24.51
CA SER A 581 33.95 23.83 -25.80
C SER A 581 33.98 22.40 -26.29
N HIS A 582 35.05 21.70 -25.95
CA HIS A 582 35.21 20.31 -26.34
C HIS A 582 34.23 19.45 -25.56
N LEU A 583 34.29 19.57 -24.24
CA LEU A 583 33.39 18.85 -23.35
C LEU A 583 31.94 19.00 -23.77
N PHE A 584 31.52 20.24 -24.00
CA PHE A 584 30.18 20.50 -24.53
C PHE A 584 29.88 19.48 -25.65
N ALA A 585 30.82 19.28 -26.57
CA ALA A 585 30.57 18.36 -27.68
C ALA A 585 31.02 16.91 -27.46
N THR A 586 31.10 16.48 -26.20
CA THR A 586 31.45 15.10 -25.88
C THR A 586 30.85 14.57 -24.58
N THR A 587 30.31 15.47 -23.75
CA THR A 587 29.63 15.09 -22.51
C THR A 587 28.19 15.61 -22.51
N ASP A 588 27.50 15.41 -21.39
CA ASP A 588 26.13 15.86 -21.25
C ASP A 588 26.07 17.30 -20.77
N LEU A 589 27.21 17.94 -20.60
CA LEU A 589 27.21 19.33 -20.18
C LEU A 589 26.42 20.11 -21.20
N GLU A 590 26.37 19.55 -22.41
CA GLU A 590 25.47 20.04 -23.45
C GLU A 590 24.58 18.86 -23.79
N SER A 591 23.28 19.11 -23.95
CA SER A 591 22.36 18.02 -24.25
C SER A 591 21.22 18.45 -25.15
N SER A 592 20.69 17.47 -25.89
CA SER A 592 19.58 17.72 -26.78
C SER A 592 18.31 17.12 -26.20
N TYR A 593 17.17 17.72 -26.54
CA TYR A 593 15.89 17.36 -25.95
C TYR A 593 14.77 17.22 -27.00
N ARG A 594 14.13 16.05 -27.01
CA ARG A 594 13.02 15.76 -27.92
C ARG A 594 11.77 16.62 -27.72
N VAL A 595 11.10 16.97 -28.81
CA VAL A 595 9.80 17.65 -28.73
C VAL A 595 8.74 16.99 -29.62
N ASN A 596 7.82 16.23 -29.03
CA ASN A 596 6.73 15.65 -29.79
C ASN A 596 5.35 15.93 -29.16
N LEU A 597 4.78 17.09 -29.47
CA LEU A 597 3.52 17.52 -28.87
C LEU A 597 2.35 16.64 -29.30
N ASN A 598 2.39 15.37 -28.94
CA ASN A 598 1.23 14.50 -29.07
C ASN A 598 0.47 14.50 -27.73
N MET A 599 -0.81 14.12 -27.77
CA MET A 599 -1.67 14.16 -26.58
C MET A 599 -3.10 13.85 -26.99
N ILE A 600 -3.90 13.32 -26.09
CA ILE A 600 -5.30 13.17 -26.43
C ILE A 600 -5.97 14.53 -26.30
N GLY A 601 -6.71 14.92 -27.32
CA GLY A 601 -7.41 16.19 -27.33
C GLY A 601 -8.84 16.03 -26.86
N GLU A 602 -9.57 17.14 -26.74
CA GLU A 602 -10.97 17.10 -26.36
C GLU A 602 -11.74 16.20 -27.30
N ASP A 603 -11.31 16.16 -28.56
CA ASP A 603 -11.97 15.32 -29.57
C ASP A 603 -11.86 13.82 -29.21
N GLY A 604 -11.11 13.54 -28.14
CA GLY A 604 -10.92 12.19 -27.66
C GLY A 604 -9.87 11.44 -28.46
N ARG A 605 -9.29 12.12 -29.45
CA ARG A 605 -8.31 11.54 -30.34
C ARG A 605 -6.91 12.15 -30.13
N PRO A 606 -5.85 11.39 -30.45
CA PRO A 606 -4.43 11.77 -30.38
C PRO A 606 -3.96 12.65 -31.55
N GLN A 607 -3.43 13.83 -31.25
CA GLN A 607 -2.97 14.76 -32.27
C GLN A 607 -1.63 15.34 -31.88
N VAL A 608 -0.83 15.70 -32.88
CA VAL A 608 0.36 16.49 -32.63
C VAL A 608 0.02 17.94 -32.90
N LYS A 609 0.04 18.77 -31.87
CA LYS A 609 -0.54 20.11 -31.98
C LYS A 609 0.49 21.24 -31.86
N SER A 610 0.14 22.41 -32.40
CA SER A 610 0.98 23.58 -32.24
C SER A 610 0.90 24.14 -30.84
N ILE A 611 1.76 25.11 -30.53
CA ILE A 611 1.75 25.71 -29.23
C ILE A 611 0.58 26.69 -29.16
N ARG A 612 0.39 27.43 -30.25
CA ARG A 612 -0.80 28.27 -30.36
C ARG A 612 -2.07 27.40 -30.42
N ARG A 613 -2.05 26.36 -31.23
CA ARG A 613 -3.15 25.41 -31.28
C ARG A 613 -3.53 24.89 -29.91
N ILE A 614 -2.56 24.37 -29.18
CA ILE A 614 -2.80 23.83 -27.84
C ILE A 614 -3.45 24.83 -26.92
N LEU A 615 -2.98 26.08 -26.97
CA LEU A 615 -3.58 27.13 -26.17
C LEU A 615 -4.99 27.46 -26.66
N LEU A 616 -5.14 27.57 -27.97
CA LEU A 616 -6.45 27.89 -28.51
C LEU A 616 -7.43 26.85 -28.02
N GLU A 617 -7.09 25.59 -28.23
CA GLU A 617 -8.00 24.49 -27.96
C GLU A 617 -8.27 24.39 -26.47
N TRP A 618 -7.28 24.72 -25.67
CA TRP A 618 -7.44 24.63 -24.23
C TRP A 618 -8.50 25.63 -23.81
N ILE A 619 -8.34 26.88 -24.27
CA ILE A 619 -9.30 27.94 -23.96
C ILE A 619 -10.75 27.54 -24.27
N GLU A 620 -10.95 26.77 -25.32
CA GLU A 620 -12.25 26.18 -25.60
C GLU A 620 -12.67 25.20 -24.51
N ILE A 621 -11.69 24.61 -23.86
CA ILE A 621 -11.98 23.68 -22.77
C ILE A 621 -12.20 24.40 -21.43
N ARG A 622 -11.54 25.54 -21.23
CA ARG A 622 -11.71 26.32 -20.02
C ARG A 622 -13.02 27.13 -20.05
N LYS A 623 -13.39 27.62 -21.24
CA LYS A 623 -14.68 28.25 -21.43
C LYS A 623 -15.76 27.27 -21.04
N LYS A 624 -15.65 26.04 -21.51
CA LYS A 624 -16.70 25.08 -21.26
C LYS A 624 -16.74 24.71 -19.79
N THR A 625 -15.60 24.81 -19.11
CA THR A 625 -15.51 24.45 -17.69
C THR A 625 -16.18 25.52 -16.84
N VAL A 626 -15.63 26.74 -16.85
CA VAL A 626 -16.20 27.85 -16.09
C VAL A 626 -17.74 27.94 -16.25
N THR A 627 -18.20 27.59 -17.44
CA THR A 627 -19.61 27.46 -17.72
C THR A 627 -20.21 26.41 -16.79
N ARG A 628 -19.92 25.13 -17.03
CA ARG A 628 -20.48 24.04 -16.20
C ARG A 628 -20.63 24.52 -14.76
N ARG A 629 -19.61 25.25 -14.32
CA ARG A 629 -19.45 25.69 -12.95
C ARG A 629 -20.50 26.72 -12.55
N LEU A 630 -20.63 27.77 -13.35
CA LEU A 630 -21.66 28.78 -13.09
C LEU A 630 -23.05 28.15 -13.18
N GLN A 631 -23.27 27.30 -14.18
CA GLN A 631 -24.50 26.54 -14.22
C GLN A 631 -24.69 25.90 -12.86
N TYR A 632 -23.68 25.15 -12.41
CA TYR A 632 -23.76 24.51 -11.10
C TYR A 632 -24.24 25.47 -9.99
N HIS A 633 -23.45 26.51 -9.72
CA HIS A 633 -23.80 27.46 -8.67
C HIS A 633 -25.19 28.06 -8.82
N LEU A 634 -25.50 28.59 -10.01
CA LEU A 634 -26.84 29.09 -10.28
C LEU A 634 -27.94 28.07 -9.95
N ASN A 635 -27.95 26.96 -10.66
CA ASN A 635 -28.97 25.92 -10.44
C ASN A 635 -29.10 25.43 -9.01
N ARG A 636 -28.27 25.93 -8.10
CA ARG A 636 -28.52 25.70 -6.69
C ARG A 636 -29.19 26.93 -6.12
N ILE A 637 -28.56 28.09 -6.30
CA ILE A 637 -29.14 29.36 -5.89
C ILE A 637 -30.63 29.46 -6.27
N GLU A 638 -31.00 28.89 -7.41
CA GLU A 638 -32.39 28.86 -7.80
C GLU A 638 -33.10 27.93 -6.86
N LYS A 639 -32.94 26.63 -7.06
CA LYS A 639 -33.65 25.64 -6.24
C LYS A 639 -33.72 26.07 -4.77
N ARG A 640 -32.76 26.87 -4.34
CA ARG A 640 -32.70 27.37 -2.98
C ARG A 640 -33.55 28.61 -2.78
N LEU A 641 -33.40 29.60 -3.67
CA LEU A 641 -34.21 30.80 -3.58
C LEU A 641 -35.68 30.39 -3.62
N HIS A 642 -35.95 29.34 -4.38
CA HIS A 642 -37.26 28.72 -4.46
C HIS A 642 -37.78 28.33 -3.07
N ILE A 643 -36.97 27.60 -2.31
CA ILE A 643 -37.35 27.18 -0.96
C ILE A 643 -37.57 28.38 -0.08
N LEU A 644 -36.62 29.32 -0.06
CA LEU A 644 -36.76 30.56 0.69
C LEU A 644 -38.13 31.21 0.44
N ALA A 645 -38.37 31.48 -0.83
CA ALA A 645 -39.66 31.93 -1.33
C ALA A 645 -40.82 31.33 -0.51
N GLY A 646 -41.03 30.03 -0.68
CA GLY A 646 -42.10 29.34 0.02
C GLY A 646 -42.02 29.51 1.52
N LEU A 647 -40.81 29.43 2.05
CA LEU A 647 -40.65 29.53 3.50
C LEU A 647 -41.34 30.78 4.04
N LEU A 648 -40.79 31.95 3.76
CA LEU A 648 -41.36 33.17 4.33
C LEU A 648 -42.81 33.40 3.87
N ILE A 649 -43.32 32.50 3.04
CA ILE A 649 -44.76 32.41 2.77
C ILE A 649 -45.47 31.87 4.00
N ALA A 650 -44.87 30.85 4.61
CA ALA A 650 -45.37 30.30 5.85
C ALA A 650 -45.19 31.30 7.00
N TYR A 651 -44.06 31.99 7.00
CA TYR A 651 -43.76 32.95 8.07
C TYR A 651 -44.81 34.05 8.22
N LEU A 652 -45.54 34.30 7.14
CA LEU A 652 -46.71 35.17 7.22
C LEU A 652 -47.73 34.42 8.06
N ASP A 653 -48.41 33.49 7.42
CA ASP A 653 -49.41 32.67 8.11
C ASP A 653 -48.76 31.46 8.76
N ILE A 654 -47.98 31.71 9.80
CA ILE A 654 -47.28 30.62 10.46
C ILE A 654 -48.25 29.76 11.26
N ASP A 655 -49.29 30.40 11.80
CA ASP A 655 -50.24 29.71 12.66
C ASP A 655 -51.03 28.62 11.93
N THR A 656 -51.51 28.95 10.74
CA THR A 656 -52.24 28.00 9.91
C THR A 656 -51.41 26.75 9.65
N VAL A 657 -50.13 26.96 9.40
CA VAL A 657 -49.24 25.87 9.09
C VAL A 657 -49.25 24.90 10.26
N ILE A 658 -49.19 25.44 11.47
CA ILE A 658 -49.15 24.60 12.65
C ILE A 658 -50.50 23.94 12.83
N ARG A 659 -51.56 24.71 12.63
CA ARG A 659 -52.89 24.14 12.65
C ARG A 659 -52.92 22.97 11.67
N ILE A 660 -52.68 23.26 10.38
CA ILE A 660 -52.79 22.24 9.34
C ILE A 660 -52.04 20.96 9.71
N ILE A 661 -50.87 21.12 10.32
CA ILE A 661 -50.03 20.00 10.77
C ILE A 661 -50.68 19.15 11.87
N ARG A 662 -51.14 19.81 12.93
CA ARG A 662 -51.74 19.13 14.08
C ARG A 662 -53.12 18.58 13.76
N GLU A 663 -53.75 19.18 12.74
CA GLU A 663 -55.12 18.84 12.39
C GLU A 663 -55.20 17.71 11.36
N GLU A 664 -54.13 17.49 10.59
CA GLU A 664 -54.26 16.57 9.46
C GLU A 664 -53.36 15.32 9.42
N ASP A 665 -53.90 14.26 8.82
CA ASP A 665 -53.24 12.96 8.69
C ASP A 665 -52.02 13.06 7.80
N GLN A 666 -52.27 13.15 6.50
CA GLN A 666 -51.24 13.55 5.55
C GLN A 666 -51.40 15.05 5.36
N PRO A 667 -50.51 15.81 6.03
CA PRO A 667 -50.57 17.27 6.11
C PRO A 667 -49.84 17.91 4.95
N LYS A 668 -49.15 17.09 4.16
CA LYS A 668 -48.33 17.61 3.08
C LYS A 668 -49.17 18.22 1.94
N PRO A 669 -50.22 17.49 1.50
CA PRO A 669 -51.08 17.98 0.42
C PRO A 669 -51.99 19.12 0.88
N VAL A 670 -52.25 19.19 2.19
CA VAL A 670 -53.01 20.32 2.75
C VAL A 670 -52.18 21.60 2.60
N LEU A 671 -50.90 21.50 2.92
CA LEU A 671 -50.02 22.64 2.83
C LEU A 671 -49.88 23.10 1.38
N MET A 672 -49.98 22.16 0.44
CA MET A 672 -49.82 22.49 -0.97
C MET A 672 -51.04 23.21 -1.51
N GLU A 673 -52.22 22.69 -1.18
CA GLU A 673 -53.47 23.32 -1.58
C GLU A 673 -53.68 24.68 -0.91
N HIS A 674 -53.32 24.79 0.37
CA HIS A 674 -53.64 26.00 1.14
C HIS A 674 -52.80 27.22 0.78
N PHE A 675 -51.50 27.01 0.62
CA PHE A 675 -50.58 28.12 0.33
C PHE A 675 -50.18 28.16 -1.14
N ASN A 676 -50.64 27.18 -1.91
CA ASN A 676 -50.20 27.02 -3.29
C ASN A 676 -48.67 26.91 -3.34
N ILE A 677 -48.15 25.87 -2.69
CA ILE A 677 -46.73 25.59 -2.66
C ILE A 677 -46.60 24.10 -3.03
N ASP A 678 -45.53 23.74 -3.73
CA ASP A 678 -45.42 22.42 -4.36
C ASP A 678 -44.87 21.35 -3.42
N GLU A 679 -44.57 20.19 -3.98
CA GLU A 679 -44.06 19.10 -3.18
C GLU A 679 -42.77 19.49 -2.44
N ILE A 680 -41.89 20.21 -3.13
CA ILE A 680 -40.53 20.50 -2.61
C ILE A 680 -40.50 21.57 -1.50
N GLN A 681 -41.43 22.52 -1.55
CA GLN A 681 -41.53 23.55 -0.51
C GLN A 681 -42.28 23.06 0.73
N ALA A 682 -43.30 22.24 0.50
CA ALA A 682 -44.06 21.62 1.60
C ALA A 682 -43.13 20.99 2.62
N GLU A 683 -42.09 20.30 2.12
CA GLU A 683 -41.15 19.57 2.97
C GLU A 683 -40.13 20.45 3.69
N ALA A 684 -39.63 21.47 2.99
CA ALA A 684 -38.70 22.41 3.61
C ALA A 684 -39.33 23.01 4.87
N ILE A 685 -40.65 23.23 4.83
CA ILE A 685 -41.41 23.76 5.97
C ILE A 685 -41.61 22.70 7.06
N LEU A 686 -42.08 21.52 6.68
CA LEU A 686 -42.19 20.42 7.62
C LEU A 686 -40.85 20.07 8.27
N GLU A 687 -39.75 20.56 7.68
CA GLU A 687 -38.41 20.30 8.19
C GLU A 687 -37.81 21.62 8.66
N LEU A 688 -38.64 22.43 9.29
CA LEU A 688 -38.24 23.72 9.80
C LEU A 688 -38.20 23.62 11.32
N LYS A 689 -37.01 23.62 11.92
CA LYS A 689 -36.92 23.44 13.37
C LYS A 689 -37.63 24.59 14.05
N LEU A 690 -38.18 24.32 15.24
CA LEU A 690 -38.94 25.29 16.00
C LEU A 690 -38.17 26.57 16.27
N ARG A 691 -36.90 26.45 16.64
CA ARG A 691 -36.07 27.62 16.87
C ARG A 691 -36.21 28.68 15.77
N HIS A 692 -36.59 28.23 14.58
CA HIS A 692 -36.71 29.12 13.42
C HIS A 692 -37.91 30.09 13.49
N LEU A 693 -39.00 29.67 14.09
CA LEU A 693 -40.18 30.52 14.19
C LEU A 693 -39.86 31.89 14.80
N ALA A 694 -38.69 31.99 15.43
CA ALA A 694 -38.25 33.24 16.05
C ALA A 694 -38.21 34.42 15.07
N LYS A 695 -38.69 35.57 15.54
CA LYS A 695 -38.74 36.76 14.70
C LYS A 695 -37.36 37.10 14.15
N LEU A 696 -36.32 36.83 14.92
CA LEU A 696 -34.96 37.04 14.44
C LEU A 696 -34.70 36.22 13.19
N GLU A 697 -34.65 34.89 13.36
CA GLU A 697 -34.31 33.97 12.27
C GLU A 697 -35.26 34.08 11.07
N GLU A 698 -36.28 34.93 11.18
CA GLU A 698 -37.20 35.18 10.07
C GLU A 698 -36.58 36.24 9.17
N MET A 699 -36.51 37.46 9.66
CA MET A 699 -35.85 38.56 8.96
C MET A 699 -34.42 38.19 8.52
N GLU A 700 -33.87 37.12 9.10
CA GLU A 700 -32.55 36.66 8.70
C GLU A 700 -32.59 35.98 7.34
N ILE A 701 -33.58 35.12 7.11
CA ILE A 701 -33.70 34.44 5.82
C ILE A 701 -34.45 35.29 4.77
N ARG A 702 -34.58 36.58 5.06
CA ARG A 702 -35.14 37.51 4.09
C ARG A 702 -34.00 38.23 3.39
N HIS A 703 -32.95 38.52 4.15
CA HIS A 703 -31.76 39.15 3.57
C HIS A 703 -31.02 38.10 2.76
N GLU A 704 -30.96 36.89 3.29
CA GLU A 704 -30.33 35.81 2.55
C GLU A 704 -30.98 35.68 1.18
N GLN A 705 -32.17 36.23 1.02
CA GLN A 705 -32.80 36.21 -0.27
C GLN A 705 -32.12 37.26 -1.14
N ASP A 706 -31.78 38.38 -0.51
CA ASP A 706 -31.16 39.53 -1.18
C ASP A 706 -29.86 39.14 -1.85
N GLU A 707 -28.89 38.72 -1.04
CA GLU A 707 -27.63 38.21 -1.55
C GLU A 707 -27.91 37.22 -2.66
N LEU A 708 -28.59 36.13 -2.32
CA LEU A 708 -28.87 35.05 -3.27
C LEU A 708 -29.29 35.58 -4.63
N SER A 709 -30.28 36.47 -4.63
CA SER A 709 -30.88 36.95 -5.87
C SER A 709 -29.99 37.87 -6.69
N ALA A 710 -29.07 38.53 -6.00
CA ALA A 710 -28.09 39.40 -6.66
C ALA A 710 -27.00 38.53 -7.24
N LYS A 711 -26.50 37.61 -6.43
CA LYS A 711 -25.47 36.67 -6.85
C LYS A 711 -25.90 35.99 -8.15
N ALA A 712 -27.19 35.69 -8.25
CA ALA A 712 -27.77 35.02 -9.41
C ALA A 712 -27.75 35.88 -10.68
N ALA A 713 -28.13 37.15 -10.52
CA ALA A 713 -28.09 38.10 -11.63
C ALA A 713 -26.66 38.20 -12.15
N ILE A 714 -25.74 38.53 -11.27
CA ILE A 714 -24.31 38.57 -11.62
C ILE A 714 -23.87 37.35 -12.41
N ILE A 715 -24.47 36.19 -12.11
CA ILE A 715 -24.06 34.92 -12.71
C ILE A 715 -24.66 34.72 -14.08
N ARG A 716 -25.98 34.83 -14.16
CA ARG A 716 -26.68 34.59 -15.42
C ARG A 716 -26.32 35.65 -16.46
N GLU A 717 -25.78 36.78 -16.02
CA GLU A 717 -25.25 37.77 -16.94
C GLU A 717 -23.96 37.19 -17.55
N GLN A 718 -23.15 36.61 -16.68
CA GLN A 718 -21.90 36.00 -17.07
C GLN A 718 -22.13 34.90 -18.08
N LEU A 719 -23.12 34.05 -17.86
CA LEU A 719 -23.40 32.99 -18.83
C LEU A 719 -23.84 33.63 -20.14
N GLU A 720 -24.79 34.56 -20.02
CA GLU A 720 -25.51 35.17 -21.14
C GLU A 720 -24.59 35.83 -22.15
N ASN A 721 -23.49 36.36 -21.66
CA ASN A 721 -22.66 37.24 -22.44
C ASN A 721 -21.27 36.66 -22.64
N PRO A 722 -21.04 36.00 -23.79
CA PRO A 722 -19.72 35.48 -24.13
C PRO A 722 -18.60 36.44 -23.75
N GLU A 723 -18.80 37.74 -23.93
CA GLU A 723 -17.74 38.70 -23.64
C GLU A 723 -17.49 38.99 -22.16
N SER A 724 -18.51 38.89 -21.32
CA SER A 724 -18.27 39.12 -19.90
C SER A 724 -17.77 37.82 -19.23
N LEU A 725 -17.69 36.77 -20.03
CA LEU A 725 -17.18 35.49 -19.56
C LEU A 725 -15.69 35.52 -19.74
N LYS A 726 -15.27 35.87 -20.94
CA LYS A 726 -13.86 35.95 -21.25
C LYS A 726 -13.13 36.80 -20.20
N ASN A 727 -13.79 37.85 -19.72
CA ASN A 727 -13.21 38.72 -18.69
C ASN A 727 -13.06 37.98 -17.38
N LEU A 728 -14.03 37.11 -17.11
CA LEU A 728 -13.99 36.27 -15.94
C LEU A 728 -12.78 35.33 -16.04
N ILE A 729 -12.68 34.59 -17.14
CA ILE A 729 -11.59 33.64 -17.34
C ILE A 729 -10.21 34.34 -17.43
N ILE A 730 -10.18 35.49 -18.09
CA ILE A 730 -8.98 36.30 -18.16
C ILE A 730 -8.56 36.77 -16.78
N SER A 731 -9.53 37.11 -15.93
CA SER A 731 -9.23 37.51 -14.55
C SER A 731 -8.73 36.31 -13.73
N GLU A 732 -9.32 35.16 -13.96
CA GLU A 732 -8.99 33.95 -13.21
C GLU A 732 -7.66 33.35 -13.66
N LEU A 733 -7.24 33.68 -14.87
CA LEU A 733 -5.88 33.39 -15.27
C LEU A 733 -4.96 34.40 -14.58
N LYS A 734 -5.22 35.69 -14.80
CA LYS A 734 -4.38 36.74 -14.22
C LYS A 734 -4.18 36.54 -12.72
N GLU A 735 -5.17 35.93 -12.07
CA GLU A 735 -5.11 35.72 -10.64
C GLU A 735 -4.12 34.62 -10.31
N ASP A 736 -4.32 33.44 -10.86
CA ASP A 736 -3.49 32.29 -10.51
C ASP A 736 -2.02 32.50 -10.93
N ALA A 737 -1.80 33.09 -12.11
CA ALA A 737 -0.47 33.48 -12.54
C ALA A 737 0.21 34.35 -11.47
N LYS A 738 -0.58 35.14 -10.75
CA LYS A 738 -0.07 35.87 -9.60
C LYS A 738 0.15 34.92 -8.42
N LYS A 739 -0.85 34.11 -8.08
CA LYS A 739 -0.74 33.20 -6.92
C LYS A 739 0.41 32.22 -7.07
N PHE A 740 0.41 31.49 -8.17
CA PHE A 740 1.30 30.34 -8.33
C PHE A 740 2.41 30.56 -9.38
N GLY A 741 2.56 31.80 -9.83
CA GLY A 741 3.52 32.08 -10.86
C GLY A 741 4.93 32.11 -10.29
N ASP A 742 5.91 32.01 -11.18
CA ASP A 742 7.28 32.27 -10.83
C ASP A 742 8.04 32.72 -12.06
N GLU A 743 9.08 33.51 -11.82
CA GLU A 743 9.97 34.01 -12.87
C GLU A 743 10.59 32.84 -13.65
N ARG A 744 11.30 33.16 -14.74
CA ARG A 744 11.98 32.14 -15.56
C ARG A 744 13.29 31.70 -14.93
N ARG A 745 13.70 30.45 -15.17
CA ARG A 745 14.96 29.94 -14.64
C ARG A 745 16.03 29.76 -15.72
N SER A 746 15.84 28.77 -16.58
CA SER A 746 16.76 28.50 -17.68
C SER A 746 16.62 29.62 -18.68
N PRO A 747 17.63 30.51 -18.75
CA PRO A 747 17.58 31.72 -19.58
C PRO A 747 17.76 31.33 -21.03
N ILE A 748 17.53 32.25 -21.96
CA ILE A 748 17.73 31.92 -23.38
C ILE A 748 18.82 32.76 -24.04
N VAL A 749 19.72 32.08 -24.74
CA VAL A 749 20.89 32.74 -25.34
C VAL A 749 21.10 32.39 -26.81
N ALA A 750 22.36 32.48 -27.24
CA ALA A 750 22.76 32.27 -28.63
C ALA A 750 23.59 31.01 -28.86
N GLU B 19 51.77 3.29 -3.97
CA GLU B 19 53.11 3.78 -4.23
C GLU B 19 53.73 2.97 -5.36
N ARG B 20 54.06 1.72 -5.04
CA ARG B 20 54.68 0.80 -5.96
C ARG B 20 53.65 -0.14 -6.57
N LYS B 21 54.05 -0.80 -7.64
CA LYS B 21 53.11 -1.58 -8.43
C LYS B 21 52.88 -2.98 -7.86
N LYS B 22 52.41 -3.03 -6.61
CA LYS B 22 52.11 -4.29 -5.91
C LYS B 22 51.31 -5.28 -6.78
N ILE B 23 51.32 -6.55 -6.40
CA ILE B 23 50.59 -7.58 -7.14
C ILE B 23 49.37 -8.04 -6.33
N VAL B 24 49.65 -8.57 -5.14
CA VAL B 24 48.65 -8.75 -4.12
C VAL B 24 48.16 -7.38 -3.73
N SER B 25 46.87 -7.13 -3.91
CA SER B 25 46.26 -5.85 -3.60
C SER B 25 45.07 -6.00 -2.64
N GLY B 26 44.80 -4.95 -1.88
CA GLY B 26 43.69 -4.97 -0.93
C GLY B 26 42.32 -5.02 -1.59
N PRO B 27 41.27 -5.23 -0.76
CA PRO B 27 39.87 -5.29 -1.20
C PRO B 27 39.40 -3.91 -1.61
N ALA B 28 38.69 -3.86 -2.74
CA ALA B 28 38.48 -2.61 -3.45
C ALA B 28 37.88 -1.49 -2.59
N LEU B 29 37.14 -1.86 -1.55
CA LEU B 29 36.26 -0.92 -0.83
C LEU B 29 34.82 -1.19 -1.24
N PRO B 30 33.89 -1.04 -0.29
CA PRO B 30 32.55 -1.58 -0.44
C PRO B 30 31.76 -0.87 -1.52
N GLY B 31 31.97 0.43 -1.70
CA GLY B 31 31.30 1.08 -2.82
C GLY B 31 29.90 1.52 -2.44
N LYS B 32 29.20 0.66 -1.73
CA LYS B 32 28.01 1.10 -1.03
C LYS B 32 28.43 2.11 0.01
N LEU B 33 29.73 2.30 0.17
CA LEU B 33 30.26 3.40 0.95
C LEU B 33 30.31 4.65 0.10
N ALA B 34 29.60 5.67 0.56
CA ALA B 34 29.68 7.03 -0.01
C ALA B 34 30.71 7.82 0.75
N ASP B 35 31.89 7.94 0.18
CA ASP B 35 33.02 8.42 0.95
C ASP B 35 33.18 9.92 0.90
N CYS B 36 33.98 10.45 1.82
CA CYS B 36 34.33 11.86 1.83
C CYS B 36 35.52 12.10 0.91
N VAL B 37 35.92 13.36 0.71
CA VAL B 37 37.10 13.67 -0.11
C VAL B 37 38.32 14.05 0.72
N GLY B 38 38.09 14.71 1.86
CA GLY B 38 39.17 15.11 2.73
C GLY B 38 39.91 13.92 3.32
N GLN B 39 41.21 13.78 3.02
CA GLN B 39 41.96 12.63 3.48
C GLN B 39 42.58 12.73 4.89
N THR B 40 42.40 13.85 5.57
CA THR B 40 42.91 13.93 6.93
C THR B 40 42.21 12.88 7.78
N ARG B 41 42.97 12.27 8.68
CA ARG B 41 42.45 11.18 9.49
C ARG B 41 41.41 11.63 10.51
N GLU B 42 41.71 12.70 11.24
CA GLU B 42 40.89 13.10 12.38
C GLU B 42 39.72 14.02 11.99
N GLU B 43 39.88 14.73 10.88
CA GLU B 43 38.84 15.63 10.41
C GLU B 43 37.67 14.81 9.84
N SER B 44 37.84 13.50 9.74
CA SER B 44 36.85 12.63 9.12
C SER B 44 35.86 12.03 10.09
N GLU B 45 34.86 11.36 9.54
CA GLU B 45 33.80 10.74 10.31
C GLU B 45 33.08 9.83 9.35
N LEU B 46 32.64 8.70 9.87
CA LEU B 46 31.83 7.79 9.08
C LEU B 46 30.49 7.54 9.75
N PHE B 47 29.41 7.80 9.04
CA PHE B 47 28.14 7.50 9.62
C PHE B 47 27.66 6.17 9.10
N ILE B 48 27.37 5.28 10.04
CA ILE B 48 26.91 3.96 9.72
C ILE B 48 25.39 3.96 9.91
N VAL B 49 24.63 4.13 8.82
CA VAL B 49 23.21 4.41 9.01
C VAL B 49 22.32 3.23 8.73
N GLU B 50 21.30 3.07 9.56
CA GLU B 50 20.42 1.96 9.43
C GLU B 50 19.59 2.06 8.16
N GLY B 51 19.96 1.28 7.15
CA GLY B 51 19.01 1.05 6.07
C GLY B 51 19.23 1.95 4.90
N ASP B 52 18.73 1.54 3.75
CA ASP B 52 18.99 2.26 2.52
C ASP B 52 18.28 3.62 2.41
N SER B 53 17.11 3.78 3.02
CA SER B 53 16.46 5.08 2.95
C SER B 53 17.33 6.07 3.68
N ALA B 54 17.50 5.84 4.98
CA ALA B 54 18.36 6.69 5.79
C ALA B 54 19.70 6.89 5.10
N GLY B 55 20.10 5.92 4.28
CA GLY B 55 21.32 6.03 3.51
C GLY B 55 21.24 7.26 2.63
N GLY B 56 20.44 7.16 1.58
CA GLY B 56 20.27 8.26 0.64
C GLY B 56 20.09 9.60 1.32
N SER B 57 19.26 9.65 2.36
CA SER B 57 18.95 10.91 3.05
C SER B 57 20.17 11.46 3.80
N ALA B 58 20.86 10.60 4.53
CA ALA B 58 22.11 10.99 5.18
C ALA B 58 23.15 11.41 4.14
N LYS B 59 23.27 10.62 3.08
CA LYS B 59 24.23 10.87 2.00
C LYS B 59 24.01 12.27 1.47
N GLN B 60 22.79 12.76 1.64
CA GLN B 60 22.37 14.06 1.15
C GLN B 60 22.73 15.12 2.19
N ALA B 61 22.37 14.84 3.43
CA ALA B 61 22.53 15.76 4.55
C ALA B 61 23.98 16.04 4.93
N ARG B 62 24.79 15.00 4.91
CA ARG B 62 26.22 15.07 5.27
C ARG B 62 26.97 16.19 4.58
N ASP B 63 28.15 16.46 5.11
CA ASP B 63 29.09 17.43 4.53
C ASP B 63 30.18 16.69 3.76
N LYS B 64 30.09 16.66 2.44
CA LYS B 64 30.93 15.77 1.63
C LYS B 64 32.39 15.72 2.08
N ASN B 65 33.07 16.86 2.10
CA ASN B 65 34.41 16.98 2.68
C ASN B 65 34.80 15.94 3.71
N PHE B 66 34.28 16.06 4.93
CA PHE B 66 34.81 15.23 5.99
C PHE B 66 33.87 14.15 6.53
N GLN B 67 32.72 13.93 5.91
CA GLN B 67 31.81 12.88 6.39
C GLN B 67 31.35 11.88 5.34
N ALA B 68 31.75 10.62 5.48
CA ALA B 68 31.31 9.56 4.57
C ALA B 68 30.14 8.76 5.18
N ILE B 69 29.40 8.07 4.33
CA ILE B 69 28.14 7.45 4.71
C ILE B 69 28.10 6.02 4.28
N MET B 70 27.58 5.13 5.10
CA MET B 70 27.43 3.75 4.65
C MET B 70 26.25 2.97 5.23
N PRO B 71 25.33 2.57 4.35
CA PRO B 71 24.17 1.80 4.74
C PRO B 71 24.55 0.49 5.36
N ILE B 72 23.98 0.19 6.51
CA ILE B 72 23.93 -1.18 6.99
C ILE B 72 22.52 -1.62 6.65
N ARG B 73 22.38 -2.77 6.01
CA ARG B 73 21.08 -3.17 5.55
C ARG B 73 20.62 -4.45 6.21
N GLY B 74 19.62 -4.33 7.07
CA GLY B 74 19.09 -5.50 7.75
C GLY B 74 19.72 -5.46 9.12
N LYS B 75 19.42 -6.46 9.94
CA LYS B 75 20.07 -6.55 11.25
C LYS B 75 21.33 -7.34 11.03
N ILE B 76 22.47 -6.79 11.43
CA ILE B 76 23.72 -7.52 11.23
C ILE B 76 23.71 -8.69 12.18
N LEU B 77 24.53 -9.69 11.92
CA LEU B 77 24.52 -10.87 12.76
C LEU B 77 24.96 -10.51 14.17
N ASN B 78 24.48 -11.27 15.14
CA ASN B 78 24.99 -11.17 16.49
C ASN B 78 26.36 -11.86 16.55
N THR B 79 27.41 -11.06 16.67
CA THR B 79 28.77 -11.58 16.64
C THR B 79 29.39 -11.79 18.01
N TRP B 80 28.60 -11.90 19.06
CA TRP B 80 29.19 -11.90 20.39
C TRP B 80 29.71 -13.27 20.74
N GLU B 81 29.62 -14.18 19.76
CA GLU B 81 30.12 -15.52 19.96
C GLU B 81 30.74 -16.04 18.68
N VAL B 82 30.65 -15.22 17.63
CA VAL B 82 31.31 -15.53 16.39
C VAL B 82 32.79 -15.22 16.56
N SER B 83 33.64 -16.04 15.93
CA SER B 83 35.08 -15.89 16.04
C SER B 83 35.58 -14.86 15.04
N SER B 84 36.58 -14.10 15.45
CA SER B 84 37.12 -13.05 14.59
C SER B 84 37.38 -13.53 13.15
N ASP B 85 37.87 -14.75 13.01
CA ASP B 85 38.08 -15.36 11.68
C ASP B 85 36.78 -15.52 10.90
N GLU B 86 35.70 -15.86 11.62
CA GLU B 86 34.41 -16.10 11.02
C GLU B 86 33.67 -14.80 10.76
N VAL B 87 33.90 -13.81 11.62
CA VAL B 87 33.14 -12.56 11.53
C VAL B 87 33.00 -12.04 10.10
N LEU B 88 34.10 -12.06 9.34
CA LEU B 88 34.11 -11.54 7.96
C LEU B 88 33.41 -12.47 6.96
N ALA B 89 32.86 -13.56 7.49
CA ALA B 89 31.99 -14.46 6.74
C ALA B 89 30.85 -13.66 6.20
N SER B 90 30.22 -12.92 7.12
CA SER B 90 29.02 -12.12 6.91
C SER B 90 29.32 -10.82 6.21
N GLN B 91 28.81 -10.71 4.99
CA GLN B 91 29.16 -9.62 4.09
C GLN B 91 28.94 -8.24 4.70
N GLU B 92 27.75 -8.01 5.26
CA GLU B 92 27.43 -6.73 5.86
C GLU B 92 28.39 -6.36 6.98
N VAL B 93 28.92 -7.38 7.67
CA VAL B 93 29.92 -7.16 8.72
C VAL B 93 31.29 -6.97 8.05
N HIS B 94 31.45 -7.55 6.87
CA HIS B 94 32.69 -7.47 6.13
C HIS B 94 33.02 -6.04 5.74
N ASP B 95 31.98 -5.31 5.32
CA ASP B 95 32.13 -3.95 4.81
C ASP B 95 32.43 -2.92 5.89
N ILE B 96 31.94 -3.14 7.10
CA ILE B 96 32.25 -2.27 8.24
C ILE B 96 33.73 -2.40 8.59
N ALA B 97 34.29 -3.60 8.43
CA ALA B 97 35.71 -3.82 8.66
C ALA B 97 36.56 -3.29 7.51
N ILE B 98 36.12 -3.53 6.29
CA ILE B 98 36.82 -3.01 5.13
C ILE B 98 36.72 -1.48 5.07
N ALA B 99 35.63 -0.93 5.61
CA ALA B 99 35.42 0.51 5.57
C ALA B 99 36.27 1.19 6.62
N ILE B 100 36.12 0.82 7.88
CA ILE B 100 36.91 1.48 8.90
C ILE B 100 38.40 1.14 8.77
N GLY B 101 38.69 0.19 7.91
CA GLY B 101 40.07 -0.26 7.77
C GLY B 101 40.66 -0.72 9.11
N VAL B 102 40.20 -1.88 9.57
CA VAL B 102 40.69 -2.49 10.79
C VAL B 102 40.35 -3.98 10.75
N ASP B 103 41.20 -4.80 11.37
CA ASP B 103 41.05 -6.24 11.35
C ASP B 103 40.39 -6.72 12.64
N PRO B 104 39.40 -7.61 12.52
CA PRO B 104 38.65 -8.04 13.70
C PRO B 104 39.54 -8.79 14.69
N GLY B 105 39.29 -8.60 15.98
CA GLY B 105 40.13 -9.14 17.04
C GLY B 105 41.58 -8.69 16.86
N SER B 106 41.77 -7.46 16.40
CA SER B 106 43.10 -6.92 16.18
C SER B 106 43.18 -5.48 16.64
N ASP B 107 44.22 -5.14 17.37
CA ASP B 107 44.38 -3.79 17.91
C ASP B 107 45.07 -2.86 16.91
N ASP B 108 45.29 -3.37 15.69
CA ASP B 108 46.03 -2.60 14.70
C ASP B 108 45.21 -1.45 14.11
N LEU B 109 45.14 -0.34 14.84
CA LEU B 109 44.40 0.84 14.41
C LEU B 109 45.24 1.73 13.49
N SER B 110 46.46 1.32 13.23
CA SER B 110 47.40 2.17 12.53
C SER B 110 46.94 2.56 11.13
N GLU B 111 46.02 1.78 10.56
CA GLU B 111 45.51 2.07 9.22
C GLU B 111 44.02 2.55 9.17
N LEU B 112 43.47 2.88 10.33
CA LEU B 112 42.04 3.20 10.51
C LEU B 112 41.54 4.41 9.69
N ARG B 113 40.56 4.18 8.83
CA ARG B 113 40.14 5.17 7.83
C ARG B 113 39.39 6.43 8.31
N TYR B 114 38.86 6.42 9.53
CA TYR B 114 37.99 7.50 9.97
C TYR B 114 38.24 7.91 11.40
N GLY B 115 38.05 9.20 11.69
CA GLY B 115 38.29 9.70 13.03
C GLY B 115 37.22 9.29 14.05
N LYS B 116 35.96 9.34 13.62
CA LYS B 116 34.84 8.87 14.44
C LYS B 116 34.04 7.86 13.65
N ILE B 117 33.60 6.81 14.31
CA ILE B 117 32.60 5.90 13.74
C ILE B 117 31.27 6.19 14.43
N CYS B 118 30.25 6.52 13.65
CA CYS B 118 29.01 6.99 14.23
C CYS B 118 27.84 6.10 13.84
N ILE B 119 27.19 5.50 14.86
CA ILE B 119 26.02 4.64 14.65
C ILE B 119 24.78 5.52 14.54
N LEU B 120 24.16 5.53 13.38
CA LEU B 120 23.05 6.41 13.16
C LEU B 120 21.86 5.58 12.78
N ALA B 121 21.06 5.20 13.79
CA ALA B 121 19.87 4.39 13.56
C ALA B 121 18.61 5.19 13.77
N ASP B 122 17.47 4.59 13.42
CA ASP B 122 16.16 5.13 13.78
C ASP B 122 16.00 5.43 15.28
N ALA B 123 15.13 6.38 15.59
CA ALA B 123 14.78 6.59 16.98
C ALA B 123 13.55 5.76 17.21
N ASP B 124 13.66 4.46 16.95
CA ASP B 124 12.62 3.54 17.35
C ASP B 124 13.19 2.31 18.07
N SER B 125 12.38 1.31 18.38
CA SER B 125 12.88 0.17 19.14
C SER B 125 13.84 -0.61 18.28
N ASP B 126 13.36 -1.04 17.12
CA ASP B 126 14.21 -1.75 16.19
C ASP B 126 15.52 -1.04 15.85
N GLY B 127 15.50 0.28 15.80
CA GLY B 127 16.72 1.03 15.57
C GLY B 127 17.69 0.93 16.72
N LEU B 128 17.17 0.73 17.93
CA LEU B 128 18.01 0.69 19.12
C LEU B 128 18.67 -0.67 19.25
N HIS B 129 18.11 -1.64 18.52
CA HIS B 129 18.59 -3.00 18.54
C HIS B 129 19.77 -3.14 17.60
N ILE B 130 19.62 -2.57 16.41
CA ILE B 130 20.69 -2.57 15.41
C ILE B 130 21.87 -1.74 15.89
N ALA B 131 21.68 -0.95 16.94
CA ALA B 131 22.79 -0.22 17.53
C ALA B 131 23.43 -1.07 18.60
N THR B 132 22.63 -1.93 19.22
CA THR B 132 23.19 -2.81 20.22
C THR B 132 24.09 -3.82 19.53
N LEU B 133 23.55 -4.55 18.55
CA LEU B 133 24.35 -5.51 17.75
C LEU B 133 25.61 -4.85 17.21
N LEU B 134 25.50 -3.62 16.72
CA LEU B 134 26.66 -2.89 16.24
C LEU B 134 27.67 -2.65 17.35
N CYS B 135 27.23 -2.23 18.52
CA CYS B 135 28.19 -2.06 19.60
C CYS B 135 28.89 -3.39 19.92
N ALA B 136 28.17 -4.50 19.84
CA ALA B 136 28.75 -5.81 20.16
C ALA B 136 29.87 -6.03 19.19
N LEU B 137 29.53 -6.04 17.92
CA LEU B 137 30.56 -6.13 16.90
C LEU B 137 31.80 -5.36 17.31
N PHE B 138 31.66 -4.14 17.81
CA PHE B 138 32.84 -3.38 18.21
C PHE B 138 33.44 -3.78 19.54
N VAL B 139 32.69 -3.64 20.63
CA VAL B 139 33.19 -4.07 21.93
C VAL B 139 34.03 -5.34 21.82
N LYS B 140 33.55 -6.31 21.04
CA LYS B 140 34.18 -7.65 21.00
C LYS B 140 35.31 -7.79 19.98
N HIS B 141 35.11 -7.30 18.76
CA HIS B 141 36.05 -7.50 17.67
C HIS B 141 36.84 -6.25 17.29
N PHE B 142 36.61 -5.16 18.00
CA PHE B 142 37.33 -3.93 17.69
C PHE B 142 37.56 -3.13 18.95
N PRO B 143 37.75 -3.81 20.07
CA PRO B 143 37.79 -3.18 21.39
C PRO B 143 38.73 -1.99 21.33
N ALA B 144 39.89 -2.22 20.74
CA ALA B 144 40.88 -1.17 20.54
C ALA B 144 40.24 0.15 20.14
N LEU B 145 39.39 0.08 19.11
CA LEU B 145 38.66 1.24 18.61
C LEU B 145 37.77 1.84 19.70
N VAL B 146 36.79 1.07 20.19
CA VAL B 146 35.94 1.55 21.27
C VAL B 146 36.76 2.09 22.45
N GLU B 147 37.89 1.46 22.75
CA GLU B 147 38.72 1.85 23.88
C GLU B 147 39.36 3.22 23.67
N GLU B 148 39.81 3.45 22.45
CA GLU B 148 40.39 4.74 22.08
C GLU B 148 39.29 5.76 21.80
N GLY B 149 38.06 5.40 22.15
CA GLY B 149 36.91 6.28 21.99
C GLY B 149 36.68 6.79 20.58
N HIS B 150 36.53 5.87 19.64
CA HIS B 150 36.30 6.23 18.25
C HIS B 150 34.87 5.90 17.90
N LEU B 151 34.18 5.20 18.80
CA LEU B 151 32.80 4.86 18.54
C LEU B 151 31.90 5.98 19.06
N TYR B 152 30.88 6.32 18.27
CA TYR B 152 29.92 7.32 18.67
C TYR B 152 28.51 6.93 18.30
N VAL B 153 27.55 7.42 19.07
CA VAL B 153 26.16 7.19 18.76
C VAL B 153 25.43 8.51 18.54
N ALA B 154 25.04 8.77 17.30
CA ALA B 154 24.27 9.96 16.98
C ALA B 154 22.84 9.76 17.47
N MET B 155 22.25 10.82 18.02
CA MET B 155 20.93 10.74 18.63
C MET B 155 19.95 11.56 17.80
N PRO B 156 19.22 10.91 16.90
CA PRO B 156 18.28 11.72 16.11
C PRO B 156 17.04 12.00 16.95
N PRO B 157 16.38 13.13 16.70
CA PRO B 157 15.33 13.56 17.59
C PRO B 157 14.09 12.78 17.26
N LEU B 158 13.25 12.47 18.25
CA LEU B 158 12.03 11.73 17.99
C LEU B 158 10.90 12.65 17.58
N PHE B 159 10.94 13.90 18.05
CA PHE B 159 9.90 14.86 17.72
C PHE B 159 10.44 16.20 17.23
N ARG B 160 9.64 16.89 16.43
CA ARG B 160 9.83 18.31 16.16
C ARG B 160 8.56 19.07 16.53
N ILE B 161 8.65 19.85 17.61
CA ILE B 161 7.60 20.80 17.99
C ILE B 161 7.74 22.11 17.24
N ASP B 162 6.69 22.55 16.57
CA ASP B 162 6.72 23.87 15.94
C ASP B 162 5.83 24.84 16.69
N ILE B 163 6.25 25.29 17.87
CA ILE B 163 5.40 26.23 18.61
C ILE B 163 4.96 27.41 17.72
N GLY B 164 5.80 28.42 17.57
CA GLY B 164 5.49 29.52 16.67
C GLY B 164 6.15 29.40 15.31
N LYS B 165 7.20 30.20 15.13
CA LYS B 165 8.03 30.14 13.93
C LYS B 165 9.37 29.56 14.34
N ASP B 166 9.44 29.16 15.61
CA ASP B 166 10.67 28.64 16.21
C ASP B 166 10.58 27.14 16.53
N VAL B 167 11.48 26.38 15.93
CA VAL B 167 11.44 24.93 16.02
C VAL B 167 12.08 24.40 17.30
N HIS B 168 11.54 23.30 17.79
CA HIS B 168 12.12 22.60 18.93
C HIS B 168 12.21 21.11 18.62
N TYR B 169 13.32 20.49 19.03
CA TYR B 169 13.50 19.06 18.81
C TYR B 169 13.66 18.34 20.14
N ALA B 170 13.04 17.17 20.23
CA ALA B 170 13.07 16.42 21.47
C ALA B 170 13.57 15.02 21.17
N LEU B 171 14.52 14.57 21.95
CA LEU B 171 15.11 13.27 21.72
C LEU B 171 14.08 12.19 21.98
N ASP B 172 13.31 12.37 23.04
CA ASP B 172 12.41 11.33 23.47
C ASP B 172 11.10 11.88 24.03
N ASP B 173 10.46 11.09 24.87
CA ASP B 173 9.22 11.49 25.49
C ASP B 173 9.46 12.41 26.69
N GLU B 174 10.43 12.07 27.54
CA GLU B 174 10.75 12.93 28.69
C GLU B 174 10.98 14.39 28.28
N GLU B 175 11.69 14.58 27.17
CA GLU B 175 12.09 15.90 26.72
C GLU B 175 10.95 16.61 26.04
N LEU B 176 9.95 15.84 25.63
CA LEU B 176 8.73 16.41 25.06
C LEU B 176 7.88 16.91 26.21
N GLU B 177 7.91 16.17 27.31
CA GLU B 177 7.15 16.55 28.49
C GLU B 177 7.62 17.92 28.98
N THR B 178 8.93 18.08 29.00
CA THR B 178 9.58 19.29 29.50
C THR B 178 9.29 20.51 28.62
N ILE B 179 9.17 20.29 27.31
CA ILE B 179 9.14 21.39 26.35
C ILE B 179 7.77 22.01 26.25
N LEU B 180 6.76 21.15 26.30
CA LEU B 180 5.37 21.55 26.13
C LEU B 180 4.80 22.12 27.42
N LYS B 181 5.22 21.58 28.55
CA LYS B 181 4.74 22.06 29.84
C LYS B 181 5.33 23.43 30.15
N ASN B 182 6.39 23.82 29.45
CA ASN B 182 6.91 25.19 29.56
C ASN B 182 6.19 26.12 28.59
N VAL B 183 5.67 25.55 27.51
CA VAL B 183 4.95 26.32 26.49
C VAL B 183 3.66 26.92 27.03
N LYS B 187 -1.92 30.65 20.42
CA LYS B 187 -0.55 30.15 20.53
C LYS B 187 -0.50 28.62 20.80
N ASN B 188 -0.43 27.82 19.74
CA ASN B 188 -0.53 26.37 19.91
C ASN B 188 0.59 25.55 19.26
N PRO B 189 1.11 24.54 19.99
CA PRO B 189 2.22 23.70 19.51
C PRO B 189 1.75 22.65 18.53
N GLN B 190 2.33 22.57 17.36
CA GLN B 190 2.08 21.39 16.51
C GLN B 190 3.25 20.37 16.53
N ILE B 191 3.02 19.21 17.14
CA ILE B 191 4.04 18.17 17.27
C ILE B 191 4.15 17.29 16.01
N THR B 192 5.34 16.81 15.72
CA THR B 192 5.52 15.86 14.63
C THR B 192 6.49 14.75 15.02
N ARG B 193 6.03 13.52 14.86
CA ARG B 193 6.82 12.36 15.21
C ARG B 193 7.67 12.00 14.02
N PHE B 194 8.96 11.79 14.27
CA PHE B 194 9.85 11.32 13.25
C PHE B 194 9.89 9.82 13.37
N LYS B 195 9.00 9.14 12.66
CA LYS B 195 8.86 7.72 12.87
C LYS B 195 10.15 6.99 12.51
N GLY B 196 11.10 7.71 11.93
CA GLY B 196 12.41 7.18 11.58
C GLY B 196 13.07 7.89 10.41
N LEU B 197 14.39 7.85 10.39
CA LEU B 197 15.19 8.62 9.45
C LEU B 197 14.70 8.64 8.02
N GLY B 198 14.17 7.53 7.54
CA GLY B 198 13.71 7.48 6.17
C GLY B 198 12.86 8.69 5.78
N GLU B 199 12.05 9.17 6.71
CA GLU B 199 11.07 10.19 6.40
C GLU B 199 11.48 11.58 6.87
N MET B 200 12.69 11.70 7.39
CA MET B 200 13.21 13.01 7.72
C MET B 200 13.57 13.57 6.38
N ASN B 201 13.68 14.88 6.29
CA ASN B 201 14.17 15.53 5.08
C ASN B 201 15.64 15.89 5.29
N ALA B 202 16.38 16.05 4.19
CA ALA B 202 17.82 16.27 4.30
C ALA B 202 18.16 17.40 5.27
N ILE B 203 17.52 18.55 5.11
CA ILE B 203 17.83 19.71 5.94
C ILE B 203 17.70 19.39 7.42
N GLN B 204 16.69 18.60 7.76
CA GLN B 204 16.37 18.31 9.15
C GLN B 204 17.40 17.34 9.73
N LEU B 205 17.77 16.36 8.93
CA LEU B 205 18.82 15.43 9.30
C LEU B 205 20.11 16.21 9.56
N ARG B 206 20.50 17.02 8.59
CA ARG B 206 21.72 17.79 8.72
C ARG B 206 21.74 18.51 10.05
N GLU B 207 20.79 19.41 10.27
CA GLU B 207 20.68 20.21 11.49
C GLU B 207 20.77 19.44 12.80
N THR B 208 20.15 18.27 12.83
CA THR B 208 19.96 17.53 14.08
C THR B 208 21.04 16.49 14.36
N THR B 209 21.40 15.68 13.38
CA THR B 209 22.28 14.57 13.68
C THR B 209 23.69 14.69 13.11
N MET B 210 23.82 15.23 11.91
CA MET B 210 25.11 15.25 11.23
C MET B 210 25.99 16.47 11.53
N ASP B 211 25.59 17.64 11.07
CA ASP B 211 26.36 18.87 11.26
C ASP B 211 26.84 19.08 12.70
N PRO B 212 28.18 19.15 12.91
CA PRO B 212 28.79 19.20 14.26
C PRO B 212 28.22 20.29 15.13
N ASN B 213 28.08 21.50 14.58
CA ASN B 213 27.72 22.66 15.37
C ASN B 213 26.25 22.76 15.77
N THR B 214 25.51 21.65 15.69
CA THR B 214 24.12 21.62 16.12
C THR B 214 23.61 20.19 16.34
N ARG B 215 24.51 19.22 16.37
CA ARG B 215 24.10 17.82 16.38
C ARG B 215 24.24 17.19 17.76
N ARG B 216 23.33 16.30 18.10
CA ARG B 216 23.45 15.61 19.38
C ARG B 216 24.23 14.33 19.12
N LEU B 217 25.39 14.18 19.77
CA LEU B 217 26.30 13.07 19.44
C LEU B 217 27.09 12.49 20.61
N VAL B 218 26.62 11.36 21.13
CA VAL B 218 27.24 10.71 22.28
C VAL B 218 28.51 9.92 21.94
N GLN B 219 29.54 10.12 22.76
CA GLN B 219 30.76 9.35 22.69
C GLN B 219 30.66 8.16 23.64
N LEU B 220 30.97 6.97 23.15
CA LEU B 220 30.86 5.75 23.95
C LEU B 220 32.20 5.37 24.54
N ASP B 221 32.23 5.08 25.84
CA ASP B 221 33.45 4.68 26.56
C ASP B 221 33.42 3.21 26.96
N LEU B 222 34.55 2.54 26.81
CA LEU B 222 34.62 1.14 27.18
C LEU B 222 35.52 0.99 28.39
N ASP B 223 35.31 1.85 29.39
CA ASP B 223 36.34 2.08 30.41
C ASP B 223 36.75 0.91 31.32
N ASP B 224 35.85 -0.04 31.56
CA ASP B 224 36.26 -1.27 32.22
C ASP B 224 35.66 -2.48 31.54
N ALA B 225 36.48 -3.17 30.76
CA ALA B 225 36.02 -4.29 29.96
C ALA B 225 35.19 -5.29 30.76
N HIS B 226 35.63 -5.54 31.99
CA HIS B 226 35.04 -6.59 32.83
C HIS B 226 33.52 -6.48 32.94
N LEU B 227 33.05 -5.44 33.61
CA LEU B 227 31.61 -5.20 33.69
C LEU B 227 31.02 -5.41 32.30
N THR B 228 31.49 -4.63 31.35
CA THR B 228 30.98 -4.64 29.98
C THR B 228 30.76 -6.04 29.40
N ALA B 229 31.85 -6.68 28.99
CA ALA B 229 31.76 -7.98 28.33
C ALA B 229 31.01 -8.97 29.21
N GLY B 230 31.01 -8.68 30.52
CA GLY B 230 30.24 -9.47 31.46
C GLY B 230 28.77 -9.33 31.15
N LEU B 231 28.31 -8.09 31.06
CA LEU B 231 26.95 -7.74 30.70
C LEU B 231 26.49 -8.22 29.32
N LEU B 232 27.20 -7.81 28.28
CA LEU B 232 26.86 -8.18 26.91
C LEU B 232 26.72 -9.68 26.72
N ASP B 233 27.50 -10.44 27.47
CA ASP B 233 27.39 -11.90 27.44
C ASP B 233 25.97 -12.25 27.84
N LYS B 234 25.53 -11.64 28.94
CA LYS B 234 24.23 -11.86 29.55
C LYS B 234 23.08 -11.64 28.58
N LEU B 235 23.24 -10.69 27.67
CA LEU B 235 22.15 -10.33 26.78
C LEU B 235 22.27 -11.06 25.45
N LEU B 236 23.50 -11.14 24.95
CA LEU B 236 23.77 -11.51 23.56
C LEU B 236 24.29 -12.94 23.38
N ALA B 237 24.11 -13.80 24.38
CA ALA B 237 24.62 -15.16 24.28
C ALA B 237 23.49 -16.15 24.11
N LYS B 238 23.45 -16.85 22.98
CA LYS B 238 22.31 -17.71 22.63
C LYS B 238 21.88 -18.74 23.70
N LYS B 239 22.56 -18.79 24.84
CA LYS B 239 22.17 -19.75 25.88
C LYS B 239 21.53 -19.09 27.12
N ARG B 240 21.89 -17.84 27.37
CA ARG B 240 21.48 -17.19 28.60
C ARG B 240 20.10 -16.57 28.49
N ALA B 241 19.33 -17.03 27.50
CA ALA B 241 17.93 -16.67 27.41
C ALA B 241 17.30 -16.83 28.78
N ALA B 242 17.81 -17.79 29.55
CA ALA B 242 17.34 -17.96 30.91
C ALA B 242 17.45 -16.64 31.68
N ASP B 243 18.66 -16.12 31.77
CA ASP B 243 18.99 -14.96 32.60
C ASP B 243 18.32 -13.70 32.13
N ARG B 244 18.19 -13.55 30.80
CA ARG B 244 17.43 -12.48 30.19
C ARG B 244 16.00 -12.48 30.71
N LYS B 245 15.28 -13.60 30.58
CA LYS B 245 13.91 -13.61 31.09
C LYS B 245 13.89 -13.01 32.48
N GLN B 246 14.76 -13.51 33.35
CA GLN B 246 14.84 -13.00 34.72
C GLN B 246 15.23 -11.53 34.79
N TRP B 247 16.34 -11.19 34.13
CA TRP B 247 16.81 -9.80 34.07
C TRP B 247 15.69 -8.81 33.70
N LEU B 248 14.80 -9.22 32.79
CA LEU B 248 13.69 -8.38 32.35
C LEU B 248 12.69 -8.17 33.46
N GLU B 249 12.28 -9.26 34.08
CA GLU B 249 11.35 -9.21 35.20
C GLU B 249 11.94 -8.38 36.32
N GLN B 250 13.25 -8.18 36.29
CA GLN B 250 13.95 -7.38 37.30
C GLN B 250 14.00 -5.88 36.99
N LYS B 251 13.97 -5.52 35.71
CA LYS B 251 13.96 -4.10 35.37
C LYS B 251 12.57 -3.68 34.88
N GLY B 252 11.55 -4.13 35.60
CA GLY B 252 10.17 -3.78 35.23
C GLY B 252 9.15 -4.74 35.83
N ALA B 272 31.27 15.85 21.08
CA ALA B 272 30.33 15.14 21.92
C ALA B 272 30.17 15.82 23.29
N THR B 273 29.00 16.43 23.52
CA THR B 273 28.73 17.12 24.79
C THR B 273 28.81 16.16 25.97
N GLU B 274 28.23 14.98 25.82
CA GLU B 274 28.29 13.97 26.88
C GLU B 274 28.77 12.63 26.34
N ASN B 275 29.33 11.84 27.24
CA ASN B 275 29.74 10.48 26.92
C ASN B 275 28.82 9.53 27.67
N ARG B 276 28.73 8.28 27.22
CA ARG B 276 28.02 7.22 27.95
C ARG B 276 28.88 5.97 27.90
N SER B 277 28.55 4.93 28.67
CA SER B 277 29.33 3.70 28.61
C SER B 277 28.66 2.70 27.68
N VAL B 278 29.45 2.08 26.80
CA VAL B 278 28.91 1.05 25.91
C VAL B 278 27.96 0.13 26.65
N ALA B 279 28.34 -0.19 27.89
CA ALA B 279 27.52 -1.01 28.77
C ALA B 279 26.26 -0.28 29.24
N GLU B 280 26.44 0.94 29.78
CA GLU B 280 25.33 1.78 30.19
C GLU B 280 24.34 1.92 29.04
N PHE B 281 24.87 2.19 27.84
CA PHE B 281 24.03 2.43 26.67
C PHE B 281 23.38 1.17 26.11
N THR B 282 24.15 0.09 25.94
CA THR B 282 23.59 -1.09 25.29
C THR B 282 22.60 -1.83 26.19
N GLU B 283 22.73 -1.66 27.50
CA GLU B 283 21.74 -2.22 28.40
C GLU B 283 20.43 -1.43 28.29
N GLN B 284 20.55 -0.11 28.35
CA GLN B 284 19.39 0.75 28.17
C GLN B 284 18.70 0.41 26.85
N ALA B 285 19.50 0.16 25.82
CA ALA B 285 18.97 -0.02 24.47
C ALA B 285 18.47 -1.41 24.20
N TYR B 286 19.18 -2.42 24.67
CA TYR B 286 18.69 -3.77 24.47
C TYR B 286 17.41 -4.01 25.30
N LEU B 287 17.29 -3.35 26.46
CA LEU B 287 16.11 -3.47 27.31
C LEU B 287 14.88 -2.89 26.64
N ASN B 288 15.05 -1.72 26.03
CA ASN B 288 13.95 -1.11 25.29
C ASN B 288 13.43 -2.08 24.23
N TYR B 289 14.36 -2.67 23.50
CA TYR B 289 14.03 -3.61 22.45
C TYR B 289 13.36 -4.85 23.00
N ALA B 290 13.94 -5.42 24.05
CA ALA B 290 13.43 -6.66 24.62
C ALA B 290 11.99 -6.44 25.06
N MET B 291 11.82 -5.33 25.77
CA MET B 291 10.52 -4.94 26.29
C MET B 291 9.53 -4.77 25.16
N TYR B 292 9.94 -4.05 24.13
CA TYR B 292 9.02 -3.72 23.05
C TYR B 292 8.58 -4.94 22.31
N VAL B 293 9.49 -5.86 22.07
CA VAL B 293 9.15 -6.97 21.19
C VAL B 293 8.35 -8.03 21.93
N ILE B 294 8.47 -8.05 23.25
CA ILE B 294 7.59 -8.86 24.07
C ILE B 294 6.19 -8.31 24.01
N MET B 295 6.04 -7.10 24.53
CA MET B 295 4.76 -6.43 24.66
C MET B 295 4.09 -6.11 23.33
N ASP B 296 4.80 -5.39 22.47
CA ASP B 296 4.17 -4.83 21.28
C ASP B 296 4.57 -5.50 19.96
N ARG B 297 4.74 -6.82 19.95
CA ARG B 297 5.07 -7.51 18.69
C ARG B 297 4.74 -8.98 18.54
N ALA B 298 5.43 -9.83 19.31
CA ALA B 298 5.39 -11.28 19.06
C ALA B 298 4.32 -12.04 19.83
N LEU B 299 4.22 -11.80 21.13
CA LEU B 299 3.20 -12.42 21.96
C LEU B 299 1.87 -11.75 21.73
N PRO B 300 0.78 -12.50 21.90
CA PRO B 300 -0.58 -11.99 21.80
C PRO B 300 -1.12 -11.51 23.16
N HIS B 301 -2.27 -10.85 23.14
CA HIS B 301 -2.92 -10.48 24.39
C HIS B 301 -3.91 -11.58 24.66
N ILE B 302 -4.29 -11.76 25.92
CA ILE B 302 -5.18 -12.86 26.29
C ILE B 302 -6.63 -12.64 25.83
N SER B 303 -7.08 -11.38 25.88
CA SER B 303 -8.46 -11.01 25.56
C SER B 303 -8.95 -11.53 24.22
N ASP B 304 -8.55 -10.87 23.15
CA ASP B 304 -8.90 -11.30 21.80
C ASP B 304 -7.92 -12.35 21.33
N GLY B 305 -6.70 -12.26 21.85
CA GLY B 305 -5.63 -13.20 21.56
C GLY B 305 -4.83 -12.90 20.31
N LEU B 306 -4.48 -11.64 20.11
CA LEU B 306 -3.81 -11.25 18.88
C LEU B 306 -2.50 -10.54 19.17
N LYS B 307 -1.61 -10.56 18.20
CA LYS B 307 -0.41 -9.73 18.26
C LYS B 307 -0.78 -8.44 17.56
N PRO B 308 -0.07 -7.35 17.85
CA PRO B 308 -0.50 -6.08 17.28
C PRO B 308 -0.61 -6.04 15.78
N VAL B 309 0.33 -6.64 15.07
CA VAL B 309 0.21 -6.52 13.65
C VAL B 309 -1.13 -7.10 13.21
N GLN B 310 -1.65 -8.05 13.98
CA GLN B 310 -2.85 -8.76 13.58
C GLN B 310 -4.06 -7.91 13.89
N ARG B 311 -4.14 -7.40 15.12
CA ARG B 311 -5.27 -6.61 15.56
C ARG B 311 -5.41 -5.36 14.68
N ARG B 312 -4.31 -4.63 14.51
CA ARG B 312 -4.32 -3.47 13.62
C ARG B 312 -4.83 -3.78 12.22
N ILE B 313 -4.52 -4.96 11.72
CA ILE B 313 -4.93 -5.33 10.37
C ILE B 313 -6.43 -5.47 10.41
N VAL B 314 -6.91 -6.34 11.28
CA VAL B 314 -8.34 -6.65 11.37
C VAL B 314 -9.23 -5.42 11.62
N TYR B 315 -8.77 -4.53 12.48
CA TYR B 315 -9.47 -3.30 12.74
C TYR B 315 -9.51 -2.46 11.48
N ALA B 316 -8.34 -2.28 10.88
CA ALA B 316 -8.20 -1.54 9.61
C ALA B 316 -9.16 -2.05 8.55
N MET B 317 -9.36 -3.36 8.54
CA MET B 317 -10.25 -4.03 7.60
C MET B 317 -11.69 -3.72 7.94
N SER B 318 -11.96 -3.64 9.24
CA SER B 318 -13.30 -3.31 9.68
C SER B 318 -13.60 -1.90 9.25
N GLU B 319 -12.65 -1.02 9.51
CA GLU B 319 -12.83 0.38 9.24
C GLU B 319 -12.98 0.72 7.75
N LEU B 320 -12.67 -0.25 6.90
CA LEU B 320 -12.87 -0.13 5.47
C LEU B 320 -14.22 -0.74 5.19
N GLY B 321 -14.88 -1.17 6.27
CA GLY B 321 -16.16 -1.85 6.16
C GLY B 321 -16.09 -3.07 5.26
N LEU B 322 -15.07 -3.88 5.46
CA LEU B 322 -14.93 -5.11 4.68
C LEU B 322 -15.64 -6.26 5.36
N LYS B 323 -16.90 -6.01 5.72
CA LYS B 323 -17.75 -6.98 6.41
C LYS B 323 -17.88 -8.27 5.62
N SER B 324 -18.13 -9.37 6.31
CA SER B 324 -18.16 -10.68 5.68
C SER B 324 -19.29 -10.81 4.64
N SER B 325 -20.39 -10.10 4.87
CA SER B 325 -21.55 -10.11 3.95
C SER B 325 -21.27 -9.39 2.62
N GLY B 326 -20.18 -8.63 2.58
CA GLY B 326 -19.90 -7.74 1.46
C GLY B 326 -18.79 -8.24 0.56
N LYS B 327 -18.48 -7.46 -0.47
CA LYS B 327 -17.48 -7.89 -1.44
C LYS B 327 -16.05 -7.68 -0.89
N PRO B 328 -15.07 -8.48 -1.37
CA PRO B 328 -13.68 -8.24 -1.00
C PRO B 328 -13.15 -6.98 -1.68
N LYS B 329 -11.92 -6.61 -1.34
CA LYS B 329 -11.32 -5.39 -1.84
C LYS B 329 -9.79 -5.53 -1.81
N LYS B 330 -9.13 -5.14 -2.90
CA LYS B 330 -7.68 -5.28 -3.05
C LYS B 330 -6.90 -5.30 -1.73
N SER B 331 -6.01 -6.26 -1.58
CA SER B 331 -5.21 -6.35 -0.39
C SER B 331 -4.34 -5.13 -0.25
N ALA B 332 -3.84 -4.62 -1.36
CA ALA B 332 -2.93 -3.47 -1.29
C ALA B 332 -3.60 -2.24 -0.71
N ARG B 333 -4.92 -2.29 -0.54
CA ARG B 333 -5.64 -1.18 0.09
C ARG B 333 -5.75 -1.38 1.58
N THR B 334 -6.10 -2.59 2.01
CA THR B 334 -6.02 -2.97 3.42
C THR B 334 -4.66 -2.65 4.08
N VAL B 335 -3.58 -3.16 3.51
CA VAL B 335 -2.23 -2.86 3.98
C VAL B 335 -1.90 -1.38 3.76
N GLY B 336 -2.33 -0.85 2.63
CA GLY B 336 -2.18 0.57 2.38
C GLY B 336 -2.70 1.37 3.56
N ASP B 337 -3.86 0.98 4.09
CA ASP B 337 -4.49 1.65 5.21
C ASP B 337 -3.81 1.29 6.52
N VAL B 338 -3.42 0.04 6.67
CA VAL B 338 -2.77 -0.36 7.91
C VAL B 338 -1.47 0.40 8.19
N LEU B 339 -0.61 0.60 7.20
CA LEU B 339 0.64 1.26 7.52
C LEU B 339 0.39 2.73 7.47
N GLY B 340 -0.71 3.10 6.80
CA GLY B 340 -1.09 4.49 6.63
C GLY B 340 -1.51 5.15 7.92
N LYS B 341 -2.23 4.39 8.73
CA LYS B 341 -2.86 4.94 9.90
C LYS B 341 -2.73 4.18 11.22
N TYR B 342 -2.12 3.00 11.22
CA TYR B 342 -2.03 2.26 12.47
C TYR B 342 -0.67 1.71 12.84
N HIS B 343 -0.03 1.00 11.91
CA HIS B 343 1.11 0.14 12.17
C HIS B 343 2.24 0.63 11.27
N PRO B 344 3.16 1.42 11.80
CA PRO B 344 4.01 2.08 10.80
C PRO B 344 5.26 1.25 10.46
N HIS B 345 5.09 0.23 9.62
CA HIS B 345 6.14 -0.78 9.42
C HIS B 345 6.20 -1.33 8.02
N GLY B 346 6.83 -2.48 7.87
CA GLY B 346 6.97 -3.08 6.57
C GLY B 346 5.62 -3.43 6.02
N ASP B 347 5.42 -3.20 4.73
CA ASP B 347 4.17 -3.59 4.13
C ASP B 347 4.13 -5.07 3.78
N SER B 348 5.25 -5.58 3.27
CA SER B 348 5.35 -7.01 3.01
C SER B 348 5.17 -7.83 4.27
N ALA B 349 6.02 -7.57 5.27
CA ALA B 349 5.91 -8.22 6.58
C ALA B 349 4.45 -8.29 7.02
N CYS B 350 3.81 -7.12 6.95
CA CYS B 350 2.45 -6.93 7.40
C CYS B 350 1.53 -7.74 6.50
N TYR B 351 1.54 -7.45 5.21
CA TYR B 351 0.79 -8.26 4.26
C TYR B 351 0.86 -9.76 4.55
N GLU B 352 2.06 -10.26 4.81
CA GLU B 352 2.23 -11.69 5.04
C GLU B 352 1.56 -12.20 6.30
N ALA B 353 1.70 -11.46 7.39
CA ALA B 353 0.93 -11.76 8.61
C ALA B 353 -0.58 -11.75 8.35
N MET B 354 -0.96 -11.05 7.28
CA MET B 354 -2.34 -11.00 6.86
C MET B 354 -2.70 -12.26 6.08
N VAL B 355 -1.81 -12.68 5.19
CA VAL B 355 -1.97 -13.95 4.47
C VAL B 355 -2.29 -15.06 5.46
N LEU B 356 -1.47 -15.21 6.49
CA LEU B 356 -1.65 -16.27 7.49
C LEU B 356 -3.11 -16.33 8.01
N MET B 357 -3.64 -15.19 8.44
CA MET B 357 -4.99 -15.13 8.98
C MET B 357 -6.04 -15.52 7.93
N ALA B 358 -5.64 -15.60 6.67
CA ALA B 358 -6.58 -15.92 5.62
C ALA B 358 -6.56 -17.39 5.25
N GLN B 359 -5.50 -18.08 5.69
CA GLN B 359 -5.25 -19.44 5.23
C GLN B 359 -6.01 -20.49 6.03
N PRO B 360 -6.93 -21.21 5.35
CA PRO B 360 -7.81 -22.21 5.97
C PRO B 360 -6.99 -23.29 6.60
N PHE B 361 -5.79 -23.51 6.04
CA PHE B 361 -4.92 -24.61 6.45
C PHE B 361 -3.94 -24.25 7.56
N SER B 362 -3.91 -22.99 7.95
CA SER B 362 -3.05 -22.57 9.06
C SER B 362 -3.80 -21.90 10.21
N TYR B 363 -4.88 -21.21 9.90
CA TYR B 363 -5.71 -20.69 10.95
C TYR B 363 -6.84 -21.69 11.13
N ARG B 364 -7.03 -22.14 12.37
CA ARG B 364 -8.12 -23.07 12.65
C ARG B 364 -9.42 -22.38 12.25
N TYR B 365 -9.62 -21.16 12.74
CA TYR B 365 -10.71 -20.31 12.29
C TYR B 365 -10.15 -19.05 11.64
N PRO B 366 -10.13 -19.02 10.30
CA PRO B 366 -9.64 -17.86 9.56
C PRO B 366 -10.28 -16.57 10.07
N LEU B 367 -9.48 -15.53 10.29
CA LEU B 367 -10.00 -14.21 10.60
C LEU B 367 -10.22 -13.43 9.32
N ILE B 368 -9.55 -13.82 8.25
CA ILE B 368 -9.79 -13.18 6.95
C ILE B 368 -10.28 -14.23 5.97
N GLU B 369 -11.07 -13.79 4.98
CA GLU B 369 -11.42 -14.67 3.86
C GLU B 369 -10.77 -14.17 2.58
N GLY B 370 -9.83 -14.96 2.06
CA GLY B 370 -9.00 -14.53 0.95
C GLY B 370 -9.56 -14.93 -0.39
N GLN B 371 -9.60 -14.00 -1.34
CA GLN B 371 -10.07 -14.30 -2.68
C GLN B 371 -8.91 -14.27 -3.69
N GLY B 372 -8.73 -15.36 -4.42
CA GLY B 372 -7.64 -15.44 -5.39
C GLY B 372 -6.56 -16.35 -4.83
N ASN B 373 -5.33 -16.23 -5.30
CA ASN B 373 -4.27 -17.12 -4.81
C ASN B 373 -3.80 -16.74 -3.42
N TRP B 374 -3.96 -17.65 -2.47
CA TRP B 374 -3.53 -17.41 -1.10
C TRP B 374 -2.69 -18.57 -0.55
N GLY B 375 -2.04 -19.28 -1.46
CA GLY B 375 -1.26 -20.44 -1.11
C GLY B 375 -2.02 -21.75 -1.13
N SER B 376 -1.27 -22.85 -1.30
CA SER B 376 -1.81 -24.19 -1.16
C SER B 376 -1.29 -24.79 0.14
N PRO B 377 -2.02 -25.77 0.69
CA PRO B 377 -1.55 -26.51 1.87
C PRO B 377 -0.18 -27.14 1.59
N ASP B 378 0.09 -27.46 0.33
CA ASP B 378 1.35 -28.09 -0.04
C ASP B 378 2.46 -27.06 -0.24
N ASP B 379 2.09 -25.84 -0.61
CA ASP B 379 3.04 -24.77 -0.64
C ASP B 379 2.42 -23.52 -0.02
N PRO B 380 2.44 -23.45 1.31
CA PRO B 380 1.76 -22.35 1.99
C PRO B 380 2.28 -20.97 1.59
N LYS B 381 3.57 -20.85 1.31
CA LYS B 381 4.12 -19.53 1.02
C LYS B 381 3.95 -19.14 -0.45
N SER B 382 3.25 -19.96 -1.21
CA SER B 382 3.12 -19.73 -2.65
C SER B 382 2.17 -18.59 -3.04
N PHE B 383 1.66 -17.89 -2.03
CA PHE B 383 0.57 -16.91 -2.19
C PHE B 383 0.86 -15.78 -3.18
N ALA B 384 -0.17 -15.34 -3.91
CA ALA B 384 0.02 -14.31 -4.91
C ALA B 384 0.62 -13.08 -4.24
N ALA B 385 1.25 -12.21 -5.03
CA ALA B 385 1.70 -10.93 -4.51
C ALA B 385 0.49 -10.05 -4.17
N MET B 386 0.68 -9.04 -3.31
CA MET B 386 -0.45 -8.27 -2.75
C MET B 386 -1.15 -7.34 -3.74
N ARG B 387 -0.47 -7.01 -4.83
N ARG B 387 -0.48 -7.01 -4.83
CA ARG B 387 -1.06 -6.18 -5.86
CA ARG B 387 -1.10 -6.16 -5.84
C ARG B 387 -2.15 -6.96 -6.58
C ARG B 387 -2.18 -6.95 -6.57
N THR B 389 -4.20 -9.85 -5.01
CA THR B 389 -5.29 -10.41 -4.23
C THR B 389 -6.27 -9.38 -3.65
N GLU B 390 -7.46 -9.86 -3.34
CA GLU B 390 -8.46 -9.07 -2.63
C GLU B 390 -8.89 -9.95 -1.48
N ALA B 391 -9.34 -9.35 -0.39
CA ALA B 391 -9.88 -10.11 0.72
C ALA B 391 -10.80 -9.28 1.55
N LYS B 392 -11.77 -9.94 2.17
CA LYS B 392 -12.67 -9.30 3.13
C LYS B 392 -12.57 -10.09 4.42
N LEU B 393 -13.37 -9.72 5.40
CA LEU B 393 -13.32 -10.37 6.70
C LEU B 393 -14.04 -11.74 6.76
N SER B 394 -13.39 -12.64 7.49
CA SER B 394 -13.98 -13.90 7.85
C SER B 394 -15.31 -13.58 8.48
N ALA B 395 -16.31 -14.41 8.20
CA ALA B 395 -17.58 -14.34 8.92
C ALA B 395 -17.29 -14.46 10.42
N TYR B 396 -16.58 -15.51 10.81
CA TYR B 396 -16.09 -15.69 12.17
C TYR B 396 -15.67 -14.40 12.86
N SER B 397 -14.88 -13.59 12.16
CA SER B 397 -14.26 -12.42 12.78
C SER B 397 -15.20 -11.53 13.57
N GLU B 398 -16.50 -11.67 13.37
CA GLU B 398 -17.47 -10.84 14.06
C GLU B 398 -17.36 -11.06 15.55
N LEU B 399 -16.91 -12.24 15.93
CA LEU B 399 -16.77 -12.54 17.34
C LEU B 399 -15.77 -11.61 18.03
N LEU B 400 -14.94 -10.96 17.25
CA LEU B 400 -13.97 -10.06 17.84
C LEU B 400 -14.41 -8.60 17.70
N LEU B 401 -15.30 -8.34 16.75
CA LEU B 401 -15.49 -6.98 16.27
C LEU B 401 -16.89 -6.39 16.45
N SER B 402 -17.89 -7.25 16.56
CA SER B 402 -19.28 -6.82 16.54
C SER B 402 -19.60 -5.81 17.63
N GLU B 403 -18.99 -6.01 18.79
CA GLU B 403 -19.27 -5.19 19.96
C GLU B 403 -18.35 -3.97 20.11
N LEU B 404 -17.74 -3.53 19.02
CA LEU B 404 -16.68 -2.54 19.15
C LEU B 404 -17.21 -1.11 19.27
N GLY B 405 -18.22 -0.79 18.47
CA GLY B 405 -18.82 0.53 18.49
C GLY B 405 -19.58 0.91 19.75
N GLN B 406 -19.74 -0.07 20.65
CA GLN B 406 -20.57 0.05 21.86
C GLN B 406 -19.79 0.15 23.17
N GLY B 407 -18.78 1.02 23.22
CA GLY B 407 -18.03 1.27 24.46
C GLY B 407 -17.42 0.10 25.23
N THR B 408 -16.96 -0.93 24.53
CA THR B 408 -16.37 -2.11 25.19
C THR B 408 -14.86 -2.04 25.42
N SER B 409 -14.13 -1.42 24.49
CA SER B 409 -12.66 -1.46 24.55
C SER B 409 -12.03 -0.14 24.93
N GLU B 410 -10.78 -0.18 25.40
CA GLU B 410 -10.00 1.04 25.59
C GLU B 410 -9.56 1.52 24.23
N TRP B 411 -9.29 2.81 24.10
CA TRP B 411 -8.77 3.32 22.84
C TRP B 411 -7.54 4.16 23.09
N GLN B 412 -6.57 4.06 22.20
CA GLN B 412 -5.36 4.81 22.40
C GLN B 412 -5.07 5.55 21.13
N ASP B 413 -4.35 6.65 21.28
CA ASP B 413 -3.85 7.42 20.15
C ASP B 413 -3.01 6.58 19.18
N ASN B 414 -3.33 6.64 17.89
CA ASN B 414 -2.44 6.06 16.89
C ASN B 414 -1.17 6.87 16.88
N PHE B 415 -0.24 6.52 15.99
CA PHE B 415 1.13 6.98 16.14
C PHE B 415 1.34 8.47 15.85
N ASP B 416 0.30 9.15 15.39
CA ASP B 416 0.38 10.60 15.18
C ASP B 416 -0.84 11.35 15.75
N GLY B 417 -1.46 10.76 16.77
CA GLY B 417 -2.64 11.34 17.36
C GLY B 417 -3.59 12.01 16.41
N SER B 418 -3.89 11.33 15.30
CA SER B 418 -4.91 11.81 14.37
C SER B 418 -5.96 10.74 14.16
N LEU B 419 -5.83 9.62 14.85
CA LEU B 419 -6.91 8.68 14.90
C LEU B 419 -6.81 7.96 16.22
N LYS B 420 -7.81 7.16 16.53
CA LYS B 420 -7.71 6.35 17.71
C LYS B 420 -7.68 4.91 17.27
N GLU B 421 -7.10 4.06 18.11
CA GLU B 421 -7.20 2.64 17.88
C GLU B 421 -7.49 1.90 19.16
N PRO B 422 -8.21 0.79 19.02
CA PRO B 422 -8.61 -0.08 20.11
C PRO B 422 -7.37 -0.70 20.72
N ILE B 423 -7.22 -0.66 22.04
CA ILE B 423 -6.09 -1.33 22.67
C ILE B 423 -6.24 -2.86 22.61
N THR B 424 -7.47 -3.34 22.80
CA THR B 424 -7.82 -4.74 22.54
C THR B 424 -9.18 -4.82 21.87
N LEU B 425 -9.58 -6.02 21.46
CA LEU B 425 -10.91 -6.21 20.87
C LEU B 425 -11.90 -6.84 21.84
N PRO B 426 -13.18 -6.61 21.61
CA PRO B 426 -14.25 -7.27 22.37
C PRO B 426 -14.51 -8.68 21.89
N ALA B 427 -13.53 -9.57 22.06
CA ALA B 427 -13.71 -10.95 21.65
C ALA B 427 -14.93 -11.50 22.34
N ARG B 428 -15.86 -12.03 21.57
CA ARG B 428 -17.03 -12.65 22.14
C ARG B 428 -16.65 -14.02 22.68
N VAL B 429 -15.66 -14.64 22.05
CA VAL B 429 -15.20 -15.97 22.42
C VAL B 429 -13.72 -15.87 22.72
N PRO B 430 -13.12 -16.96 23.23
CA PRO B 430 -11.69 -16.94 23.55
C PRO B 430 -10.81 -17.26 22.33
N ASN B 431 -10.59 -16.29 21.45
CA ASN B 431 -9.88 -16.57 20.19
C ASN B 431 -8.52 -17.17 20.44
N ILE B 432 -7.82 -16.61 21.42
CA ILE B 432 -6.47 -17.01 21.81
C ILE B 432 -6.24 -18.53 21.87
N LEU B 433 -7.25 -19.26 22.31
CA LEU B 433 -7.13 -20.71 22.42
C LEU B 433 -7.78 -21.44 21.26
N LEU B 434 -8.54 -20.70 20.47
CA LEU B 434 -9.20 -21.31 19.34
C LEU B 434 -8.28 -21.30 18.16
N ASN B 435 -7.76 -20.11 17.83
CA ASN B 435 -6.87 -19.96 16.68
C ASN B 435 -5.40 -20.21 17.01
N GLY B 436 -4.95 -19.64 18.12
CA GLY B 436 -3.60 -19.88 18.60
C GLY B 436 -2.59 -18.96 17.97
N THR B 437 -1.42 -18.86 18.58
CA THR B 437 -0.41 -17.93 18.14
C THR B 437 0.95 -18.61 18.25
N THR B 438 1.90 -18.21 17.42
CA THR B 438 3.26 -18.76 17.53
C THR B 438 4.32 -17.69 17.27
N GLY B 439 5.16 -17.43 18.25
CA GLY B 439 6.13 -16.37 18.07
C GLY B 439 7.32 -16.47 18.97
N ILE B 440 8.28 -15.58 18.74
CA ILE B 440 9.53 -15.59 19.50
C ILE B 440 9.81 -14.16 19.90
N ALA B 441 9.94 -13.89 21.18
CA ALA B 441 10.26 -12.53 21.59
C ALA B 441 11.74 -12.40 21.83
N VAL B 442 12.08 -12.17 23.10
CA VAL B 442 13.43 -12.02 23.59
C VAL B 442 13.38 -12.48 25.04
N GLY B 443 14.18 -13.47 25.41
CA GLY B 443 14.15 -13.96 26.78
C GLY B 443 12.95 -14.85 27.06
N MET B 444 12.06 -14.91 26.06
CA MET B 444 10.91 -15.80 26.10
C MET B 444 10.32 -15.88 24.70
N ALA B 445 9.46 -16.88 24.48
CA ALA B 445 8.62 -16.94 23.29
C ALA B 445 7.21 -17.39 23.65
N THR B 446 6.45 -17.87 22.67
CA THR B 446 5.07 -18.32 22.91
C THR B 446 4.53 -19.21 21.79
N ASP B 447 4.09 -20.42 22.15
CA ASP B 447 3.53 -21.35 21.18
C ASP B 447 2.21 -21.88 21.66
N ILE B 448 1.16 -21.73 20.86
CA ILE B 448 -0.19 -22.04 21.33
C ILE B 448 -1.10 -22.67 20.27
N PRO B 449 -1.45 -23.96 20.48
CA PRO B 449 -2.13 -24.77 19.47
C PRO B 449 -3.57 -24.35 19.33
N PRO B 450 -4.15 -24.47 18.14
CA PRO B 450 -5.57 -24.16 17.96
C PRO B 450 -6.41 -25.12 18.77
N HIS B 451 -7.68 -24.78 18.96
CA HIS B 451 -8.61 -25.71 19.60
C HIS B 451 -9.97 -25.70 18.93
N ASN B 452 -10.77 -26.70 19.26
CA ASN B 452 -12.16 -26.72 18.84
C ASN B 452 -12.98 -25.65 19.57
N LEU B 453 -13.79 -24.94 18.81
CA LEU B 453 -14.66 -23.91 19.37
C LEU B 453 -15.64 -24.51 20.36
N ARG B 454 -16.44 -25.45 19.89
CA ARG B 454 -17.48 -26.04 20.72
C ARG B 454 -16.96 -26.65 22.02
N GLU B 455 -15.84 -27.36 21.95
CA GLU B 455 -15.23 -27.97 23.13
C GLU B 455 -14.86 -26.90 24.14
N VAL B 456 -14.38 -25.76 23.65
CA VAL B 456 -13.88 -24.69 24.52
C VAL B 456 -14.99 -23.82 25.07
N VAL B 457 -15.99 -23.56 24.23
CA VAL B 457 -17.20 -22.92 24.70
C VAL B 457 -17.81 -23.77 25.82
N LYS B 458 -17.90 -25.08 25.56
CA LYS B 458 -18.26 -26.01 26.61
C LYS B 458 -17.38 -25.80 27.84
N GLY B 459 -16.07 -25.86 27.62
CA GLY B 459 -15.09 -25.80 28.69
C GLY B 459 -15.17 -24.55 29.57
N THR B 460 -15.72 -23.47 29.02
CA THR B 460 -15.82 -22.25 29.79
C THR B 460 -17.20 -22.14 30.41
N ILE B 461 -18.24 -22.46 29.64
CA ILE B 461 -19.59 -22.45 30.17
C ILE B 461 -19.48 -23.16 31.49
N ALA B 462 -18.73 -24.27 31.49
CA ALA B 462 -18.37 -24.96 32.72
C ALA B 462 -17.81 -23.96 33.75
N LEU B 463 -16.56 -23.52 33.56
CA LEU B 463 -15.91 -22.60 34.49
C LEU B 463 -16.72 -21.39 34.98
N ILE B 464 -17.58 -20.85 34.12
CA ILE B 464 -18.46 -19.74 34.52
C ILE B 464 -19.31 -20.10 35.73
N ARG B 465 -19.80 -21.33 35.70
CA ARG B 465 -20.68 -21.80 36.73
C ARG B 465 -19.83 -22.37 37.85
N ASN B 466 -18.88 -23.21 37.49
CA ASN B 466 -17.99 -23.81 38.46
C ASN B 466 -16.56 -23.35 38.27
N PRO B 467 -16.13 -22.39 39.10
CA PRO B 467 -14.79 -21.81 38.99
C PRO B 467 -13.72 -22.70 39.62
N GLN B 468 -14.13 -23.87 40.13
CA GLN B 468 -13.25 -24.77 40.85
C GLN B 468 -12.99 -26.04 40.06
N THR B 469 -13.64 -26.14 38.90
CA THR B 469 -13.47 -27.29 38.02
C THR B 469 -12.02 -27.73 38.03
N SER B 470 -11.79 -29.03 38.20
CA SER B 470 -10.43 -29.54 38.12
C SER B 470 -9.99 -29.54 36.67
N ASP B 471 -8.69 -29.40 36.48
CA ASP B 471 -8.08 -29.53 35.18
C ASP B 471 -8.59 -30.81 34.53
N GLU B 472 -8.45 -31.92 35.25
CA GLU B 472 -9.04 -33.19 34.84
C GLU B 472 -10.43 -32.98 34.26
N LYS B 473 -11.34 -32.41 35.06
CA LYS B 473 -12.74 -32.25 34.66
C LYS B 473 -12.84 -31.43 33.39
N LEU B 474 -12.08 -30.34 33.34
CA LEU B 474 -12.09 -29.46 32.18
C LEU B 474 -11.48 -30.18 30.99
N ALA B 475 -10.43 -30.94 31.23
CA ALA B 475 -9.72 -31.64 30.15
C ALA B 475 -10.64 -32.65 29.50
N GLU B 476 -11.65 -33.10 30.25
CA GLU B 476 -12.71 -33.93 29.67
C GLU B 476 -13.38 -33.17 28.53
N TYR B 477 -13.55 -31.87 28.72
CA TYR B 477 -14.13 -31.00 27.70
C TYR B 477 -13.11 -30.63 26.65
N ILE B 478 -11.94 -30.19 27.12
CA ILE B 478 -10.88 -29.76 26.23
C ILE B 478 -9.72 -30.75 26.28
N PRO B 479 -9.91 -31.91 25.65
CA PRO B 479 -8.99 -33.06 25.63
C PRO B 479 -7.63 -32.67 25.10
N ALA B 480 -7.62 -31.81 24.08
CA ALA B 480 -6.41 -31.44 23.34
C ALA B 480 -6.73 -30.50 22.18
N PRO B 481 -5.68 -29.99 21.52
CA PRO B 481 -5.70 -29.27 20.24
C PRO B 481 -6.71 -29.79 19.23
N ASP B 482 -7.06 -28.92 18.28
CA ASP B 482 -7.81 -29.33 17.11
C ASP B 482 -7.22 -28.56 15.93
N LEU B 483 -6.56 -29.29 15.04
CA LEU B 483 -5.84 -28.71 13.92
C LEU B 483 -6.67 -28.81 12.67
N PRO B 484 -6.37 -27.96 11.69
CA PRO B 484 -7.12 -27.82 10.44
C PRO B 484 -7.04 -29.05 9.56
N THR B 485 -6.53 -30.15 10.12
CA THR B 485 -6.39 -31.43 9.41
C THR B 485 -7.16 -32.58 10.07
N LYS B 486 -7.29 -33.68 9.34
CA LYS B 486 -7.98 -34.87 9.84
C LYS B 486 -7.01 -35.96 10.29
N ALA B 487 -5.71 -35.67 10.22
CA ALA B 487 -4.70 -36.58 10.75
C ALA B 487 -4.87 -36.69 12.27
N GLU B 488 -4.26 -37.68 12.87
CA GLU B 488 -4.57 -38.02 14.27
C GLU B 488 -3.59 -37.48 15.32
N ILE B 489 -4.14 -36.99 16.42
CA ILE B 489 -3.35 -36.57 17.60
C ILE B 489 -2.96 -37.78 18.43
N ILE B 490 -1.70 -38.17 18.35
CA ILE B 490 -1.31 -39.47 18.88
C ILE B 490 -0.59 -39.42 20.23
N THR B 491 -0.71 -38.32 20.97
CA THR B 491 -0.07 -38.27 22.29
C THR B 491 -0.98 -38.86 23.36
N PRO B 492 -0.39 -39.58 24.33
CA PRO B 492 -1.19 -40.02 25.48
C PRO B 492 -1.87 -38.87 26.22
N PRO B 493 -3.18 -39.03 26.50
CA PRO B 493 -4.04 -38.28 27.42
C PRO B 493 -3.33 -37.96 28.74
N GLU B 494 -2.95 -38.99 29.48
CA GLU B 494 -2.08 -38.84 30.66
C GLU B 494 -1.06 -37.73 30.50
N GLU B 495 -0.54 -37.60 29.28
CA GLU B 495 0.52 -36.64 28.99
C GLU B 495 0.01 -35.34 28.40
N LEU B 496 -1.08 -35.39 27.64
CA LEU B 496 -1.71 -34.16 27.15
C LEU B 496 -2.16 -33.28 28.31
N LEU B 497 -2.66 -33.91 29.38
CA LEU B 497 -3.10 -33.15 30.54
C LEU B 497 -1.94 -32.38 31.20
N LYS B 498 -0.74 -32.97 31.22
CA LYS B 498 0.42 -32.28 31.78
C LYS B 498 0.70 -31.01 30.96
N ILE B 499 0.61 -31.17 29.64
CA ILE B 499 0.77 -30.05 28.71
C ILE B 499 -0.17 -28.91 29.06
N GLN B 500 -1.38 -29.26 29.50
CA GLN B 500 -2.38 -28.26 29.82
C GLN B 500 -2.21 -27.63 31.19
N THR B 501 -1.66 -28.39 32.14
CA THR B 501 -1.50 -27.88 33.50
C THR B 501 -0.16 -27.20 33.72
N THR B 502 0.73 -27.25 32.74
CA THR B 502 1.98 -26.53 32.88
C THR B 502 2.15 -25.54 31.75
N GLY B 503 1.31 -25.66 30.73
CA GLY B 503 1.40 -24.81 29.56
C GLY B 503 2.60 -25.16 28.69
N ARG B 504 3.63 -25.71 29.32
CA ARG B 504 4.81 -26.21 28.62
C ARG B 504 4.60 -27.69 28.26
N GLY B 505 5.35 -28.17 27.27
CA GLY B 505 5.22 -29.55 26.86
C GLY B 505 5.44 -29.73 25.38
N SER B 506 4.80 -30.76 24.83
CA SER B 506 5.09 -31.18 23.48
C SER B 506 4.11 -32.30 23.09
N TYR B 507 3.40 -32.15 21.97
CA TYR B 507 2.56 -33.24 21.48
C TYR B 507 2.88 -33.56 20.02
N ARG B 508 2.64 -34.79 19.59
CA ARG B 508 2.96 -35.24 18.22
C ARG B 508 1.74 -35.67 17.41
N MET B 509 1.82 -35.51 16.09
CA MET B 509 0.76 -35.90 15.16
C MET B 509 1.26 -36.83 14.04
N ARG B 510 0.33 -37.58 13.47
CA ARG B 510 0.66 -38.62 12.50
C ARG B 510 -0.33 -38.67 11.35
N ALA B 511 0.14 -39.05 10.17
CA ALA B 511 -0.67 -39.06 8.96
C ALA B 511 -1.59 -40.28 8.83
N VAL B 512 -2.72 -40.09 8.15
CA VAL B 512 -3.69 -41.18 8.00
C VAL B 512 -3.54 -41.88 6.67
N TYR B 513 -3.42 -43.20 6.74
CA TYR B 513 -3.16 -43.99 5.55
C TYR B 513 -3.91 -45.31 5.48
N THR B 514 -3.80 -45.93 4.32
CA THR B 514 -4.38 -47.23 4.05
C THR B 514 -3.42 -48.03 3.18
N ILE B 515 -3.53 -49.35 3.23
CA ILE B 515 -2.75 -50.18 2.34
C ILE B 515 -3.64 -50.83 1.29
N GLU B 516 -3.23 -50.68 0.04
CA GLU B 516 -3.88 -51.34 -1.08
C GLU B 516 -2.77 -51.97 -1.90
N LYS B 517 -2.76 -53.30 -1.95
CA LYS B 517 -1.73 -54.04 -2.68
C LYS B 517 -0.34 -53.83 -2.07
N ASN B 518 0.59 -53.30 -2.87
CA ASN B 518 1.93 -52.95 -2.37
C ASN B 518 2.16 -51.44 -2.40
N GLU B 519 1.06 -50.66 -2.39
CA GLU B 519 1.13 -49.21 -2.39
C GLU B 519 0.39 -48.62 -1.18
N ILE B 520 1.04 -47.69 -0.49
CA ILE B 520 0.47 -47.03 0.69
C ILE B 520 -0.21 -45.71 0.30
N VAL B 521 -1.53 -45.68 0.38
CA VAL B 521 -2.25 -44.44 0.10
C VAL B 521 -2.33 -43.60 1.36
N ILE B 522 -1.90 -42.34 1.26
CA ILE B 522 -1.93 -41.40 2.38
C ILE B 522 -2.88 -40.25 2.07
N THR B 523 -3.81 -39.98 2.99
CA THR B 523 -4.88 -39.02 2.74
C THR B 523 -4.86 -37.78 3.67
N GLU B 524 -4.39 -37.95 4.90
CA GLU B 524 -4.33 -36.85 5.86
C GLU B 524 -2.91 -36.61 6.35
N LEU B 525 -2.42 -35.39 6.15
CA LEU B 525 -1.09 -35.01 6.60
C LEU B 525 -1.22 -34.25 7.90
N PRO B 526 -0.14 -34.22 8.71
CA PRO B 526 -0.18 -33.50 9.98
C PRO B 526 -0.23 -31.99 9.80
N TYR B 527 -0.59 -31.29 10.86
CA TYR B 527 -0.69 -29.85 10.81
C TYR B 527 0.59 -29.21 10.32
N GLN B 528 0.53 -28.58 9.16
CA GLN B 528 1.67 -27.85 8.62
C GLN B 528 2.81 -28.76 8.15
N VAL B 529 2.45 -29.90 7.58
CA VAL B 529 3.42 -30.73 6.88
C VAL B 529 3.06 -30.76 5.39
N SER B 530 4.03 -30.37 4.56
CA SER B 530 3.80 -30.27 3.14
C SER B 530 3.96 -31.60 2.42
N GLY B 531 2.94 -31.97 1.64
CA GLY B 531 2.98 -33.19 0.87
C GLY B 531 4.34 -33.32 0.20
N SER B 532 4.72 -32.28 -0.53
CA SER B 532 5.99 -32.25 -1.27
C SER B 532 7.21 -32.53 -0.41
N LYS B 533 7.36 -31.80 0.71
CA LYS B 533 8.49 -32.06 1.61
C LYS B 533 8.58 -33.56 1.91
N VAL B 534 7.44 -34.18 2.22
CA VAL B 534 7.40 -35.63 2.45
C VAL B 534 7.98 -36.41 1.27
N ILE B 535 7.37 -36.24 0.10
CA ILE B 535 7.89 -36.85 -1.11
C ILE B 535 9.39 -36.63 -1.18
N THR B 536 9.83 -35.37 -1.07
CA THR B 536 11.25 -35.06 -1.08
C THR B 536 12.06 -35.80 0.01
N GLN B 537 11.66 -35.68 1.27
CA GLN B 537 12.30 -36.46 2.34
C GLN B 537 12.44 -37.90 1.88
N ILE B 538 11.33 -38.46 1.44
CA ILE B 538 11.27 -39.82 0.92
C ILE B 538 12.37 -40.11 -0.12
N ALA B 539 12.40 -39.31 -1.18
CA ALA B 539 13.34 -39.56 -2.28
C ALA B 539 14.80 -39.50 -1.84
N ASP B 540 15.07 -38.77 -0.77
CA ASP B 540 16.44 -38.67 -0.23
C ASP B 540 16.89 -40.02 0.29
N GLN B 541 15.96 -40.77 0.88
CA GLN B 541 16.25 -42.14 1.33
C GLN B 541 16.55 -43.05 0.14
N MET B 542 15.61 -43.12 -0.80
CA MET B 542 15.81 -43.85 -2.05
C MET B 542 17.15 -43.46 -2.67
N GLN B 543 17.34 -42.15 -2.86
CA GLN B 543 18.53 -41.62 -3.53
C GLN B 543 19.82 -42.03 -2.85
N ALA B 544 19.76 -42.23 -1.53
CA ALA B 544 20.93 -42.69 -0.77
C ALA B 544 20.78 -44.14 -0.30
N LYS B 545 20.21 -44.96 -1.19
CA LYS B 545 20.00 -46.39 -0.95
C LYS B 545 19.60 -46.82 0.47
N LYS B 546 18.79 -46.01 1.15
CA LYS B 546 18.36 -46.35 2.52
C LYS B 546 16.96 -46.98 2.54
N LEU B 547 16.23 -46.82 1.44
CA LEU B 547 14.94 -47.47 1.26
C LEU B 547 14.88 -48.02 -0.15
N PRO B 548 15.55 -49.16 -0.39
CA PRO B 548 15.45 -49.77 -1.72
C PRO B 548 14.11 -50.49 -1.86
N LEU B 549 13.31 -50.40 -0.80
CA LEU B 549 12.07 -51.16 -0.67
C LEU B 549 10.89 -50.37 -1.24
N VAL B 550 11.19 -49.25 -1.88
CA VAL B 550 10.19 -48.43 -2.56
C VAL B 550 10.71 -48.09 -3.96
N VAL B 551 9.88 -48.34 -4.98
CA VAL B 551 10.30 -48.15 -6.37
C VAL B 551 9.71 -46.91 -7.05
N ASP B 552 8.77 -46.25 -6.36
CA ASP B 552 8.21 -44.97 -6.84
C ASP B 552 7.36 -44.32 -5.75
N VAL B 553 7.34 -42.99 -5.75
CA VAL B 553 6.36 -42.26 -4.96
C VAL B 553 5.63 -41.26 -5.84
N ARG B 554 4.33 -41.48 -6.01
CA ARG B 554 3.50 -40.60 -6.80
C ARG B 554 2.54 -39.85 -5.89
N ASP B 555 2.40 -38.55 -6.12
CA ASP B 555 1.38 -37.75 -5.46
C ASP B 555 0.11 -37.68 -6.31
N GLU B 556 -0.89 -38.44 -5.90
CA GLU B 556 -2.23 -38.30 -6.48
C GLU B 556 -3.02 -37.37 -5.59
N SER B 557 -3.53 -36.29 -6.17
CA SER B 557 -4.38 -35.35 -5.44
C SER B 557 -5.23 -34.57 -6.45
N ASP B 558 -6.31 -33.96 -5.98
CA ASP B 558 -7.25 -33.30 -6.89
C ASP B 558 -8.49 -32.76 -6.19
N HIS B 559 -9.29 -32.04 -6.97
CA HIS B 559 -10.57 -31.46 -6.56
C HIS B 559 -11.40 -32.33 -5.61
N GLU B 560 -11.60 -33.58 -5.99
CA GLU B 560 -12.35 -34.53 -5.17
C GLU B 560 -11.48 -35.06 -4.03
N ASN B 561 -10.19 -35.29 -4.29
CA ASN B 561 -9.26 -35.79 -3.27
C ASN B 561 -8.11 -34.85 -2.92
N PRO B 562 -8.31 -34.04 -1.85
CA PRO B 562 -7.34 -33.12 -1.26
C PRO B 562 -5.94 -33.69 -1.24
N THR B 563 -5.76 -34.84 -0.61
CA THR B 563 -4.43 -35.41 -0.47
C THR B 563 -4.43 -36.93 -0.65
N ARG B 564 -3.44 -37.41 -1.39
CA ARG B 564 -3.29 -38.85 -1.60
C ARG B 564 -1.88 -39.18 -2.05
N LEU B 565 -0.96 -39.23 -1.09
CA LEU B 565 0.39 -39.66 -1.37
C LEU B 565 0.40 -41.16 -1.45
N VAL B 566 0.85 -41.67 -2.60
CA VAL B 566 0.98 -43.11 -2.78
C VAL B 566 2.45 -43.50 -2.72
N ILE B 567 2.76 -44.44 -1.83
CA ILE B 567 4.09 -44.99 -1.77
C ILE B 567 4.10 -46.36 -2.43
N VAL B 568 5.03 -46.58 -3.35
CA VAL B 568 5.06 -47.82 -4.10
C VAL B 568 6.20 -48.76 -3.66
N LEU B 569 5.88 -49.72 -2.81
CA LEU B 569 6.86 -50.69 -2.32
C LEU B 569 7.45 -51.51 -3.46
N ARG B 570 8.23 -52.52 -3.12
CA ARG B 570 8.81 -53.42 -4.12
C ARG B 570 7.97 -54.69 -4.26
N SER B 571 8.44 -55.74 -3.58
CA SER B 571 7.69 -56.99 -3.50
C SER B 571 6.36 -56.71 -2.81
N ASN B 572 5.31 -57.43 -3.20
CA ASN B 572 4.05 -57.33 -2.48
C ASN B 572 4.16 -57.99 -1.10
N ARG B 573 5.23 -58.76 -0.91
CA ARG B 573 5.47 -59.52 0.32
C ARG B 573 6.03 -58.67 1.46
N ILE B 574 6.59 -57.51 1.13
CA ILE B 574 7.18 -56.64 2.15
C ILE B 574 6.13 -56.18 3.15
N ASP B 575 6.53 -56.06 4.41
CA ASP B 575 5.63 -55.65 5.49
C ASP B 575 5.45 -54.14 5.58
N ALA B 576 4.54 -53.58 4.79
CA ALA B 576 4.27 -52.14 4.77
C ALA B 576 4.10 -51.50 6.16
N GLU B 577 3.68 -52.30 7.13
CA GLU B 577 3.55 -51.83 8.51
C GLU B 577 4.89 -51.33 9.00
N ALA B 578 5.93 -52.12 8.77
CA ALA B 578 7.29 -51.73 9.09
C ALA B 578 7.66 -50.48 8.30
N VAL B 579 7.62 -50.59 6.97
CA VAL B 579 7.89 -49.45 6.10
C VAL B 579 7.36 -48.19 6.77
N MET B 580 6.06 -48.16 7.02
CA MET B 580 5.42 -46.97 7.57
C MET B 580 5.83 -46.66 9.02
N SER B 581 5.78 -47.64 9.92
CA SER B 581 6.21 -47.41 11.29
C SER B 581 7.74 -47.33 11.34
N HIS B 582 8.35 -47.25 10.16
CA HIS B 582 9.74 -46.82 10.00
C HIS B 582 9.73 -45.36 9.56
N LEU B 583 8.97 -45.06 8.53
CA LEU B 583 8.79 -43.69 8.06
C LEU B 583 8.34 -42.76 9.21
N PHE B 584 7.40 -43.23 10.02
CA PHE B 584 6.93 -42.50 11.18
C PHE B 584 8.06 -42.03 12.10
N ALA B 585 9.25 -42.60 11.93
CA ALA B 585 10.39 -42.14 12.72
C ALA B 585 11.53 -41.59 11.87
N THR B 586 11.25 -41.26 10.60
CA THR B 586 12.27 -40.71 9.70
C THR B 586 11.78 -39.69 8.67
N THR B 587 10.46 -39.54 8.52
CA THR B 587 9.91 -38.41 7.77
C THR B 587 8.93 -37.68 8.67
N ASP B 588 8.42 -36.55 8.21
CA ASP B 588 7.55 -35.73 9.05
C ASP B 588 6.10 -36.19 9.06
N LEU B 589 5.86 -37.42 8.59
CA LEU B 589 4.51 -38.00 8.63
C LEU B 589 4.11 -38.20 10.08
N GLU B 590 5.12 -38.38 10.93
CA GLU B 590 4.94 -38.20 12.36
C GLU B 590 5.85 -37.04 12.74
N SER B 591 5.26 -35.96 13.24
CA SER B 591 6.02 -34.74 13.58
C SER B 591 5.57 -34.17 14.92
N SER B 592 6.52 -33.62 15.66
CA SER B 592 6.24 -33.08 16.99
C SER B 592 5.78 -31.62 16.98
N TYR B 593 5.18 -31.19 18.08
CA TYR B 593 4.57 -29.86 18.17
C TYR B 593 4.78 -29.21 19.53
N ARG B 594 5.27 -27.97 19.49
CA ARG B 594 5.71 -27.21 20.66
C ARG B 594 4.55 -26.57 21.42
N VAL B 595 4.53 -26.73 22.74
CA VAL B 595 3.54 -26.00 23.53
C VAL B 595 4.21 -25.11 24.58
N ASN B 596 3.94 -23.81 24.51
CA ASN B 596 4.44 -22.85 25.49
C ASN B 596 3.39 -21.74 25.77
N LEU B 597 2.37 -22.04 26.57
CA LEU B 597 1.28 -21.07 26.80
C LEU B 597 1.69 -19.72 27.41
N ASN B 598 2.62 -19.04 26.76
CA ASN B 598 3.05 -17.71 27.14
C ASN B 598 2.21 -16.66 26.42
N MET B 599 1.75 -15.65 27.16
CA MET B 599 0.94 -14.58 26.58
C MET B 599 0.87 -13.37 27.51
N ILE B 600 0.36 -12.27 27.01
CA ILE B 600 0.11 -11.12 27.85
C ILE B 600 -1.30 -11.26 28.36
N GLY B 601 -1.45 -11.21 29.68
CA GLY B 601 -2.77 -11.30 30.30
C GLY B 601 -3.30 -9.92 30.59
N GLU B 602 -4.44 -9.85 31.27
CA GLU B 602 -5.00 -8.55 31.62
C GLU B 602 -4.00 -7.71 32.38
N ASP B 603 -3.12 -8.36 33.14
CA ASP B 603 -2.17 -7.61 33.97
C ASP B 603 -1.22 -6.76 33.10
N GLY B 604 -1.22 -7.01 31.80
CA GLY B 604 -0.31 -6.30 30.91
C GLY B 604 1.09 -6.86 31.01
N ARG B 605 1.20 -8.03 31.66
CA ARG B 605 2.46 -8.71 31.88
C ARG B 605 2.43 -10.06 31.19
N PRO B 606 3.61 -10.53 30.74
CA PRO B 606 3.72 -11.85 30.13
C PRO B 606 3.67 -12.94 31.18
N GLN B 607 2.95 -14.02 30.89
CA GLN B 607 2.97 -15.17 31.78
C GLN B 607 2.86 -16.45 30.97
N VAL B 608 3.19 -17.56 31.62
CA VAL B 608 2.83 -18.85 31.10
C VAL B 608 1.62 -19.31 31.89
N LYS B 609 0.61 -19.83 31.20
CA LYS B 609 -0.68 -20.03 31.86
C LYS B 609 -1.32 -21.39 31.53
N SER B 610 -1.78 -22.09 32.55
CA SER B 610 -2.46 -23.36 32.34
C SER B 610 -3.63 -23.11 31.38
N ILE B 611 -4.13 -24.16 30.71
CA ILE B 611 -5.30 -23.99 29.85
C ILE B 611 -6.47 -23.64 30.73
N ARG B 612 -6.53 -24.26 31.89
CA ARG B 612 -7.56 -23.94 32.86
C ARG B 612 -7.44 -22.47 33.24
N ARG B 613 -6.24 -22.08 33.68
CA ARG B 613 -5.98 -20.71 34.11
C ARG B 613 -6.44 -19.70 33.09
N ILE B 614 -6.02 -19.92 31.84
CA ILE B 614 -6.39 -19.02 30.75
C ILE B 614 -7.90 -18.77 30.71
N LEU B 615 -8.68 -19.83 30.63
CA LEU B 615 -10.12 -19.67 30.52
C LEU B 615 -10.73 -18.95 31.73
N LEU B 616 -10.26 -19.28 32.93
CA LEU B 616 -10.70 -18.58 34.14
C LEU B 616 -10.36 -17.10 34.03
N GLU B 617 -9.16 -16.81 33.56
CA GLU B 617 -8.72 -15.44 33.48
C GLU B 617 -9.45 -14.72 32.36
N TRP B 618 -9.93 -15.49 31.38
CA TRP B 618 -10.60 -14.90 30.23
C TRP B 618 -12.01 -14.56 30.58
N ILE B 619 -12.61 -15.39 31.42
CA ILE B 619 -13.97 -15.14 31.87
C ILE B 619 -14.04 -13.76 32.55
N GLU B 620 -13.11 -13.49 33.46
CA GLU B 620 -13.06 -12.19 34.13
C GLU B 620 -12.93 -11.01 33.15
N ILE B 621 -12.61 -11.31 31.91
CA ILE B 621 -12.37 -10.29 30.88
C ILE B 621 -13.64 -10.06 30.09
N ARG B 622 -14.33 -11.16 29.77
CA ARG B 622 -15.61 -11.10 29.09
C ARG B 622 -16.67 -10.57 30.06
N LYS B 623 -16.58 -10.97 31.32
CA LYS B 623 -17.39 -10.36 32.37
C LYS B 623 -17.29 -8.86 32.22
N LYS B 624 -16.08 -8.32 32.37
CA LYS B 624 -15.88 -6.88 32.32
C LYS B 624 -16.30 -6.29 30.99
N THR B 625 -16.18 -7.06 29.90
CA THR B 625 -16.59 -6.52 28.59
C THR B 625 -18.10 -6.38 28.49
N VAL B 626 -18.81 -7.48 28.72
CA VAL B 626 -20.27 -7.46 28.71
C VAL B 626 -20.76 -6.33 29.59
N THR B 627 -20.27 -6.28 30.82
CA THR B 627 -20.55 -5.14 31.68
C THR B 627 -20.43 -3.85 30.85
N ARG B 628 -19.22 -3.34 30.67
CA ARG B 628 -18.99 -2.14 29.87
C ARG B 628 -20.10 -1.84 28.83
N ARG B 629 -20.56 -2.89 28.14
CA ARG B 629 -21.50 -2.77 27.01
C ARG B 629 -22.88 -2.33 27.48
N LEU B 630 -23.38 -3.01 28.52
CA LEU B 630 -24.68 -2.70 29.10
C LEU B 630 -24.70 -1.29 29.68
N GLN B 631 -23.61 -0.89 30.32
CA GLN B 631 -23.52 0.50 30.77
C GLN B 631 -23.60 1.44 29.59
N TYR B 632 -23.03 1.04 28.46
CA TYR B 632 -23.02 1.90 27.28
C TYR B 632 -24.42 2.09 26.74
N HIS B 633 -25.07 0.99 26.41
CA HIS B 633 -26.44 1.06 25.92
C HIS B 633 -27.39 1.70 26.94
N LEU B 634 -27.25 1.33 28.22
CA LEU B 634 -28.01 2.02 29.26
C LEU B 634 -27.79 3.53 29.14
N ASN B 635 -26.60 4.00 29.49
CA ASN B 635 -26.28 5.44 29.49
C ASN B 635 -26.68 6.23 28.24
N ARG B 636 -27.23 5.54 27.25
CA ARG B 636 -27.74 6.19 26.04
C ARG B 636 -29.24 6.20 26.11
N ILE B 637 -29.80 5.05 26.50
CA ILE B 637 -31.23 4.95 26.77
C ILE B 637 -31.66 5.99 27.79
N GLU B 638 -30.98 6.05 28.93
CA GLU B 638 -31.25 7.07 29.93
C GLU B 638 -31.20 8.48 29.34
N LYS B 639 -30.07 8.86 28.78
CA LYS B 639 -29.93 10.19 28.19
C LYS B 639 -31.10 10.51 27.26
N ARG B 640 -31.55 9.51 26.52
CA ARG B 640 -32.71 9.65 25.64
C ARG B 640 -34.03 9.74 26.40
N LEU B 641 -34.23 8.81 27.33
CA LEU B 641 -35.41 8.84 28.16
C LEU B 641 -35.59 10.25 28.72
N HIS B 642 -34.47 10.85 29.12
CA HIS B 642 -34.47 12.19 29.68
C HIS B 642 -34.98 13.23 28.69
N ILE B 643 -34.65 13.03 27.42
CA ILE B 643 -35.05 13.98 26.41
C ILE B 643 -36.54 13.85 26.17
N LEU B 644 -37.01 12.61 26.01
CA LEU B 644 -38.44 12.37 25.85
C LEU B 644 -39.28 12.94 26.98
N ALA B 645 -38.74 12.92 28.20
CA ALA B 645 -39.40 13.49 29.34
C ALA B 645 -39.81 14.90 28.97
N GLY B 646 -38.87 15.82 29.14
CA GLY B 646 -39.05 17.20 28.78
C GLY B 646 -39.76 17.41 27.46
N LEU B 647 -39.79 16.41 26.60
CA LEU B 647 -40.41 16.59 25.30
C LEU B 647 -41.92 16.56 25.41
N LEU B 648 -42.49 15.47 25.87
CA LEU B 648 -43.95 15.39 25.91
C LEU B 648 -44.53 16.30 27.01
N ILE B 649 -43.63 16.90 27.79
CA ILE B 649 -43.99 17.98 28.70
C ILE B 649 -44.40 19.22 27.91
N ALA B 650 -43.75 19.45 26.78
CA ALA B 650 -44.06 20.60 25.95
C ALA B 650 -45.33 20.34 25.17
N TYR B 651 -45.47 19.13 24.66
CA TYR B 651 -46.69 18.79 23.93
C TYR B 651 -48.00 19.24 24.63
N LEU B 652 -47.99 19.23 25.96
CA LEU B 652 -49.13 19.73 26.72
C LEU B 652 -49.38 21.13 26.24
N ASP B 653 -48.53 22.04 26.72
CA ASP B 653 -48.64 23.45 26.38
C ASP B 653 -47.69 23.82 25.23
N ILE B 654 -47.89 23.18 24.09
CA ILE B 654 -47.00 23.40 22.97
C ILE B 654 -47.09 24.83 22.44
N ASP B 655 -48.28 25.43 22.58
CA ASP B 655 -48.51 26.80 22.12
C ASP B 655 -47.72 27.84 22.90
N THR B 656 -47.63 27.65 24.21
CA THR B 656 -46.77 28.50 24.99
C THR B 656 -45.36 28.35 24.46
N VAL B 657 -45.00 27.10 24.13
CA VAL B 657 -43.66 26.80 23.65
C VAL B 657 -43.34 27.66 22.46
N ILE B 658 -44.30 27.80 21.56
CA ILE B 658 -44.09 28.54 20.32
C ILE B 658 -44.06 30.04 20.58
N ARG B 659 -44.94 30.50 21.45
CA ARG B 659 -44.95 31.91 21.75
C ARG B 659 -43.63 32.30 22.40
N ILE B 660 -43.18 31.52 23.39
CA ILE B 660 -41.96 31.87 24.10
C ILE B 660 -40.72 32.01 23.23
N ILE B 661 -40.59 31.19 22.19
CA ILE B 661 -39.47 31.30 21.25
C ILE B 661 -39.67 32.53 20.36
N ARG B 662 -40.91 32.68 19.87
CA ARG B 662 -41.29 33.83 19.04
C ARG B 662 -41.21 35.15 19.82
N GLU B 663 -41.36 35.07 21.14
CA GLU B 663 -41.45 36.23 22.03
C GLU B 663 -40.11 36.72 22.61
N GLU B 664 -39.20 35.79 22.88
CA GLU B 664 -37.99 36.14 23.63
C GLU B 664 -36.77 36.45 22.80
N ASP B 665 -35.77 37.02 23.47
CA ASP B 665 -34.47 37.29 22.87
C ASP B 665 -33.68 35.99 22.72
N GLN B 666 -33.34 35.37 23.84
CA GLN B 666 -32.91 33.98 23.85
C GLN B 666 -33.91 33.19 24.69
N PRO B 667 -34.74 32.38 24.02
CA PRO B 667 -35.83 31.54 24.53
C PRO B 667 -35.42 30.41 25.47
N LYS B 668 -34.16 29.99 25.42
CA LYS B 668 -33.73 28.85 26.22
C LYS B 668 -34.03 28.97 27.73
N PRO B 669 -33.59 30.07 28.36
CA PRO B 669 -33.68 30.19 29.82
C PRO B 669 -35.13 30.15 30.26
N VAL B 670 -35.99 30.80 29.47
CA VAL B 670 -37.42 30.92 29.74
C VAL B 670 -38.14 29.57 29.74
N LEU B 671 -38.10 28.87 28.61
CA LEU B 671 -38.61 27.50 28.52
C LEU B 671 -38.20 26.68 29.74
N MET B 672 -36.91 26.73 30.08
CA MET B 672 -36.35 26.04 31.24
C MET B 672 -37.06 26.40 32.55
N GLU B 673 -37.13 27.70 32.83
CA GLU B 673 -37.78 28.19 34.04
C GLU B 673 -39.26 27.90 33.99
N HIS B 674 -39.86 28.11 32.82
CA HIS B 674 -41.31 27.96 32.65
C HIS B 674 -41.80 26.53 32.74
N PHE B 675 -41.07 25.60 32.11
CA PHE B 675 -41.48 24.19 32.09
C PHE B 675 -40.70 23.33 33.08
N ASN B 676 -39.74 23.93 33.77
CA ASN B 676 -38.90 23.19 34.69
C ASN B 676 -38.15 22.05 33.99
N ILE B 677 -37.32 22.41 33.01
CA ILE B 677 -36.49 21.46 32.29
C ILE B 677 -35.15 22.14 32.03
N ASP B 678 -34.10 21.32 31.90
CA ASP B 678 -32.71 21.79 31.92
C ASP B 678 -32.18 22.27 30.56
N GLU B 679 -30.92 22.71 30.54
CA GLU B 679 -30.30 23.25 29.32
C GLU B 679 -30.39 22.23 28.17
N ILE B 680 -30.09 20.98 28.50
CA ILE B 680 -30.18 19.84 27.58
C ILE B 680 -31.57 19.63 26.96
N GLN B 681 -32.62 19.61 27.79
CA GLN B 681 -34.00 19.36 27.33
C GLN B 681 -34.57 20.54 26.55
N ALA B 682 -34.14 21.74 26.91
CA ALA B 682 -34.52 22.95 26.19
C ALA B 682 -34.09 22.84 24.73
N GLU B 683 -32.80 22.61 24.52
CA GLU B 683 -32.26 22.48 23.18
C GLU B 683 -33.08 21.50 22.37
N ALA B 684 -33.41 20.38 23.00
CA ALA B 684 -34.14 19.29 22.34
C ALA B 684 -35.42 19.76 21.69
N ILE B 685 -36.23 20.51 22.46
CA ILE B 685 -37.49 21.08 22.01
C ILE B 685 -37.24 22.08 20.91
N LEU B 686 -36.27 22.96 21.16
CA LEU B 686 -35.82 23.95 20.17
C LEU B 686 -35.41 23.32 18.84
N GLU B 687 -35.01 22.06 18.92
CA GLU B 687 -34.66 21.29 17.75
C GLU B 687 -35.78 20.30 17.47
N LEU B 688 -37.02 20.74 17.63
CA LEU B 688 -38.13 19.83 17.36
C LEU B 688 -38.65 20.18 15.97
N LYS B 689 -38.57 19.23 15.04
CA LYS B 689 -39.01 19.52 13.68
C LYS B 689 -40.52 19.74 13.68
N LEU B 690 -41.00 20.66 12.84
CA LEU B 690 -42.42 20.98 12.78
C LEU B 690 -43.28 19.75 12.50
N ARG B 691 -42.75 18.82 11.73
CA ARG B 691 -43.49 17.60 11.39
C ARG B 691 -43.88 16.84 12.64
N HIS B 692 -43.16 17.09 13.74
CA HIS B 692 -43.44 16.45 15.04
C HIS B 692 -44.62 17.07 15.79
N LEU B 693 -45.14 18.19 15.30
CA LEU B 693 -46.25 18.82 15.96
C LEU B 693 -47.54 18.07 15.65
N ALA B 694 -47.51 17.22 14.63
CA ALA B 694 -48.66 16.37 14.30
C ALA B 694 -48.98 15.41 15.45
N LYS B 695 -50.27 15.06 15.59
CA LYS B 695 -50.73 14.24 16.69
C LYS B 695 -50.13 12.85 16.65
N LEU B 696 -49.87 12.36 15.44
CA LEU B 696 -49.21 11.06 15.22
C LEU B 696 -47.86 10.97 15.90
N GLU B 697 -46.98 11.93 15.58
CA GLU B 697 -45.62 11.96 16.11
C GLU B 697 -45.58 12.20 17.61
N GLU B 698 -46.70 12.61 18.21
CA GLU B 698 -46.73 12.75 19.67
C GLU B 698 -46.90 11.40 20.35
N MET B 699 -48.02 10.73 20.07
CA MET B 699 -48.30 9.42 20.65
C MET B 699 -47.10 8.53 20.36
N GLU B 700 -46.48 8.80 19.23
CA GLU B 700 -45.31 8.07 18.76
C GLU B 700 -44.17 8.15 19.75
N ILE B 701 -43.85 9.35 20.22
CA ILE B 701 -42.72 9.47 21.14
C ILE B 701 -43.11 8.99 22.53
N ARG B 702 -44.39 8.67 22.70
CA ARG B 702 -44.86 8.10 23.95
C ARG B 702 -44.42 6.64 23.97
N HIS B 703 -44.85 5.91 22.94
CA HIS B 703 -44.43 4.54 22.80
C HIS B 703 -42.94 4.41 23.06
N GLU B 704 -42.13 5.20 22.34
CA GLU B 704 -40.68 5.08 22.44
C GLU B 704 -40.23 5.22 23.88
N GLN B 705 -40.97 6.00 24.66
CA GLN B 705 -40.63 6.12 26.07
C GLN B 705 -40.85 4.77 26.76
N ASP B 706 -41.97 4.14 26.42
CA ASP B 706 -42.30 2.83 26.98
C ASP B 706 -41.27 1.79 26.58
N GLU B 707 -41.03 1.66 25.27
CA GLU B 707 -39.97 0.79 24.75
C GLU B 707 -38.73 0.84 25.64
N LEU B 708 -38.04 1.97 25.55
CA LEU B 708 -36.79 2.19 26.28
C LEU B 708 -36.91 1.83 27.77
N SER B 709 -37.95 2.33 28.43
CA SER B 709 -38.17 2.11 29.86
C SER B 709 -38.00 0.64 30.26
N ALA B 710 -38.51 -0.24 29.40
CA ALA B 710 -38.45 -1.68 29.61
C ALA B 710 -37.04 -2.18 29.39
N LYS B 711 -36.50 -1.82 28.23
CA LYS B 711 -35.15 -2.19 27.84
C LYS B 711 -34.18 -1.85 28.96
N ALA B 712 -34.25 -0.62 29.47
CA ALA B 712 -33.30 -0.21 30.50
C ALA B 712 -33.49 -1.03 31.76
N ALA B 713 -34.73 -1.41 32.05
CA ALA B 713 -35.03 -2.24 33.22
C ALA B 713 -34.36 -3.61 33.08
N ILE B 714 -34.54 -4.27 31.93
CA ILE B 714 -33.89 -5.56 31.68
C ILE B 714 -32.42 -5.46 31.95
N ILE B 715 -31.83 -4.34 31.49
CA ILE B 715 -30.39 -4.11 31.56
C ILE B 715 -29.86 -3.91 32.97
N ARG B 716 -30.57 -3.13 33.78
CA ARG B 716 -30.05 -2.84 35.12
C ARG B 716 -30.18 -4.04 36.03
N GLU B 717 -31.16 -4.89 35.77
CA GLU B 717 -31.23 -6.16 36.46
C GLU B 717 -29.91 -6.88 36.21
N GLN B 718 -29.54 -6.99 34.94
CA GLN B 718 -28.34 -7.72 34.51
C GLN B 718 -27.06 -7.17 35.13
N LEU B 719 -26.93 -5.85 35.16
CA LEU B 719 -25.80 -5.26 35.88
C LEU B 719 -25.93 -5.59 37.37
N GLU B 720 -27.11 -5.33 37.93
CA GLU B 720 -27.34 -5.39 39.37
C GLU B 720 -27.04 -6.75 39.97
N ASN B 721 -27.21 -7.78 39.15
CA ASN B 721 -27.24 -9.14 39.64
C ASN B 721 -26.22 -10.04 38.94
N PRO B 722 -25.05 -10.22 39.59
CA PRO B 722 -23.91 -11.02 39.12
C PRO B 722 -24.27 -12.33 38.41
N GLU B 723 -25.26 -13.05 38.93
CA GLU B 723 -25.60 -14.36 38.38
C GLU B 723 -26.49 -14.28 37.14
N SER B 724 -27.12 -13.13 36.92
CA SER B 724 -27.94 -12.95 35.72
C SER B 724 -27.04 -12.50 34.57
N LEU B 725 -25.87 -12.00 34.93
CA LEU B 725 -24.84 -11.63 33.97
C LEU B 725 -24.25 -12.90 33.39
N LYS B 726 -23.77 -13.76 34.28
CA LYS B 726 -23.21 -15.04 33.85
C LYS B 726 -24.20 -15.71 32.92
N ASN B 727 -25.47 -15.70 33.31
CA ASN B 727 -26.53 -16.27 32.48
C ASN B 727 -26.54 -15.67 31.08
N LEU B 728 -26.32 -14.37 31.01
CA LEU B 728 -26.29 -13.70 29.72
C LEU B 728 -25.11 -14.24 28.92
N ILE B 729 -23.92 -14.14 29.49
CA ILE B 729 -22.68 -14.54 28.81
C ILE B 729 -22.67 -16.03 28.46
N ILE B 730 -23.19 -16.84 29.38
CA ILE B 730 -23.47 -18.25 29.16
C ILE B 730 -24.28 -18.42 27.87
N SER B 731 -25.31 -17.58 27.73
CA SER B 731 -26.23 -17.69 26.59
C SER B 731 -25.54 -17.34 25.29
N GLU B 732 -24.78 -16.26 25.32
CA GLU B 732 -24.10 -15.75 24.13
C GLU B 732 -23.00 -16.72 23.64
N LEU B 733 -22.40 -17.47 24.56
CA LEU B 733 -21.42 -18.49 24.14
C LEU B 733 -22.10 -19.63 23.37
N LYS B 734 -23.25 -20.09 23.90
CA LYS B 734 -24.05 -21.13 23.24
C LYS B 734 -24.52 -20.67 21.85
N GLU B 735 -24.95 -19.42 21.76
CA GLU B 735 -25.39 -18.88 20.48
C GLU B 735 -24.28 -18.99 19.46
N ASP B 736 -23.12 -18.44 19.84
CA ASP B 736 -21.97 -18.36 18.95
C ASP B 736 -21.36 -19.73 18.62
N ALA B 737 -21.32 -20.64 19.59
CA ALA B 737 -20.81 -21.99 19.34
C ALA B 737 -21.81 -22.78 18.48
N LYS B 738 -22.98 -22.19 18.27
CA LYS B 738 -23.94 -22.73 17.33
C LYS B 738 -23.70 -22.06 15.97
N LYS B 739 -23.74 -20.73 15.96
CA LYS B 739 -23.56 -19.94 14.73
C LYS B 739 -22.26 -20.24 13.96
N PHE B 740 -21.11 -20.19 14.64
CA PHE B 740 -19.81 -20.34 13.97
C PHE B 740 -19.04 -21.59 14.37
N GLY B 741 -19.73 -22.59 14.93
CA GLY B 741 -19.04 -23.74 15.48
C GLY B 741 -18.81 -24.85 14.47
N ASP B 742 -17.98 -25.81 14.86
CA ASP B 742 -17.74 -26.99 14.01
C ASP B 742 -17.24 -28.17 14.83
N GLU B 743 -17.26 -29.36 14.23
CA GLU B 743 -16.84 -30.55 14.92
C GLU B 743 -15.34 -30.74 14.76
N ARG B 744 -14.77 -31.59 15.61
CA ARG B 744 -13.33 -31.85 15.61
C ARG B 744 -12.87 -32.44 14.28
N ARG B 745 -11.64 -32.11 13.88
CA ARG B 745 -11.11 -32.54 12.60
C ARG B 745 -9.98 -33.57 12.75
N SER B 746 -9.02 -33.23 13.59
CA SER B 746 -7.96 -34.17 13.93
C SER B 746 -8.41 -34.95 15.16
N PRO B 747 -8.54 -36.30 15.00
CA PRO B 747 -9.01 -37.19 16.06
C PRO B 747 -7.89 -37.48 17.06
N ILE B 748 -8.27 -37.82 18.28
CA ILE B 748 -7.27 -38.22 19.26
C ILE B 748 -7.20 -39.73 19.29
N VAL B 749 -5.98 -40.23 19.39
CA VAL B 749 -5.67 -41.61 19.09
C VAL B 749 -4.60 -42.10 20.06
N ALA B 750 -4.49 -43.42 20.20
CA ALA B 750 -3.35 -44.02 20.90
C ALA B 750 -2.48 -44.77 19.90
N ARG B 751 -1.17 -44.80 20.16
CA ARG B 751 -0.23 -45.63 19.40
C ARG B 751 0.73 -46.35 20.35
#